data_6SDY
#
_entry.id   6SDY
#
loop_
_entity.id
_entity.type
_entity.pdbx_description
1 polymer 'Double-stranded RNA-binding protein Staufen homolog 1'
2 polymer 'hARF1 SBS dsRNA'
#
loop_
_entity_poly.entity_id
_entity_poly.type
_entity_poly.pdbx_seq_one_letter_code
_entity_poly.pdbx_strand_id
1 'polypeptide(L)' GSHMNPISRLAQIQQAKKEKEPEYTLLTERGLPRRREFVMQVKVGNHTAEGTGTNKKVAKRNAAENMLEILGFK A
2 'polyribonucleotide' GGCAGAAGCUGCCUCUUCGGAGGCAGUUUCUGCC B
#
loop_
_chem_comp.id
_chem_comp.type
_chem_comp.name
_chem_comp.formula
A RNA linking ADENOSINE-5'-MONOPHOSPHATE 'C10 H14 N5 O7 P'
C RNA linking CYTIDINE-5'-MONOPHOSPHATE 'C9 H14 N3 O8 P'
G RNA linking GUANOSINE-5'-MONOPHOSPHATE 'C10 H14 N5 O8 P'
U RNA linking URIDINE-5'-MONOPHOSPHATE 'C9 H13 N2 O9 P'
#
# COMPACT_ATOMS: atom_id res chain seq x y z
N GLY A 1 -10.48 -5.06 -16.84
CA GLY A 1 -9.08 -4.72 -17.17
C GLY A 1 -8.60 -3.50 -16.41
N SER A 2 -7.63 -2.76 -16.96
CA SER A 2 -7.05 -1.53 -16.38
C SER A 2 -6.53 -0.56 -17.46
N HIS A 3 -6.23 0.67 -17.05
CA HIS A 3 -5.63 1.73 -17.88
C HIS A 3 -4.57 2.57 -17.10
N MET A 4 -4.22 2.14 -15.89
CA MET A 4 -3.33 2.85 -14.95
C MET A 4 -2.40 1.90 -14.19
N ASN A 5 -1.38 2.47 -13.54
CA ASN A 5 -0.50 1.78 -12.57
C ASN A 5 -1.34 1.17 -11.41
N PRO A 6 -0.83 0.18 -10.66
CA PRO A 6 -1.49 -0.38 -9.46
C PRO A 6 -1.75 0.61 -8.30
N ILE A 7 -1.39 1.87 -8.47
CA ILE A 7 -1.34 2.90 -7.42
C ILE A 7 -2.46 3.92 -7.63
N SER A 8 -2.47 4.59 -8.79
CA SER A 8 -3.53 5.52 -9.17
C SER A 8 -4.87 4.78 -9.33
N ARG A 9 -4.86 3.57 -9.93
CA ARG A 9 -6.09 2.76 -10.12
C ARG A 9 -6.73 2.36 -8.79
N LEU A 10 -5.92 1.88 -7.84
CA LEU A 10 -6.35 1.51 -6.48
C LEU A 10 -7.02 2.70 -5.76
N ALA A 11 -6.37 3.87 -5.76
CA ALA A 11 -6.93 5.10 -5.22
C ALA A 11 -8.26 5.50 -5.90
N GLN A 12 -8.39 5.23 -7.20
CA GLN A 12 -9.55 5.59 -8.01
C GLN A 12 -10.75 4.64 -7.80
N ILE A 13 -10.51 3.34 -7.57
CA ILE A 13 -11.54 2.33 -7.27
C ILE A 13 -12.33 2.68 -5.99
N GLN A 14 -11.66 3.04 -4.89
CA GLN A 14 -12.32 3.42 -3.63
C GLN A 14 -13.38 4.53 -3.80
N GLN A 15 -13.16 5.44 -4.74
CA GLN A 15 -14.05 6.54 -5.04
C GLN A 15 -15.27 6.13 -5.91
N ALA A 16 -15.14 5.02 -6.67
CA ALA A 16 -16.16 4.50 -7.58
C ALA A 16 -17.18 3.55 -6.92
N LYS A 17 -16.87 3.03 -5.72
CA LYS A 17 -17.69 2.10 -4.91
C LYS A 17 -18.39 2.79 -3.73
N LYS A 18 -18.47 4.12 -3.80
CA LYS A 18 -19.02 5.04 -2.78
C LYS A 18 -18.34 4.96 -1.40
N GLU A 19 -17.13 4.40 -1.35
CA GLU A 19 -16.23 4.46 -0.19
C GLU A 19 -15.48 5.81 -0.23
N LYS A 20 -14.48 5.98 0.65
CA LYS A 20 -13.64 7.19 0.71
C LYS A 20 -12.28 6.94 0.07
N GLU A 21 -11.27 6.57 0.87
CA GLU A 21 -9.87 6.43 0.49
C GLU A 21 -9.21 5.34 1.35
N PRO A 22 -8.09 4.71 0.92
CA PRO A 22 -7.31 3.80 1.77
C PRO A 22 -6.71 4.51 3.01
N GLU A 23 -6.15 3.73 3.94
CA GLU A 23 -5.47 4.22 5.15
C GLU A 23 -4.09 3.54 5.31
N TYR A 24 -3.05 4.30 5.67
CA TYR A 24 -1.64 3.86 5.64
C TYR A 24 -0.93 4.15 6.97
N THR A 25 0.07 3.32 7.29
CA THR A 25 0.77 3.26 8.60
C THR A 25 2.26 2.98 8.40
N LEU A 26 3.11 3.57 9.25
CA LEU A 26 4.55 3.33 9.33
C LEU A 26 4.86 2.36 10.48
N LEU A 27 5.57 1.26 10.20
CA LEU A 27 5.90 0.22 11.18
C LEU A 27 7.29 0.45 11.81
N THR A 28 8.34 0.16 11.02
CA THR A 28 9.78 0.33 11.31
C THR A 28 10.21 -0.03 12.72
N GLU A 29 9.69 -1.16 13.22
CA GLU A 29 10.11 -1.79 14.49
C GLU A 29 11.52 -2.43 14.43
N ARG A 30 12.12 -2.51 13.24
CA ARG A 30 13.48 -2.99 12.98
C ARG A 30 14.55 -2.22 13.77
N GLY A 31 15.66 -2.90 14.09
CA GLY A 31 16.78 -2.32 14.86
C GLY A 31 18.05 -3.18 14.86
N LEU A 32 18.31 -3.93 13.79
CA LEU A 32 19.51 -4.77 13.63
C LEU A 32 20.81 -3.92 13.57
N PRO A 33 21.95 -4.47 14.01
CA PRO A 33 23.22 -3.74 14.08
C PRO A 33 23.87 -3.48 12.71
N ARG A 34 23.39 -4.12 11.64
CA ARG A 34 23.91 -4.01 10.26
C ARG A 34 22.84 -4.11 9.16
N ARG A 35 21.56 -3.77 9.47
CA ARG A 35 20.44 -3.69 8.51
C ARG A 35 19.33 -2.76 9.00
N ARG A 36 18.85 -1.86 8.12
CA ARG A 36 17.73 -0.91 8.31
C ARG A 36 16.96 -0.74 6.98
N GLU A 37 15.70 -0.34 7.06
CA GLU A 37 14.80 -0.11 5.89
C GLU A 37 13.47 0.53 6.33
N PHE A 38 12.81 1.32 5.47
CA PHE A 38 11.44 1.75 5.68
C PHE A 38 10.50 0.55 5.56
N VAL A 39 9.43 0.47 6.37
CA VAL A 39 8.39 -0.57 6.24
C VAL A 39 7.00 0.03 6.47
N MET A 40 6.11 -0.16 5.49
CA MET A 40 4.77 0.44 5.41
C MET A 40 3.69 -0.65 5.51
N GLN A 41 2.54 -0.33 6.09
CA GLN A 41 1.33 -1.17 6.13
C GLN A 41 0.10 -0.32 5.77
N VAL A 42 -0.70 -0.80 4.79
CA VAL A 42 -1.93 -0.15 4.31
C VAL A 42 -3.12 -1.04 4.59
N LYS A 43 -4.31 -0.45 4.76
CA LYS A 43 -5.60 -1.12 4.92
C LYS A 43 -6.64 -0.49 3.98
N VAL A 44 -7.49 -1.33 3.39
CA VAL A 44 -8.45 -0.92 2.33
C VAL A 44 -9.92 -1.24 2.70
N GLY A 45 -10.15 -2.05 3.74
CA GLY A 45 -11.47 -2.29 4.34
C GLY A 45 -11.46 -3.38 5.42
N ASN A 46 -11.01 -4.58 5.05
CA ASN A 46 -10.88 -5.75 5.93
C ASN A 46 -9.53 -6.49 5.76
N HIS A 47 -8.65 -5.97 4.89
CA HIS A 47 -7.39 -6.60 4.46
C HIS A 47 -6.27 -5.57 4.31
N THR A 48 -5.02 -6.02 4.30
CA THR A 48 -3.82 -5.18 4.32
C THR A 48 -2.75 -5.61 3.30
N ALA A 49 -1.84 -4.67 2.98
CA ALA A 49 -0.62 -4.90 2.19
C ALA A 49 0.61 -4.27 2.87
N GLU A 50 1.80 -4.60 2.38
CA GLU A 50 3.08 -4.10 2.87
C GLU A 50 4.03 -3.76 1.71
N GLY A 51 4.97 -2.85 1.97
CA GLY A 51 6.00 -2.36 1.05
C GLY A 51 7.15 -1.67 1.79
N THR A 52 8.23 -1.37 1.07
CA THR A 52 9.46 -0.72 1.60
C THR A 52 9.95 0.38 0.65
N GLY A 53 10.83 1.26 1.12
CA GLY A 53 11.25 2.47 0.40
C GLY A 53 12.33 3.26 1.14
N THR A 54 12.48 4.56 0.82
CA THR A 54 13.52 5.44 1.40
C THR A 54 12.97 6.77 1.94
N ASN A 55 11.70 7.04 1.66
CA ASN A 55 10.91 8.14 2.23
C ASN A 55 9.40 7.84 2.13
N LYS A 56 8.60 8.63 2.86
CA LYS A 56 7.13 8.55 2.89
C LYS A 56 6.39 8.72 1.54
N LYS A 57 7.07 9.07 0.43
CA LYS A 57 6.47 9.07 -0.93
C LYS A 57 6.98 7.93 -1.83
N VAL A 58 7.74 6.96 -1.28
CA VAL A 58 8.41 5.88 -2.04
C VAL A 58 8.15 4.47 -1.45
N ALA A 59 7.78 4.34 -0.18
CA ALA A 59 7.30 3.06 0.36
C ALA A 59 5.86 2.76 -0.05
N LYS A 60 5.02 3.81 -0.10
CA LYS A 60 3.60 3.79 -0.48
C LYS A 60 3.36 3.21 -1.88
N ARG A 61 4.26 3.50 -2.82
CA ARG A 61 4.20 3.08 -4.24
C ARG A 61 4.60 1.62 -4.47
N ASN A 62 5.44 1.04 -3.62
CA ASN A 62 5.90 -0.34 -3.74
C ASN A 62 4.86 -1.36 -3.19
N ALA A 63 4.20 -1.04 -2.09
CA ALA A 63 3.07 -1.82 -1.59
C ALA A 63 1.88 -1.94 -2.56
N ALA A 64 1.70 -0.95 -3.44
CA ALA A 64 0.56 -0.84 -4.35
C ALA A 64 0.34 -2.08 -5.25
N GLU A 65 1.42 -2.70 -5.71
CA GLU A 65 1.42 -3.96 -6.47
C GLU A 65 0.67 -5.10 -5.75
N ASN A 66 0.63 -5.10 -4.41
CA ASN A 66 -0.13 -6.05 -3.60
C ASN A 66 -1.55 -5.55 -3.28
N MET A 67 -1.79 -4.23 -3.19
CA MET A 67 -3.06 -3.63 -2.76
C MET A 67 -4.31 -4.04 -3.57
N LEU A 68 -4.17 -4.58 -4.80
CA LEU A 68 -5.29 -5.14 -5.57
C LEU A 68 -5.52 -6.63 -5.25
N GLU A 69 -4.46 -7.38 -4.95
CA GLU A 69 -4.48 -8.84 -4.73
C GLU A 69 -4.91 -9.25 -3.31
N ILE A 70 -5.31 -8.28 -2.48
CA ILE A 70 -5.60 -8.47 -1.04
C ILE A 70 -7.11 -8.43 -0.74
N LEU A 71 -7.90 -7.80 -1.63
CA LEU A 71 -9.36 -7.64 -1.47
C LEU A 71 -10.20 -8.08 -2.68
N GLY A 72 -9.58 -8.39 -3.83
CA GLY A 72 -10.26 -9.03 -4.98
C GLY A 72 -10.20 -8.30 -6.33
N PHE A 73 -9.12 -7.59 -6.64
CA PHE A 73 -8.91 -6.86 -7.91
C PHE A 73 -7.71 -7.35 -8.73
N LYS A 74 -7.15 -8.50 -8.35
CA LYS A 74 -6.10 -9.27 -9.07
C LYS A 74 -6.42 -9.50 -10.56
N GLY A 1 -7.66 -4.21 -14.75
CA GLY A 1 -7.08 -2.84 -14.89
C GLY A 1 -6.01 -2.83 -15.96
N SER A 2 -6.17 -1.94 -16.96
CA SER A 2 -5.35 -1.94 -18.20
C SER A 2 -4.88 -0.54 -18.64
N HIS A 3 -5.12 0.49 -17.83
CA HIS A 3 -4.91 1.92 -18.17
C HIS A 3 -4.24 2.73 -17.05
N MET A 4 -3.93 2.12 -15.91
CA MET A 4 -3.45 2.75 -14.67
C MET A 4 -2.44 1.86 -13.93
N ASN A 5 -1.61 2.49 -13.11
CA ASN A 5 -0.75 1.78 -12.14
C ASN A 5 -1.63 1.06 -11.10
N PRO A 6 -1.15 0.00 -10.41
CA PRO A 6 -1.86 -0.57 -9.25
C PRO A 6 -2.20 0.48 -8.19
N ILE A 7 -1.28 1.42 -8.00
CA ILE A 7 -1.28 2.45 -6.96
C ILE A 7 -2.39 3.49 -7.22
N SER A 8 -2.34 4.13 -8.40
CA SER A 8 -3.38 5.07 -8.85
C SER A 8 -4.74 4.38 -8.95
N ARG A 9 -4.81 3.14 -9.47
CA ARG A 9 -6.08 2.41 -9.62
C ARG A 9 -6.75 2.10 -8.28
N LEU A 10 -6.01 1.59 -7.30
CA LEU A 10 -6.54 1.30 -5.95
C LEU A 10 -7.15 2.57 -5.31
N ALA A 11 -6.39 3.67 -5.32
CA ALA A 11 -6.83 5.00 -4.87
C ALA A 11 -7.96 5.66 -5.70
N GLN A 12 -8.39 5.02 -6.79
CA GLN A 12 -9.39 5.50 -7.76
C GLN A 12 -10.66 4.63 -7.80
N ILE A 13 -10.57 3.37 -7.38
CA ILE A 13 -11.71 2.47 -7.15
C ILE A 13 -12.56 2.92 -5.94
N GLN A 14 -11.94 3.45 -4.88
CA GLN A 14 -12.63 3.71 -3.61
C GLN A 14 -13.81 4.69 -3.71
N GLN A 15 -13.69 5.77 -4.49
CA GLN A 15 -14.75 6.79 -4.55
C GLN A 15 -15.93 6.34 -5.42
N ALA A 16 -15.66 5.45 -6.37
CA ALA A 16 -16.69 4.75 -7.14
C ALA A 16 -17.59 3.84 -6.27
N LYS A 17 -17.17 3.54 -5.04
CA LYS A 17 -17.92 2.83 -3.98
C LYS A 17 -18.43 3.79 -2.87
N LYS A 18 -18.30 5.09 -3.11
CA LYS A 18 -18.55 6.20 -2.15
C LYS A 18 -17.74 6.08 -0.85
N GLU A 19 -16.49 5.66 -0.96
CA GLU A 19 -15.51 5.53 0.12
C GLU A 19 -14.21 6.32 -0.14
N LYS A 20 -13.36 6.40 0.88
CA LYS A 20 -12.05 7.09 0.85
C LYS A 20 -10.90 6.10 0.77
N GLU A 21 -9.68 6.60 0.57
CA GLU A 21 -8.46 5.80 0.50
C GLU A 21 -8.21 4.93 1.76
N PRO A 22 -7.43 3.84 1.65
CA PRO A 22 -7.02 2.99 2.78
C PRO A 22 -6.37 3.70 3.99
N GLU A 23 -6.22 2.93 5.08
CA GLU A 23 -5.51 3.32 6.30
C GLU A 23 -4.02 2.92 6.22
N TYR A 24 -3.23 3.67 5.45
CA TYR A 24 -1.77 3.51 5.34
C TYR A 24 -1.05 3.87 6.66
N THR A 25 0.03 3.15 6.98
CA THR A 25 0.76 3.17 8.26
C THR A 25 2.25 2.84 8.06
N LEU A 26 3.12 3.45 8.87
CA LEU A 26 4.56 3.11 8.98
C LEU A 26 4.77 2.25 10.24
N LEU A 27 5.25 1.02 10.07
CA LEU A 27 5.51 0.10 11.19
C LEU A 27 6.84 0.38 11.88
N THR A 28 7.94 0.29 11.11
CA THR A 28 9.33 0.30 11.61
C THR A 28 10.35 0.49 10.48
N GLU A 29 11.64 0.46 10.82
CA GLU A 29 12.80 0.47 9.92
C GLU A 29 13.65 -0.82 10.03
N ARG A 30 13.06 -1.88 10.62
CA ARG A 30 13.69 -3.16 11.01
C ARG A 30 14.68 -3.74 10.00
N GLY A 31 15.76 -4.32 10.51
CA GLY A 31 16.85 -4.91 9.73
C GLY A 31 17.83 -5.73 10.57
N LEU A 32 19.12 -5.60 10.28
CA LEU A 32 20.26 -6.33 10.85
C LEU A 32 21.41 -5.36 11.18
N PRO A 33 22.46 -5.77 11.92
CA PRO A 33 23.61 -4.93 12.27
C PRO A 33 24.28 -4.15 11.12
N ARG A 34 24.13 -4.60 9.86
CA ARG A 34 24.61 -3.89 8.66
C ARG A 34 23.61 -3.92 7.48
N ARG A 35 22.30 -3.86 7.77
CA ARG A 35 21.20 -3.79 6.77
C ARG A 35 19.95 -3.12 7.36
N ARG A 36 19.28 -2.21 6.63
CA ARG A 36 18.11 -1.42 7.10
C ARG A 36 17.12 -1.15 5.96
N GLU A 37 15.82 -1.01 6.26
CA GLU A 37 14.77 -0.72 5.25
C GLU A 37 13.47 -0.19 5.90
N PHE A 38 12.79 0.79 5.28
CA PHE A 38 11.42 1.22 5.66
C PHE A 38 10.43 0.05 5.57
N VAL A 39 9.43 -0.03 6.46
CA VAL A 39 8.36 -1.06 6.41
C VAL A 39 6.97 -0.43 6.54
N MET A 40 6.21 -0.42 5.44
CA MET A 40 4.83 0.07 5.36
C MET A 40 3.80 -1.04 5.68
N GLN A 41 2.62 -0.65 6.15
CA GLN A 41 1.41 -1.48 6.30
C GLN A 41 0.20 -0.65 5.84
N VAL A 42 -0.78 -1.29 5.21
CA VAL A 42 -2.05 -0.66 4.82
C VAL A 42 -3.21 -1.58 5.20
N LYS A 43 -4.38 -1.02 5.52
CA LYS A 43 -5.62 -1.76 5.83
C LYS A 43 -6.81 -1.15 5.10
N VAL A 44 -7.72 -2.00 4.60
CA VAL A 44 -8.87 -1.57 3.76
C VAL A 44 -10.23 -2.04 4.31
N GLY A 45 -10.25 -2.91 5.32
CA GLY A 45 -11.47 -3.28 6.04
C GLY A 45 -11.32 -4.52 6.94
N ASN A 46 -10.83 -5.61 6.35
CA ASN A 46 -10.56 -6.89 7.03
C ASN A 46 -9.19 -7.50 6.64
N HIS A 47 -8.47 -6.85 5.71
CA HIS A 47 -7.21 -7.36 5.13
C HIS A 47 -6.15 -6.26 5.02
N THR A 48 -4.88 -6.67 4.91
CA THR A 48 -3.70 -5.79 4.88
C THR A 48 -2.67 -6.18 3.82
N ALA A 49 -1.81 -5.21 3.45
CA ALA A 49 -0.62 -5.39 2.62
C ALA A 49 0.58 -4.64 3.21
N GLU A 50 1.78 -4.90 2.68
CA GLU A 50 3.06 -4.36 3.13
C GLU A 50 3.97 -4.04 1.93
N GLY A 51 4.92 -3.14 2.13
CA GLY A 51 5.90 -2.67 1.13
C GLY A 51 7.10 -1.97 1.78
N THR A 52 8.11 -1.65 0.97
CA THR A 52 9.39 -1.06 1.40
C THR A 52 9.79 0.12 0.51
N GLY A 53 10.68 1.00 0.98
CA GLY A 53 11.05 2.24 0.28
C GLY A 53 12.04 3.12 1.04
N THR A 54 12.14 4.40 0.67
CA THR A 54 13.09 5.37 1.26
C THR A 54 12.41 6.60 1.89
N ASN A 55 11.16 6.89 1.53
CA ASN A 55 10.28 7.87 2.18
C ASN A 55 8.80 7.47 2.04
N LYS A 56 7.91 8.22 2.71
CA LYS A 56 6.45 8.03 2.65
C LYS A 56 5.80 8.19 1.27
N LYS A 57 6.52 8.68 0.24
CA LYS A 57 6.04 8.70 -1.16
C LYS A 57 6.70 7.63 -2.06
N VAL A 58 7.49 6.72 -1.47
CA VAL A 58 8.27 5.68 -2.17
C VAL A 58 8.02 4.27 -1.60
N ALA A 59 7.56 4.14 -0.36
CA ALA A 59 7.08 2.84 0.16
C ALA A 59 5.61 2.57 -0.21
N LYS A 60 4.76 3.61 -0.20
CA LYS A 60 3.33 3.54 -0.59
C LYS A 60 3.11 3.00 -2.01
N ARG A 61 4.06 3.24 -2.92
CA ARG A 61 4.03 2.75 -4.31
C ARG A 61 4.35 1.26 -4.49
N ASN A 62 5.09 0.65 -3.56
CA ASN A 62 5.56 -0.74 -3.68
C ASN A 62 4.57 -1.76 -3.09
N ALA A 63 3.95 -1.43 -1.95
CA ALA A 63 2.87 -2.24 -1.37
C ALA A 63 1.64 -2.41 -2.30
N ALA A 64 1.38 -1.44 -3.18
CA ALA A 64 0.21 -1.36 -4.05
C ALA A 64 0.00 -2.60 -4.96
N GLU A 65 1.08 -3.22 -5.41
CA GLU A 65 1.07 -4.46 -6.20
C GLU A 65 0.31 -5.61 -5.50
N ASN A 66 0.25 -5.61 -4.17
CA ASN A 66 -0.49 -6.58 -3.35
C ASN A 66 -1.92 -6.11 -3.02
N MET A 67 -2.17 -4.78 -2.93
CA MET A 67 -3.44 -4.22 -2.44
C MET A 67 -4.69 -4.63 -3.24
N LEU A 68 -4.55 -5.06 -4.49
CA LEU A 68 -5.66 -5.58 -5.30
C LEU A 68 -5.94 -7.08 -5.02
N GLU A 69 -4.92 -7.85 -4.64
CA GLU A 69 -5.03 -9.31 -4.42
C GLU A 69 -5.48 -9.68 -3.00
N ILE A 70 -5.33 -8.77 -2.03
CA ILE A 70 -5.64 -9.00 -0.61
C ILE A 70 -7.14 -8.91 -0.33
N LEU A 71 -7.89 -8.20 -1.18
CA LEU A 71 -9.31 -7.86 -0.98
C LEU A 71 -10.18 -8.23 -2.20
N GLY A 72 -9.55 -8.78 -3.25
CA GLY A 72 -10.21 -9.41 -4.40
C GLY A 72 -10.63 -8.47 -5.54
N PHE A 73 -9.88 -7.38 -5.75
CA PHE A 73 -10.10 -6.40 -6.84
C PHE A 73 -9.22 -6.70 -8.08
N LYS A 74 -8.31 -7.68 -7.97
CA LYS A 74 -7.44 -8.20 -9.04
C LYS A 74 -8.18 -8.57 -10.34
N GLY A 1 -6.47 6.21 -23.31
CA GLY A 1 -5.72 5.38 -22.34
C GLY A 1 -6.34 4.00 -22.20
N SER A 2 -5.52 2.99 -21.90
CA SER A 2 -5.92 1.56 -21.80
C SER A 2 -5.29 0.81 -20.60
N HIS A 3 -4.54 1.50 -19.75
CA HIS A 3 -3.86 0.97 -18.55
C HIS A 3 -3.71 2.06 -17.48
N MET A 4 -3.43 1.67 -16.24
CA MET A 4 -3.20 2.57 -15.09
C MET A 4 -2.28 1.90 -14.06
N ASN A 5 -1.56 2.70 -13.28
CA ASN A 5 -0.77 2.23 -12.13
C ASN A 5 -1.66 1.45 -11.13
N PRO A 6 -1.13 0.46 -10.38
CA PRO A 6 -1.87 -0.17 -9.27
C PRO A 6 -2.36 0.86 -8.24
N ILE A 7 -1.51 1.85 -8.00
CA ILE A 7 -1.61 2.88 -6.97
C ILE A 7 -2.77 3.84 -7.28
N SER A 8 -2.71 4.46 -8.48
CA SER A 8 -3.76 5.31 -9.08
C SER A 8 -4.99 4.52 -9.55
N ARG A 9 -5.15 3.25 -9.16
CA ARG A 9 -6.32 2.40 -9.42
C ARG A 9 -7.00 1.98 -8.12
N LEU A 10 -6.24 1.55 -7.10
CA LEU A 10 -6.76 1.33 -5.73
C LEU A 10 -7.33 2.64 -5.13
N ALA A 11 -6.56 3.72 -5.21
CA ALA A 11 -6.96 5.09 -4.85
C ALA A 11 -8.13 5.67 -5.69
N GLN A 12 -8.62 4.91 -6.66
CA GLN A 12 -9.61 5.32 -7.67
C GLN A 12 -10.90 4.47 -7.67
N ILE A 13 -10.98 3.56 -6.71
CA ILE A 13 -12.11 2.66 -6.45
C ILE A 13 -12.91 3.08 -5.19
N GLN A 14 -12.24 3.61 -4.16
CA GLN A 14 -12.90 3.96 -2.89
C GLN A 14 -14.10 4.93 -3.06
N GLN A 15 -14.02 5.88 -3.98
CA GLN A 15 -15.08 6.88 -4.17
C GLN A 15 -16.33 6.28 -4.82
N ALA A 16 -16.13 5.31 -5.72
CA ALA A 16 -17.20 4.53 -6.36
C ALA A 16 -18.00 3.67 -5.37
N LYS A 17 -17.41 3.36 -4.21
CA LYS A 17 -18.04 2.68 -3.04
C LYS A 17 -18.63 3.68 -2.03
N LYS A 18 -18.61 4.98 -2.34
CA LYS A 18 -18.95 6.11 -1.47
C LYS A 18 -18.14 6.12 -0.16
N GLU A 19 -16.87 5.75 -0.25
CA GLU A 19 -15.90 5.66 0.85
C GLU A 19 -14.65 6.52 0.59
N LYS A 20 -13.76 6.60 1.59
CA LYS A 20 -12.49 7.34 1.55
C LYS A 20 -11.30 6.38 1.58
N GLU A 21 -10.08 6.91 1.53
CA GLU A 21 -8.84 6.13 1.39
C GLU A 21 -8.57 5.12 2.54
N PRO A 22 -7.74 4.09 2.28
CA PRO A 22 -7.20 3.19 3.30
C PRO A 22 -6.49 3.89 4.48
N GLU A 23 -6.08 3.12 5.48
CA GLU A 23 -5.24 3.58 6.60
C GLU A 23 -3.87 2.90 6.57
N TYR A 24 -2.80 3.66 6.79
CA TYR A 24 -1.40 3.23 6.59
C TYR A 24 -0.57 3.38 7.88
N THR A 25 0.47 2.56 8.01
CA THR A 25 1.27 2.35 9.24
C THR A 25 2.75 2.24 8.91
N LEU A 26 3.61 2.70 9.83
CA LEU A 26 5.09 2.64 9.75
C LEU A 26 5.63 1.70 10.85
N LEU A 27 6.30 0.62 10.46
CA LEU A 27 6.69 -0.47 11.39
C LEU A 27 8.19 -0.46 11.72
N THR A 28 9.04 -0.28 10.70
CA THR A 28 10.52 -0.27 10.75
C THR A 28 11.16 -1.23 11.77
N GLU A 29 10.77 -2.50 11.69
CA GLU A 29 11.22 -3.57 12.61
C GLU A 29 12.68 -4.04 12.35
N ARG A 30 13.34 -3.53 11.29
CA ARG A 30 14.76 -3.80 10.98
C ARG A 30 15.67 -3.31 12.11
N GLY A 31 16.67 -4.12 12.46
CA GLY A 31 17.64 -3.85 13.52
C GLY A 31 18.93 -4.67 13.43
N LEU A 32 19.28 -5.13 12.22
CA LEU A 32 20.52 -5.88 11.94
C LEU A 32 21.76 -4.98 12.09
N PRO A 33 22.94 -5.55 12.43
CA PRO A 33 24.18 -4.79 12.61
C PRO A 33 24.77 -4.24 11.29
N ARG A 34 24.26 -4.71 10.14
CA ARG A 34 24.70 -4.28 8.79
C ARG A 34 23.57 -4.22 7.75
N ARG A 35 22.30 -4.04 8.16
CA ARG A 35 21.16 -3.79 7.23
C ARG A 35 19.98 -3.04 7.88
N ARG A 36 19.30 -2.21 7.09
CA ARG A 36 18.20 -1.29 7.48
C ARG A 36 17.23 -1.07 6.29
N GLU A 37 15.98 -0.67 6.56
CA GLU A 37 14.94 -0.45 5.54
C GLU A 37 13.66 0.22 6.09
N PHE A 38 12.91 0.96 5.27
CA PHE A 38 11.55 1.42 5.59
C PHE A 38 10.60 0.20 5.56
N VAL A 39 9.58 0.15 6.42
CA VAL A 39 8.50 -0.87 6.34
C VAL A 39 7.14 -0.23 6.53
N MET A 40 6.22 -0.50 5.60
CA MET A 40 4.86 0.06 5.55
C MET A 40 3.83 -1.07 5.60
N GLN A 41 2.74 -0.90 6.35
CA GLN A 41 1.54 -1.77 6.31
C GLN A 41 0.29 -0.91 6.15
N VAL A 42 -0.59 -1.29 5.22
CA VAL A 42 -1.90 -0.67 4.97
C VAL A 42 -3.01 -1.64 5.35
N LYS A 43 -4.18 -1.11 5.74
CA LYS A 43 -5.42 -1.87 5.98
C LYS A 43 -6.60 -1.22 5.26
N VAL A 44 -7.45 -2.06 4.66
CA VAL A 44 -8.61 -1.62 3.83
C VAL A 44 -9.96 -2.03 4.42
N GLY A 45 -9.98 -2.94 5.41
CA GLY A 45 -11.15 -3.27 6.22
C GLY A 45 -10.93 -4.47 7.15
N ASN A 46 -10.47 -5.58 6.58
CA ASN A 46 -10.06 -6.80 7.30
C ASN A 46 -8.74 -7.39 6.74
N HIS A 47 -8.21 -6.83 5.65
CA HIS A 47 -7.05 -7.32 4.90
C HIS A 47 -5.95 -6.25 4.81
N THR A 48 -4.70 -6.68 4.63
CA THR A 48 -3.51 -5.81 4.64
C THR A 48 -2.50 -6.13 3.52
N ALA A 49 -1.67 -5.15 3.18
CA ALA A 49 -0.50 -5.26 2.30
C ALA A 49 0.71 -4.60 2.96
N GLU A 50 1.92 -4.92 2.48
CA GLU A 50 3.18 -4.33 2.93
C GLU A 50 4.12 -4.01 1.76
N GLY A 51 5.06 -3.10 2.00
CA GLY A 51 6.04 -2.59 1.03
C GLY A 51 7.26 -1.91 1.68
N THR A 52 8.19 -1.47 0.83
CA THR A 52 9.49 -0.87 1.19
C THR A 52 9.77 0.37 0.34
N GLY A 53 10.68 1.22 0.80
CA GLY A 53 11.01 2.51 0.19
C GLY A 53 12.09 3.30 0.95
N THR A 54 12.18 4.61 0.67
CA THR A 54 13.20 5.52 1.22
C THR A 54 12.62 6.78 1.88
N ASN A 55 11.34 7.09 1.61
CA ASN A 55 10.55 8.12 2.29
C ASN A 55 9.05 7.78 2.24
N LYS A 56 8.23 8.56 2.96
CA LYS A 56 6.78 8.43 3.01
C LYS A 56 6.03 8.62 1.67
N LYS A 57 6.69 9.06 0.59
CA LYS A 57 6.11 9.10 -0.77
C LYS A 57 6.63 7.99 -1.70
N VAL A 58 7.42 7.04 -1.17
CA VAL A 58 8.12 5.99 -1.96
C VAL A 58 7.88 4.57 -1.40
N ALA A 59 7.54 4.40 -0.12
CA ALA A 59 7.10 3.08 0.38
C ALA A 59 5.66 2.74 -0.01
N LYS A 60 4.76 3.74 -0.01
CA LYS A 60 3.34 3.61 -0.38
C LYS A 60 3.13 3.07 -1.81
N ARG A 61 4.00 3.46 -2.75
CA ARG A 61 3.92 3.06 -4.17
C ARG A 61 4.28 1.59 -4.43
N ASN A 62 5.10 0.99 -3.57
CA ASN A 62 5.58 -0.40 -3.72
C ASN A 62 4.59 -1.42 -3.14
N ALA A 63 4.05 -1.16 -1.95
CA ALA A 63 2.97 -1.95 -1.36
C ALA A 63 1.72 -2.07 -2.26
N ALA A 64 1.43 -1.04 -3.06
CA ALA A 64 0.25 -0.93 -3.92
C ALA A 64 0.05 -2.09 -4.90
N GLU A 65 1.13 -2.73 -5.37
CA GLU A 65 1.09 -3.91 -6.23
C GLU A 65 0.35 -5.11 -5.57
N ASN A 66 0.32 -5.15 -4.23
CA ASN A 66 -0.39 -6.14 -3.43
C ASN A 66 -1.78 -5.65 -2.98
N MET A 67 -2.00 -4.33 -2.81
CA MET A 67 -3.25 -3.70 -2.33
C MET A 67 -4.53 -3.98 -3.17
N LEU A 68 -4.45 -4.79 -4.22
CA LEU A 68 -5.59 -5.23 -5.03
C LEU A 68 -5.85 -6.74 -4.91
N GLU A 69 -4.79 -7.53 -4.69
CA GLU A 69 -4.89 -9.00 -4.57
C GLU A 69 -5.18 -9.48 -3.13
N ILE A 70 -5.26 -8.55 -2.17
CA ILE A 70 -5.46 -8.84 -0.73
C ILE A 70 -6.94 -8.88 -0.35
N LEU A 71 -7.80 -8.23 -1.14
CA LEU A 71 -9.23 -8.02 -0.88
C LEU A 71 -10.14 -8.40 -2.07
N GLY A 72 -9.55 -8.84 -3.18
CA GLY A 72 -10.27 -9.35 -4.35
C GLY A 72 -10.66 -8.29 -5.40
N PHE A 73 -9.94 -7.16 -5.46
CA PHE A 73 -10.10 -6.15 -6.51
C PHE A 73 -9.39 -6.54 -7.82
N LYS A 74 -8.62 -7.64 -7.80
CA LYS A 74 -7.84 -8.20 -8.93
C LYS A 74 -7.82 -9.74 -8.84
N GLY A 1 -2.27 -4.14 -15.42
CA GLY A 1 -3.37 -3.14 -15.40
C GLY A 1 -3.83 -2.77 -16.80
N SER A 2 -4.96 -2.06 -16.90
CA SER A 2 -5.65 -1.72 -18.17
C SER A 2 -6.05 -0.24 -18.30
N HIS A 3 -5.71 0.61 -17.32
CA HIS A 3 -5.99 2.06 -17.30
C HIS A 3 -4.95 2.85 -16.52
N MET A 4 -4.49 2.31 -15.38
CA MET A 4 -3.53 2.95 -14.46
C MET A 4 -2.63 1.92 -13.76
N ASN A 5 -1.55 2.42 -13.13
CA ASN A 5 -0.71 1.63 -12.22
C ASN A 5 -1.55 1.13 -11.04
N PRO A 6 -1.15 0.06 -10.31
CA PRO A 6 -1.82 -0.39 -9.09
C PRO A 6 -2.05 0.73 -8.07
N ILE A 7 -1.05 1.61 -7.95
CA ILE A 7 -0.92 2.66 -6.94
C ILE A 7 -1.99 3.75 -7.11
N SER A 8 -2.07 4.33 -8.32
CA SER A 8 -3.12 5.29 -8.70
C SER A 8 -4.49 4.62 -8.66
N ARG A 9 -4.60 3.41 -9.25
CA ARG A 9 -5.89 2.72 -9.43
C ARG A 9 -6.57 2.33 -8.12
N LEU A 10 -5.82 1.84 -7.14
CA LEU A 10 -6.34 1.46 -5.81
C LEU A 10 -6.98 2.65 -5.09
N ALA A 11 -6.30 3.79 -5.02
CA ALA A 11 -6.84 5.03 -4.47
C ALA A 11 -8.08 5.52 -5.26
N GLN A 12 -8.07 5.37 -6.59
CA GLN A 12 -9.12 5.78 -7.51
C GLN A 12 -10.41 4.94 -7.36
N ILE A 13 -10.29 3.63 -7.14
CA ILE A 13 -11.41 2.71 -6.92
C ILE A 13 -12.26 3.11 -5.70
N GLN A 14 -11.63 3.51 -4.58
CA GLN A 14 -12.37 3.93 -3.39
C GLN A 14 -13.33 5.10 -3.68
N GLN A 15 -12.90 6.05 -4.50
CA GLN A 15 -13.70 7.24 -4.83
C GLN A 15 -14.90 6.87 -5.71
N ALA A 16 -14.70 5.93 -6.64
CA ALA A 16 -15.76 5.34 -7.47
C ALA A 16 -16.83 4.58 -6.66
N LYS A 17 -16.50 4.14 -5.44
CA LYS A 17 -17.40 3.49 -4.45
C LYS A 17 -17.99 4.50 -3.44
N LYS A 18 -17.73 5.79 -3.64
CA LYS A 18 -18.07 6.92 -2.74
C LYS A 18 -17.45 6.78 -1.34
N GLU A 19 -16.25 6.21 -1.28
CA GLU A 19 -15.44 5.99 -0.08
C GLU A 19 -14.10 6.74 -0.16
N LYS A 20 -13.36 6.73 0.96
CA LYS A 20 -12.04 7.36 1.11
C LYS A 20 -10.92 6.30 1.15
N GLU A 21 -9.66 6.74 1.22
CA GLU A 21 -8.49 5.87 1.19
C GLU A 21 -8.45 4.79 2.30
N PRO A 22 -7.70 3.68 2.07
CA PRO A 22 -7.37 2.68 3.10
C PRO A 22 -6.74 3.23 4.39
N GLU A 23 -6.61 2.35 5.39
CA GLU A 23 -5.98 2.64 6.69
C GLU A 23 -4.49 2.24 6.67
N TYR A 24 -3.64 3.05 6.03
CA TYR A 24 -2.17 2.87 6.01
C TYR A 24 -1.56 3.07 7.41
N THR A 25 -0.56 2.25 7.77
CA THR A 25 0.08 2.23 9.11
C THR A 25 1.57 1.90 8.98
N LEU A 26 2.43 2.63 9.72
CA LEU A 26 3.86 2.34 9.84
C LEU A 26 4.11 1.21 10.85
N LEU A 27 5.06 0.30 10.56
CA LEU A 27 5.50 -0.74 11.48
C LEU A 27 6.89 -0.45 12.10
N THR A 28 7.93 -0.44 11.25
CA THR A 28 9.34 -0.40 11.70
C THR A 28 10.32 0.01 10.61
N GLU A 29 11.60 0.15 10.97
CA GLU A 29 12.77 0.33 10.09
C GLU A 29 13.74 -0.88 10.11
N ARG A 30 13.27 -2.03 10.64
CA ARG A 30 13.99 -3.29 10.89
C ARG A 30 14.97 -3.71 9.78
N GLY A 31 16.13 -4.22 10.21
CA GLY A 31 17.12 -4.87 9.35
C GLY A 31 18.28 -5.50 10.14
N LEU A 32 19.22 -6.12 9.42
CA LEU A 32 20.42 -6.78 9.98
C LEU A 32 21.39 -5.76 10.63
N PRO A 33 22.41 -6.21 11.42
CA PRO A 33 23.46 -5.36 11.97
C PRO A 33 24.19 -4.42 10.97
N ARG A 34 24.07 -4.68 9.65
CA ARG A 34 24.55 -3.80 8.56
C ARG A 34 23.56 -3.73 7.39
N ARG A 35 22.26 -3.69 7.67
CA ARG A 35 21.18 -3.42 6.69
C ARG A 35 19.97 -2.71 7.35
N ARG A 36 19.26 -1.88 6.60
CA ARG A 36 18.13 -1.03 7.04
C ARG A 36 17.09 -0.86 5.92
N GLU A 37 15.80 -0.74 6.27
CA GLU A 37 14.67 -0.60 5.33
C GLU A 37 13.37 -0.20 6.05
N PHE A 38 12.51 0.63 5.44
CA PHE A 38 11.20 0.99 6.00
C PHE A 38 10.12 -0.06 5.69
N VAL A 39 9.09 -0.20 6.54
CA VAL A 39 8.02 -1.21 6.38
C VAL A 39 6.63 -0.65 6.72
N MET A 40 5.66 -0.82 5.82
CA MET A 40 4.29 -0.31 5.89
C MET A 40 3.28 -1.47 5.84
N GLN A 41 2.16 -1.33 6.56
CA GLN A 41 1.01 -2.24 6.60
C GLN A 41 -0.28 -1.44 6.43
N VAL A 42 -1.18 -1.88 5.54
CA VAL A 42 -2.45 -1.19 5.24
C VAL A 42 -3.61 -2.15 5.41
N LYS A 43 -4.78 -1.64 5.83
CA LYS A 43 -6.05 -2.40 5.93
C LYS A 43 -7.14 -1.74 5.10
N VAL A 44 -7.97 -2.55 4.45
CA VAL A 44 -9.02 -2.08 3.49
C VAL A 44 -10.45 -2.45 3.94
N GLY A 45 -10.60 -3.39 4.88
CA GLY A 45 -11.90 -3.71 5.52
C GLY A 45 -11.86 -4.95 6.41
N ASN A 46 -11.37 -6.06 5.85
CA ASN A 46 -11.19 -7.36 6.55
C ASN A 46 -9.82 -8.00 6.24
N HIS A 47 -9.01 -7.36 5.37
CA HIS A 47 -7.72 -7.87 4.87
C HIS A 47 -6.66 -6.76 4.82
N THR A 48 -5.39 -7.16 4.74
CA THR A 48 -4.22 -6.27 4.79
C THR A 48 -3.19 -6.56 3.69
N ALA A 49 -2.39 -5.54 3.37
CA ALA A 49 -1.20 -5.64 2.50
C ALA A 49 0.03 -5.07 3.23
N GLU A 50 1.22 -5.37 2.70
CA GLU A 50 2.50 -4.89 3.20
C GLU A 50 3.42 -4.48 2.03
N GLY A 51 4.35 -3.57 2.31
CA GLY A 51 5.37 -3.05 1.40
C GLY A 51 6.52 -2.37 2.12
N THR A 52 7.55 -1.98 1.38
CA THR A 52 8.82 -1.45 1.91
C THR A 52 9.28 -0.20 1.17
N GLY A 53 10.19 0.59 1.75
CA GLY A 53 10.63 1.87 1.16
C GLY A 53 11.72 2.59 1.96
N THR A 54 11.83 3.91 1.73
CA THR A 54 12.83 4.80 2.34
C THR A 54 12.24 6.11 2.91
N ASN A 55 11.05 6.54 2.45
CA ASN A 55 10.25 7.63 3.02
C ASN A 55 8.74 7.31 2.92
N LYS A 56 7.91 8.06 3.65
CA LYS A 56 6.44 7.93 3.68
C LYS A 56 5.75 7.95 2.30
N LYS A 57 6.26 8.69 1.30
CA LYS A 57 5.76 8.67 -0.10
C LYS A 57 6.39 7.58 -0.99
N VAL A 58 7.11 6.62 -0.40
CA VAL A 58 7.78 5.51 -1.13
C VAL A 58 7.31 4.14 -0.64
N ALA A 59 7.18 3.91 0.68
CA ALA A 59 6.67 2.63 1.19
C ALA A 59 5.22 2.32 0.76
N LYS A 60 4.41 3.38 0.59
CA LYS A 60 3.04 3.33 0.03
C LYS A 60 3.01 2.79 -1.41
N ARG A 61 4.07 3.00 -2.21
CA ARG A 61 4.16 2.59 -3.63
C ARG A 61 4.37 1.10 -3.80
N ASN A 62 5.26 0.50 -3.01
CA ASN A 62 5.60 -0.93 -3.16
C ASN A 62 4.50 -1.87 -2.65
N ALA A 63 3.79 -1.49 -1.57
CA ALA A 63 2.64 -2.24 -1.07
C ALA A 63 1.47 -2.35 -2.06
N ALA A 64 1.28 -1.33 -2.91
CA ALA A 64 0.11 -1.21 -3.79
C ALA A 64 -0.08 -2.37 -4.79
N GLU A 65 1.02 -3.00 -5.22
CA GLU A 65 1.01 -4.22 -6.05
C GLU A 65 0.25 -5.39 -5.39
N ASN A 66 0.21 -5.43 -4.05
CA ASN A 66 -0.54 -6.43 -3.27
C ASN A 66 -1.97 -5.95 -2.95
N MET A 67 -2.19 -4.64 -2.76
CA MET A 67 -3.46 -4.07 -2.27
C MET A 67 -4.73 -4.41 -3.08
N LEU A 68 -4.63 -4.86 -4.33
CA LEU A 68 -5.78 -5.33 -5.12
C LEU A 68 -6.03 -6.84 -4.93
N GLU A 69 -4.98 -7.62 -4.71
CA GLU A 69 -5.04 -9.09 -4.64
C GLU A 69 -5.42 -9.61 -3.23
N ILE A 70 -5.55 -8.71 -2.24
CA ILE A 70 -5.82 -9.05 -0.83
C ILE A 70 -7.32 -9.12 -0.54
N LEU A 71 -8.15 -8.46 -1.38
CA LEU A 71 -9.61 -8.39 -1.22
C LEU A 71 -10.40 -8.77 -2.50
N GLY A 72 -9.71 -9.18 -3.56
CA GLY A 72 -10.30 -9.69 -4.79
C GLY A 72 -10.70 -8.60 -5.80
N PHE A 73 -10.05 -7.44 -5.76
CA PHE A 73 -10.20 -6.40 -6.80
C PHE A 73 -9.40 -6.74 -8.08
N LYS A 74 -8.60 -7.81 -8.04
CA LYS A 74 -7.79 -8.39 -9.13
C LYS A 74 -7.80 -9.93 -9.05
N GLY A 1 -5.11 -7.65 -18.20
CA GLY A 1 -4.06 -6.59 -18.17
C GLY A 1 -4.50 -5.38 -17.36
N SER A 2 -3.91 -4.22 -17.64
CA SER A 2 -4.24 -2.93 -17.01
C SER A 2 -3.95 -1.74 -17.95
N HIS A 3 -4.36 -0.54 -17.52
CA HIS A 3 -4.27 0.73 -18.27
C HIS A 3 -3.79 1.92 -17.39
N MET A 4 -3.46 1.68 -16.12
CA MET A 4 -3.08 2.68 -15.11
C MET A 4 -2.16 2.07 -14.06
N ASN A 5 -1.38 2.90 -13.36
CA ASN A 5 -0.58 2.48 -12.22
C ASN A 5 -1.47 1.88 -11.11
N PRO A 6 -1.01 0.86 -10.34
CA PRO A 6 -1.81 0.24 -9.28
C PRO A 6 -2.31 1.24 -8.23
N ILE A 7 -1.49 2.23 -7.94
CA ILE A 7 -1.69 3.23 -6.87
C ILE A 7 -2.83 4.19 -7.27
N SER A 8 -2.73 4.80 -8.46
CA SER A 8 -3.76 5.61 -9.13
C SER A 8 -4.96 4.80 -9.65
N ARG A 9 -5.16 3.56 -9.16
CA ARG A 9 -6.30 2.71 -9.48
C ARG A 9 -6.98 2.20 -8.21
N LEU A 10 -6.21 1.72 -7.23
CA LEU A 10 -6.70 1.41 -5.88
C LEU A 10 -7.37 2.63 -5.22
N ALA A 11 -6.69 3.78 -5.25
CA ALA A 11 -7.20 5.07 -4.78
C ALA A 11 -8.34 5.67 -5.64
N GLN A 12 -8.71 4.99 -6.73
CA GLN A 12 -9.64 5.47 -7.76
C GLN A 12 -10.92 4.61 -7.87
N ILE A 13 -10.86 3.38 -7.37
CA ILE A 13 -12.00 2.44 -7.26
C ILE A 13 -12.91 2.78 -6.06
N GLN A 14 -12.35 3.29 -4.95
CA GLN A 14 -13.12 3.52 -3.72
C GLN A 14 -14.30 4.50 -3.88
N GLN A 15 -14.16 5.58 -4.64
CA GLN A 15 -15.24 6.57 -4.79
C GLN A 15 -16.41 6.01 -5.60
N ALA A 16 -16.11 5.13 -6.56
CA ALA A 16 -17.08 4.38 -7.36
C ALA A 16 -17.96 3.41 -6.53
N LYS A 17 -17.54 3.08 -5.30
CA LYS A 17 -18.29 2.29 -4.30
C LYS A 17 -18.98 3.18 -3.25
N LYS A 18 -18.89 4.50 -3.42
CA LYS A 18 -19.26 5.58 -2.48
C LYS A 18 -18.49 5.54 -1.15
N GLU A 19 -17.38 4.80 -1.12
CA GLU A 19 -16.39 4.79 -0.05
C GLU A 19 -15.36 5.92 -0.21
N LYS A 20 -14.32 5.87 0.63
CA LYS A 20 -13.14 6.74 0.61
C LYS A 20 -11.87 5.90 0.74
N GLU A 21 -10.73 6.48 0.41
CA GLU A 21 -9.44 5.79 0.27
C GLU A 21 -8.85 5.29 1.61
N PRO A 22 -7.89 4.31 1.58
CA PRO A 22 -7.28 3.70 2.77
C PRO A 22 -6.61 4.67 3.78
N GLU A 23 -6.14 4.09 4.89
CA GLU A 23 -5.30 4.76 5.89
C GLU A 23 -3.92 4.07 5.96
N TYR A 24 -2.85 4.87 6.08
CA TYR A 24 -1.46 4.42 5.94
C TYR A 24 -0.63 4.75 7.20
N THR A 25 0.28 3.85 7.59
CA THR A 25 1.10 3.91 8.81
C THR A 25 2.54 3.48 8.50
N LEU A 26 3.51 4.00 9.28
CA LEU A 26 4.94 3.65 9.17
C LEU A 26 5.31 2.55 10.19
N LEU A 27 6.12 1.57 9.77
CA LEU A 27 6.55 0.45 10.64
C LEU A 27 8.02 0.60 11.06
N THR A 28 8.91 0.55 10.05
CA THR A 28 10.36 0.79 10.12
C THR A 28 11.09 0.13 11.29
N GLU A 29 10.67 -1.10 11.62
CA GLU A 29 11.33 -1.94 12.64
C GLU A 29 12.63 -2.59 12.13
N ARG A 30 12.70 -2.86 10.81
CA ARG A 30 13.78 -3.62 10.12
C ARG A 30 14.00 -5.01 10.76
N GLY A 31 15.08 -5.73 10.41
CA GLY A 31 15.27 -7.12 10.86
C GLY A 31 16.63 -7.78 10.62
N LEU A 32 17.70 -7.02 10.37
CA LEU A 32 19.06 -7.54 10.15
C LEU A 32 20.13 -6.68 10.86
N PRO A 33 21.18 -7.29 11.47
CA PRO A 33 22.26 -6.58 12.18
C PRO A 33 23.02 -5.49 11.37
N ARG A 34 22.98 -5.57 10.04
CA ARG A 34 23.70 -4.65 9.13
C ARG A 34 22.97 -4.42 7.80
N ARG A 35 21.63 -4.49 7.77
CA ARG A 35 20.82 -4.10 6.59
C ARG A 35 19.50 -3.43 7.01
N ARG A 36 19.14 -2.36 6.30
CA ARG A 36 18.05 -1.42 6.63
C ARG A 36 17.34 -0.88 5.38
N GLU A 37 16.07 -0.47 5.52
CA GLU A 37 15.19 0.05 4.46
C GLU A 37 13.89 0.64 5.09
N PHE A 38 13.12 1.47 4.37
CA PHE A 38 11.78 1.88 4.77
C PHE A 38 10.84 0.66 4.79
N VAL A 39 9.84 0.62 5.69
CA VAL A 39 8.78 -0.40 5.68
C VAL A 39 7.40 0.24 5.96
N MET A 40 6.48 0.07 5.01
CA MET A 40 5.15 0.72 4.94
C MET A 40 4.02 -0.24 5.39
N GLN A 41 2.92 0.29 5.90
CA GLN A 41 1.67 -0.42 6.24
C GLN A 41 0.45 0.37 5.77
N VAL A 42 -0.52 -0.30 5.16
CA VAL A 42 -1.85 0.27 4.85
C VAL A 42 -2.95 -0.64 5.39
N LYS A 43 -4.09 -0.08 5.77
CA LYS A 43 -5.30 -0.79 6.21
C LYS A 43 -6.55 -0.24 5.51
N VAL A 44 -7.47 -1.15 5.15
CA VAL A 44 -8.69 -0.81 4.36
C VAL A 44 -10.00 -1.24 5.04
N GLY A 45 -9.93 -2.03 6.13
CA GLY A 45 -11.07 -2.35 6.99
C GLY A 45 -10.81 -3.56 7.89
N ASN A 46 -10.39 -4.67 7.28
CA ASN A 46 -9.94 -5.89 7.97
C ASN A 46 -8.66 -6.49 7.33
N HIS A 47 -8.16 -5.89 6.24
CA HIS A 47 -7.03 -6.35 5.44
C HIS A 47 -5.92 -5.29 5.36
N THR A 48 -4.67 -5.72 5.19
CA THR A 48 -3.48 -4.85 5.15
C THR A 48 -2.48 -5.27 4.08
N ALA A 49 -1.62 -4.33 3.65
CA ALA A 49 -0.49 -4.57 2.74
C ALA A 49 0.79 -3.89 3.27
N GLU A 50 1.92 -4.27 2.67
CA GLU A 50 3.27 -3.79 3.00
C GLU A 50 4.07 -3.52 1.72
N GLY A 51 5.03 -2.60 1.83
CA GLY A 51 5.98 -2.21 0.78
C GLY A 51 7.22 -1.52 1.36
N THR A 52 8.19 -1.23 0.50
CA THR A 52 9.50 -0.67 0.86
C THR A 52 9.91 0.46 -0.09
N GLY A 53 10.87 1.30 0.29
CA GLY A 53 11.23 2.51 -0.46
C GLY A 53 12.31 3.36 0.22
N THR A 54 12.36 4.64 -0.14
CA THR A 54 13.38 5.62 0.32
C THR A 54 12.79 6.89 0.94
N ASN A 55 11.50 7.17 0.72
CA ASN A 55 10.74 8.22 1.41
C ASN A 55 9.23 7.90 1.46
N LYS A 56 8.49 8.67 2.27
CA LYS A 56 7.02 8.56 2.44
C LYS A 56 6.19 8.86 1.18
N LYS A 57 6.78 9.34 0.07
CA LYS A 57 6.12 9.48 -1.25
C LYS A 57 6.55 8.41 -2.27
N VAL A 58 7.31 7.39 -1.84
CA VAL A 58 7.87 6.33 -2.69
C VAL A 58 7.56 4.91 -2.19
N ALA A 59 7.59 4.63 -0.90
CA ALA A 59 7.28 3.28 -0.40
C ALA A 59 5.85 2.79 -0.73
N LYS A 60 4.91 3.74 -0.82
CA LYS A 60 3.51 3.54 -1.25
C LYS A 60 3.38 3.04 -2.70
N ARG A 61 4.36 3.34 -3.58
CA ARG A 61 4.46 2.82 -4.96
C ARG A 61 4.55 1.29 -4.98
N ASN A 62 5.43 0.76 -4.13
CA ASN A 62 5.73 -0.68 -4.06
C ASN A 62 4.64 -1.48 -3.32
N ALA A 63 4.09 -0.94 -2.22
CA ALA A 63 2.97 -1.58 -1.51
C ALA A 63 1.71 -1.75 -2.38
N ALA A 64 1.42 -0.78 -3.25
CA ALA A 64 0.20 -0.73 -4.08
C ALA A 64 -0.01 -1.96 -4.98
N GLU A 65 1.06 -2.60 -5.42
CA GLU A 65 1.04 -3.87 -6.17
C GLU A 65 0.33 -5.01 -5.42
N ASN A 66 0.31 -4.97 -4.08
CA ASN A 66 -0.37 -5.93 -3.22
C ASN A 66 -1.78 -5.46 -2.81
N MET A 67 -2.02 -4.15 -2.72
CA MET A 67 -3.26 -3.56 -2.17
C MET A 67 -4.56 -4.01 -2.87
N LEU A 68 -4.51 -4.46 -4.13
CA LEU A 68 -5.68 -5.02 -4.82
C LEU A 68 -5.93 -6.50 -4.48
N GLU A 69 -4.88 -7.27 -4.16
CA GLU A 69 -4.99 -8.71 -3.91
C GLU A 69 -5.34 -9.06 -2.45
N ILE A 70 -5.20 -8.10 -1.54
CA ILE A 70 -5.46 -8.28 -0.09
C ILE A 70 -6.94 -8.19 0.25
N LEU A 71 -7.74 -7.49 -0.59
CA LEU A 71 -9.17 -7.21 -0.35
C LEU A 71 -10.07 -7.68 -1.52
N GLY A 72 -9.47 -8.23 -2.58
CA GLY A 72 -10.17 -8.93 -3.67
C GLY A 72 -10.57 -8.08 -4.88
N PHE A 73 -9.88 -6.97 -5.14
CA PHE A 73 -10.02 -6.19 -6.40
C PHE A 73 -9.34 -6.89 -7.61
N LYS A 74 -8.52 -7.93 -7.33
CA LYS A 74 -7.89 -8.85 -8.31
C LYS A 74 -8.85 -9.34 -9.41
N GLY A 1 -1.21 -4.70 -17.83
CA GLY A 1 -1.26 -3.36 -17.21
C GLY A 1 -2.64 -2.72 -17.35
N SER A 2 -2.81 -1.51 -16.78
CA SER A 2 -4.11 -0.82 -16.65
C SER A 2 -4.06 0.68 -17.01
N HIS A 3 -2.95 1.17 -17.58
CA HIS A 3 -2.68 2.59 -17.94
C HIS A 3 -2.91 3.62 -16.80
N MET A 4 -2.88 3.17 -15.54
CA MET A 4 -3.21 3.96 -14.34
C MET A 4 -2.33 3.58 -13.13
N ASN A 5 -1.29 2.76 -13.33
CA ASN A 5 -0.49 2.11 -12.26
C ASN A 5 -1.36 1.27 -11.29
N PRO A 6 -0.77 0.42 -10.43
CA PRO A 6 -1.54 -0.20 -9.35
C PRO A 6 -1.99 0.83 -8.29
N ILE A 7 -1.21 1.91 -8.13
CA ILE A 7 -1.30 2.88 -7.03
C ILE A 7 -2.45 3.88 -7.23
N SER A 8 -2.44 4.66 -8.32
CA SER A 8 -3.53 5.60 -8.63
C SER A 8 -4.85 4.85 -8.87
N ARG A 9 -4.81 3.63 -9.41
CA ARG A 9 -6.02 2.81 -9.62
C ARG A 9 -6.73 2.42 -8.33
N LEU A 10 -5.99 2.05 -7.28
CA LEU A 10 -6.56 1.75 -5.96
C LEU A 10 -7.30 2.97 -5.38
N ALA A 11 -6.67 4.16 -5.48
CA ALA A 11 -7.21 5.49 -5.14
C ALA A 11 -8.32 6.03 -6.08
N GLN A 12 -8.82 5.15 -6.94
CA GLN A 12 -9.82 5.40 -7.99
C GLN A 12 -10.97 4.38 -8.01
N ILE A 13 -10.86 3.35 -7.17
CA ILE A 13 -11.83 2.27 -6.99
C ILE A 13 -12.69 2.47 -5.73
N GLN A 14 -12.13 3.00 -4.63
CA GLN A 14 -12.86 3.19 -3.38
C GLN A 14 -14.11 4.08 -3.53
N GLN A 15 -14.07 5.15 -4.33
CA GLN A 15 -15.21 6.04 -4.49
C GLN A 15 -16.34 5.41 -5.30
N ALA A 16 -15.97 4.58 -6.28
CA ALA A 16 -16.88 3.76 -7.07
C ALA A 16 -17.66 2.71 -6.25
N LYS A 17 -17.18 2.38 -5.03
CA LYS A 17 -17.84 1.53 -4.03
C LYS A 17 -18.62 2.33 -2.97
N LYS A 18 -18.66 3.67 -3.13
CA LYS A 18 -19.14 4.67 -2.15
C LYS A 18 -18.41 4.61 -0.78
N GLU A 19 -17.20 4.04 -0.77
CA GLU A 19 -16.28 4.03 0.37
C GLU A 19 -15.38 5.28 0.37
N LYS A 20 -14.56 5.38 1.42
CA LYS A 20 -13.52 6.42 1.58
C LYS A 20 -12.11 5.84 1.32
N GLU A 21 -11.16 6.73 1.09
CA GLU A 21 -9.79 6.42 0.71
C GLU A 21 -8.99 5.68 1.82
N PRO A 22 -7.91 4.95 1.45
CA PRO A 22 -7.12 4.15 2.40
C PRO A 22 -6.43 4.95 3.52
N GLU A 23 -5.89 4.22 4.51
CA GLU A 23 -5.20 4.77 5.68
C GLU A 23 -3.75 4.27 5.77
N TYR A 24 -2.88 4.84 4.91
CA TYR A 24 -1.45 4.54 4.85
C TYR A 24 -0.72 4.89 6.17
N THR A 25 0.14 3.99 6.66
CA THR A 25 0.76 4.04 8.00
C THR A 25 2.22 3.56 7.96
N LEU A 26 3.11 4.22 8.69
CA LEU A 26 4.52 3.83 8.87
C LEU A 26 4.67 2.85 10.06
N LEU A 27 5.42 1.75 9.87
CA LEU A 27 5.71 0.76 10.91
C LEU A 27 7.12 0.94 11.51
N THR A 28 8.14 0.49 10.75
CA THR A 28 9.58 0.40 11.08
C THR A 28 9.90 -0.05 12.52
N GLU A 29 9.11 -0.99 13.02
CA GLU A 29 9.34 -1.71 14.28
C GLU A 29 10.43 -2.80 14.19
N ARG A 30 11.02 -3.01 13.00
CA ARG A 30 12.04 -4.06 12.73
C ARG A 30 13.23 -3.58 11.90
N GLY A 31 14.33 -4.33 11.97
CA GLY A 31 15.62 -4.06 11.32
C GLY A 31 16.70 -5.04 11.81
N LEU A 32 17.95 -4.83 11.40
CA LEU A 32 19.12 -5.62 11.81
C LEU A 32 20.32 -4.72 12.20
N PRO A 33 21.31 -5.23 12.96
CA PRO A 33 22.53 -4.49 13.33
C PRO A 33 23.29 -3.82 12.16
N ARG A 34 23.12 -4.33 10.93
CA ARG A 34 23.70 -3.78 9.70
C ARG A 34 22.74 -3.85 8.49
N ARG A 35 21.42 -3.70 8.71
CA ARG A 35 20.42 -3.53 7.61
C ARG A 35 19.17 -2.77 8.06
N ARG A 36 18.67 -1.87 7.20
CA ARG A 36 17.60 -0.88 7.44
C ARG A 36 16.78 -0.64 6.15
N GLU A 37 15.51 -0.24 6.29
CA GLU A 37 14.59 0.12 5.19
C GLU A 37 13.30 0.78 5.72
N PHE A 38 12.60 1.60 4.91
CA PHE A 38 11.26 2.08 5.23
C PHE A 38 10.25 0.91 5.19
N VAL A 39 9.16 0.98 5.95
CA VAL A 39 8.04 0.01 5.88
C VAL A 39 6.69 0.71 6.00
N MET A 40 5.83 0.50 5.02
CA MET A 40 4.48 1.04 4.92
C MET A 40 3.45 -0.09 5.05
N GLN A 41 2.38 0.15 5.81
CA GLN A 41 1.20 -0.71 5.94
C GLN A 41 -0.07 0.12 5.71
N VAL A 42 -1.03 -0.42 4.96
CA VAL A 42 -2.30 0.25 4.65
C VAL A 42 -3.47 -0.71 4.81
N LYS A 43 -4.64 -0.19 5.19
CA LYS A 43 -5.91 -0.91 5.29
C LYS A 43 -6.94 -0.29 4.32
N VAL A 44 -7.74 -1.14 3.68
CA VAL A 44 -8.67 -0.75 2.58
C VAL A 44 -10.15 -1.02 2.93
N GLY A 45 -10.43 -1.81 3.97
CA GLY A 45 -11.77 -2.00 4.53
C GLY A 45 -11.84 -3.07 5.63
N ASN A 46 -11.32 -4.26 5.31
CA ASN A 46 -11.22 -5.42 6.24
C ASN A 46 -9.86 -6.15 6.11
N HIS A 47 -8.98 -5.69 5.22
CA HIS A 47 -7.71 -6.32 4.85
C HIS A 47 -6.60 -5.29 4.66
N THR A 48 -5.34 -5.73 4.72
CA THR A 48 -4.14 -4.88 4.68
C THR A 48 -3.10 -5.33 3.65
N ALA A 49 -2.25 -4.38 3.24
CA ALA A 49 -1.06 -4.57 2.41
C ALA A 49 0.19 -3.99 3.07
N GLU A 50 1.38 -4.40 2.63
CA GLU A 50 2.69 -3.96 3.11
C GLU A 50 3.63 -3.71 1.92
N GLY A 51 4.54 -2.74 2.06
CA GLY A 51 5.59 -2.39 1.09
C GLY A 51 6.74 -1.59 1.71
N THR A 52 7.76 -1.28 0.92
CA THR A 52 9.00 -0.61 1.35
C THR A 52 9.43 0.47 0.34
N GLY A 53 10.33 1.38 0.73
CA GLY A 53 10.70 2.54 -0.10
C GLY A 53 11.82 3.39 0.52
N THR A 54 11.92 4.66 0.08
CA THR A 54 12.99 5.60 0.50
C THR A 54 12.45 6.86 1.18
N ASN A 55 11.14 7.10 1.02
CA ASN A 55 10.39 8.20 1.62
C ASN A 55 8.88 7.93 1.57
N LYS A 56 8.10 8.72 2.31
CA LYS A 56 6.63 8.64 2.38
C LYS A 56 5.87 8.86 1.06
N LYS A 57 6.53 9.25 -0.05
CA LYS A 57 5.92 9.31 -1.40
C LYS A 57 6.37 8.19 -2.35
N VAL A 58 7.07 7.17 -1.84
CA VAL A 58 7.65 6.06 -2.63
C VAL A 58 7.35 4.68 -2.06
N ALA A 59 7.22 4.50 -0.74
CA ALA A 59 6.90 3.19 -0.18
C ALA A 59 5.53 2.62 -0.62
N LYS A 60 4.58 3.52 -0.93
CA LYS A 60 3.28 3.20 -1.56
C LYS A 60 3.42 2.61 -2.97
N ARG A 61 4.49 2.93 -3.72
CA ARG A 61 4.77 2.38 -5.07
C ARG A 61 4.89 0.86 -5.06
N ASN A 62 5.62 0.34 -4.06
CA ASN A 62 5.84 -1.10 -3.89
C ASN A 62 4.66 -1.81 -3.21
N ALA A 63 4.06 -1.23 -2.16
CA ALA A 63 2.89 -1.81 -1.49
C ALA A 63 1.68 -2.02 -2.42
N ALA A 64 1.49 -1.12 -3.40
CA ALA A 64 0.32 -1.11 -4.29
C ALA A 64 0.14 -2.38 -5.14
N GLU A 65 1.23 -3.10 -5.44
CA GLU A 65 1.20 -4.42 -6.09
C GLU A 65 0.40 -5.46 -5.27
N ASN A 66 0.34 -5.31 -3.94
CA ASN A 66 -0.46 -6.15 -3.04
C ASN A 66 -1.87 -5.57 -2.81
N MET A 67 -2.05 -4.24 -2.81
CA MET A 67 -3.32 -3.57 -2.42
C MET A 67 -4.57 -3.97 -3.23
N LEU A 68 -4.46 -4.61 -4.39
CA LEU A 68 -5.61 -5.15 -5.14
C LEU A 68 -5.81 -6.66 -4.92
N GLU A 69 -4.76 -7.40 -4.57
CA GLU A 69 -4.78 -8.84 -4.29
C GLU A 69 -5.35 -9.18 -2.89
N ILE A 70 -5.57 -8.18 -2.03
CA ILE A 70 -5.91 -8.35 -0.61
C ILE A 70 -7.42 -8.33 -0.36
N LEU A 71 -8.19 -7.72 -1.27
CA LEU A 71 -9.63 -7.57 -1.17
C LEU A 71 -10.42 -8.03 -2.42
N GLY A 72 -9.75 -8.31 -3.55
CA GLY A 72 -10.36 -8.98 -4.72
C GLY A 72 -10.47 -8.16 -6.02
N PHE A 73 -9.48 -7.32 -6.34
CA PHE A 73 -9.40 -6.57 -7.62
C PHE A 73 -8.27 -7.05 -8.55
N LYS A 74 -7.50 -8.05 -8.13
CA LYS A 74 -6.47 -8.75 -8.90
C LYS A 74 -6.50 -10.26 -8.59
N GLY A 1 -14.37 -0.61 -19.11
CA GLY A 1 -13.30 -1.16 -18.24
C GLY A 1 -11.96 -0.53 -18.57
N SER A 2 -11.20 -0.12 -17.54
CA SER A 2 -9.93 0.62 -17.66
C SER A 2 -8.92 0.20 -16.59
N HIS A 3 -7.64 0.49 -16.83
CA HIS A 3 -6.51 0.13 -15.96
C HIS A 3 -5.48 1.27 -15.84
N MET A 4 -4.64 1.19 -14.80
CA MET A 4 -3.59 2.14 -14.44
C MET A 4 -2.50 1.40 -13.61
N ASN A 5 -1.43 2.07 -13.20
CA ASN A 5 -0.48 1.50 -12.22
C ASN A 5 -1.23 1.03 -10.94
N PRO A 6 -0.73 0.01 -10.20
CA PRO A 6 -1.45 -0.59 -9.06
C PRO A 6 -1.84 0.39 -7.95
N ILE A 7 -1.15 1.53 -7.91
CA ILE A 7 -1.19 2.53 -6.85
C ILE A 7 -2.32 3.54 -7.10
N SER A 8 -2.29 4.20 -8.26
CA SER A 8 -3.38 5.04 -8.78
C SER A 8 -4.65 4.21 -8.91
N ARG A 9 -4.59 2.98 -9.48
CA ARG A 9 -5.74 2.08 -9.65
C ARG A 9 -6.50 1.86 -8.34
N LEU A 10 -5.80 1.53 -7.25
CA LEU A 10 -6.39 1.35 -5.92
C LEU A 10 -6.95 2.66 -5.34
N ALA A 11 -6.19 3.75 -5.40
CA ALA A 11 -6.63 5.07 -4.96
C ALA A 11 -7.84 5.65 -5.74
N GLN A 12 -8.15 5.08 -6.91
CA GLN A 12 -9.22 5.49 -7.83
C GLN A 12 -10.51 4.65 -7.68
N ILE A 13 -10.43 3.56 -6.92
CA ILE A 13 -11.57 2.67 -6.59
C ILE A 13 -12.41 3.20 -5.41
N GLN A 14 -11.78 3.78 -4.38
CA GLN A 14 -12.49 4.18 -3.15
C GLN A 14 -13.67 5.14 -3.38
N GLN A 15 -13.56 6.11 -4.30
CA GLN A 15 -14.63 7.10 -4.50
C GLN A 15 -15.84 6.49 -5.22
N ALA A 16 -15.59 5.51 -6.09
CA ALA A 16 -16.62 4.70 -6.75
C ALA A 16 -17.47 3.86 -5.76
N LYS A 17 -16.95 3.61 -4.55
CA LYS A 17 -17.63 2.96 -3.42
C LYS A 17 -18.21 3.97 -2.40
N LYS A 18 -18.05 5.28 -2.67
CA LYS A 18 -18.31 6.41 -1.76
C LYS A 18 -17.56 6.30 -0.43
N GLU A 19 -16.39 5.66 -0.46
CA GLU A 19 -15.45 5.53 0.65
C GLU A 19 -14.33 6.58 0.58
N LYS A 20 -13.53 6.64 1.66
CA LYS A 20 -12.28 7.41 1.74
C LYS A 20 -11.07 6.46 1.58
N GLU A 21 -9.86 7.02 1.56
CA GLU A 21 -8.63 6.25 1.39
C GLU A 21 -8.40 5.15 2.45
N PRO A 22 -7.61 4.09 2.13
CA PRO A 22 -7.18 3.05 3.06
C PRO A 22 -6.48 3.53 4.35
N GLU A 23 -6.34 2.61 5.31
CA GLU A 23 -5.68 2.84 6.61
C GLU A 23 -4.15 2.57 6.53
N TYR A 24 -3.43 3.37 5.74
CA TYR A 24 -1.96 3.29 5.62
C TYR A 24 -1.26 3.53 6.97
N THR A 25 -0.33 2.65 7.37
CA THR A 25 0.28 2.60 8.71
C THR A 25 1.76 2.17 8.66
N LEU A 26 2.61 2.84 9.44
CA LEU A 26 4.01 2.44 9.67
C LEU A 26 4.10 1.32 10.73
N LEU A 27 4.77 0.21 10.39
CA LEU A 27 5.05 -0.88 11.34
C LEU A 27 6.31 -0.61 12.18
N THR A 28 7.46 -0.50 11.50
CA THR A 28 8.78 -0.47 12.14
C THR A 28 9.88 0.17 11.26
N GLU A 29 11.03 0.43 11.88
CA GLU A 29 12.27 0.97 11.31
C GLU A 29 13.46 -0.02 11.45
N ARG A 30 13.12 -1.31 11.62
CA ARG A 30 14.01 -2.47 11.83
C ARG A 30 15.27 -2.48 10.94
N GLY A 31 16.38 -2.94 11.52
CA GLY A 31 17.68 -3.06 10.84
C GLY A 31 18.62 -4.10 11.47
N LEU A 32 19.82 -4.18 10.91
CA LEU A 32 20.88 -5.16 11.14
C LEU A 32 22.25 -4.45 11.20
N PRO A 33 23.31 -5.09 11.73
CA PRO A 33 24.65 -4.50 11.89
C PRO A 33 25.24 -3.77 10.67
N ARG A 34 24.88 -4.17 9.43
CA ARG A 34 25.25 -3.46 8.19
C ARG A 34 24.18 -3.54 7.09
N ARG A 35 22.88 -3.53 7.46
CA ARG A 35 21.74 -3.46 6.51
C ARG A 35 20.48 -2.86 7.19
N ARG A 36 19.74 -1.99 6.50
CA ARG A 36 18.61 -1.20 7.04
C ARG A 36 17.52 -0.98 5.98
N GLU A 37 16.25 -0.80 6.40
CA GLU A 37 15.07 -0.68 5.52
C GLU A 37 13.82 -0.12 6.28
N PHE A 38 12.86 0.47 5.57
CA PHE A 38 11.54 0.87 6.09
C PHE A 38 10.42 -0.10 5.67
N VAL A 39 9.30 -0.15 6.42
CA VAL A 39 8.19 -1.10 6.21
C VAL A 39 6.83 -0.43 6.39
N MET A 40 5.82 -0.81 5.60
CA MET A 40 4.47 -0.22 5.60
C MET A 40 3.40 -1.32 5.56
N GLN A 41 2.28 -1.11 6.26
CA GLN A 41 1.09 -1.96 6.28
C GLN A 41 -0.17 -1.10 6.06
N VAL A 42 -1.11 -1.60 5.27
CA VAL A 42 -2.38 -0.90 5.00
C VAL A 42 -3.54 -1.88 5.08
N LYS A 43 -4.72 -1.42 5.49
CA LYS A 43 -5.98 -2.16 5.53
C LYS A 43 -7.05 -1.47 4.67
N VAL A 44 -7.83 -2.25 3.93
CA VAL A 44 -8.79 -1.74 2.91
C VAL A 44 -10.26 -2.08 3.26
N GLY A 45 -10.49 -3.01 4.20
CA GLY A 45 -11.82 -3.28 4.75
C GLY A 45 -11.88 -4.54 5.63
N ASN A 46 -11.42 -5.67 5.07
CA ASN A 46 -11.29 -6.96 5.74
C ASN A 46 -9.93 -7.64 5.50
N HIS A 47 -9.05 -7.02 4.71
CA HIS A 47 -7.74 -7.54 4.29
C HIS A 47 -6.66 -6.46 4.32
N THR A 48 -5.40 -6.89 4.33
CA THR A 48 -4.21 -6.02 4.45
C THR A 48 -3.16 -6.28 3.37
N ALA A 49 -2.30 -5.28 3.13
CA ALA A 49 -1.12 -5.33 2.27
C ALA A 49 0.14 -4.93 3.05
N GLU A 50 1.31 -5.26 2.49
CA GLU A 50 2.63 -4.88 3.04
C GLU A 50 3.60 -4.50 1.90
N GLY A 51 4.53 -3.59 2.20
CA GLY A 51 5.60 -3.14 1.32
C GLY A 51 6.78 -2.54 2.10
N THR A 52 7.83 -2.14 1.37
CA THR A 52 9.08 -1.58 1.93
C THR A 52 9.55 -0.38 1.11
N GLY A 53 10.44 0.46 1.67
CA GLY A 53 10.87 1.70 1.02
C GLY A 53 11.88 2.50 1.84
N THR A 54 11.99 3.81 1.54
CA THR A 54 12.99 4.72 2.12
C THR A 54 12.37 5.92 2.86
N ASN A 55 11.19 6.38 2.45
CA ASN A 55 10.39 7.46 3.07
C ASN A 55 8.89 7.20 2.91
N LYS A 56 8.04 7.98 3.60
CA LYS A 56 6.57 7.82 3.59
C LYS A 56 5.92 7.83 2.19
N LYS A 57 6.42 8.61 1.23
CA LYS A 57 5.96 8.62 -0.18
C LYS A 57 6.58 7.52 -1.07
N VAL A 58 7.35 6.59 -0.49
CA VAL A 58 8.07 5.53 -1.23
C VAL A 58 7.63 4.13 -0.76
N ALA A 59 7.59 3.86 0.55
CA ALA A 59 7.13 2.56 1.08
C ALA A 59 5.67 2.24 0.72
N LYS A 60 4.84 3.28 0.63
CA LYS A 60 3.44 3.25 0.13
C LYS A 60 3.33 2.68 -1.30
N ARG A 61 4.36 2.87 -2.14
CA ARG A 61 4.33 2.56 -3.59
C ARG A 61 4.68 1.11 -3.89
N ASN A 62 5.56 0.46 -3.12
CA ASN A 62 5.86 -0.97 -3.27
C ASN A 62 4.76 -1.87 -2.71
N ALA A 63 4.11 -1.47 -1.62
CA ALA A 63 2.95 -2.18 -1.06
C ALA A 63 1.76 -2.31 -2.03
N ALA A 64 1.61 -1.37 -2.97
CA ALA A 64 0.47 -1.27 -3.88
C ALA A 64 0.21 -2.51 -4.74
N GLU A 65 1.27 -3.21 -5.15
CA GLU A 65 1.24 -4.50 -5.84
C GLU A 65 0.45 -5.59 -5.06
N ASN A 66 0.30 -5.39 -3.74
CA ASN A 66 -0.36 -6.28 -2.79
C ASN A 66 -1.65 -5.65 -2.24
N MET A 67 -2.14 -4.51 -2.77
CA MET A 67 -3.39 -3.86 -2.34
C MET A 67 -4.58 -4.10 -3.31
N LEU A 68 -4.42 -4.98 -4.30
CA LEU A 68 -5.46 -5.33 -5.28
C LEU A 68 -5.70 -6.84 -5.35
N GLU A 69 -4.64 -7.64 -5.22
CA GLU A 69 -4.69 -9.11 -5.17
C GLU A 69 -5.20 -9.66 -3.81
N ILE A 70 -5.59 -8.78 -2.89
CA ILE A 70 -5.99 -9.10 -1.51
C ILE A 70 -7.49 -9.00 -1.26
N LEU A 71 -8.20 -8.21 -2.07
CA LEU A 71 -9.64 -7.94 -1.94
C LEU A 71 -10.47 -8.13 -3.23
N GLY A 72 -9.81 -8.39 -4.38
CA GLY A 72 -10.48 -8.82 -5.62
C GLY A 72 -10.53 -7.79 -6.76
N PHE A 73 -9.50 -6.94 -6.91
CA PHE A 73 -9.43 -5.89 -7.94
C PHE A 73 -8.24 -6.01 -8.91
N LYS A 74 -7.62 -7.19 -8.90
CA LYS A 74 -6.56 -7.68 -9.81
C LYS A 74 -6.70 -9.19 -10.02
N GLY A 1 -8.42 -3.16 -16.31
CA GLY A 1 -7.16 -3.71 -15.74
C GLY A 1 -6.03 -3.67 -16.76
N SER A 2 -4.78 -3.75 -16.29
CA SER A 2 -3.55 -3.69 -17.11
C SER A 2 -3.44 -2.43 -18.01
N HIS A 3 -4.04 -1.31 -17.56
CA HIS A 3 -4.24 -0.08 -18.35
C HIS A 3 -3.76 1.19 -17.61
N MET A 4 -3.37 1.07 -16.36
CA MET A 4 -2.92 2.15 -15.46
C MET A 4 -1.97 1.56 -14.40
N ASN A 5 -1.19 2.41 -13.71
CA ASN A 5 -0.40 1.99 -12.55
C ASN A 5 -1.29 1.36 -11.45
N PRO A 6 -0.83 0.37 -10.66
CA PRO A 6 -1.57 -0.18 -9.52
C PRO A 6 -2.01 0.91 -8.54
N ILE A 7 -1.11 1.87 -8.33
CA ILE A 7 -1.14 2.93 -7.31
C ILE A 7 -2.24 3.96 -7.60
N SER A 8 -2.20 4.53 -8.81
CA SER A 8 -3.16 5.53 -9.31
C SER A 8 -4.56 4.92 -9.54
N ARG A 9 -4.71 3.58 -9.49
CA ARG A 9 -6.00 2.87 -9.59
C ARG A 9 -6.55 2.50 -8.21
N LEU A 10 -5.74 1.94 -7.30
CA LEU A 10 -6.10 1.59 -5.92
C LEU A 10 -6.75 2.77 -5.16
N ALA A 11 -6.07 3.92 -5.12
CA ALA A 11 -6.58 5.15 -4.50
C ALA A 11 -7.88 5.68 -5.17
N GLN A 12 -8.15 5.27 -6.41
CA GLN A 12 -9.26 5.71 -7.25
C GLN A 12 -10.51 4.83 -7.08
N ILE A 13 -10.31 3.52 -6.91
CA ILE A 13 -11.38 2.53 -6.62
C ILE A 13 -12.20 2.93 -5.39
N GLN A 14 -11.57 3.39 -4.31
CA GLN A 14 -12.27 3.84 -3.11
C GLN A 14 -13.28 4.96 -3.41
N GLN A 15 -12.93 5.89 -4.30
CA GLN A 15 -13.79 7.02 -4.65
C GLN A 15 -15.01 6.56 -5.46
N ALA A 16 -14.82 5.57 -6.35
CA ALA A 16 -15.89 4.88 -7.06
C ALA A 16 -16.88 4.13 -6.13
N LYS A 17 -16.40 3.69 -4.95
CA LYS A 17 -17.19 3.06 -3.87
C LYS A 17 -17.80 4.08 -2.89
N LYS A 18 -17.60 5.39 -3.15
CA LYS A 18 -17.97 6.52 -2.28
C LYS A 18 -17.31 6.44 -0.88
N GLU A 19 -16.08 5.94 -0.86
CA GLU A 19 -15.24 5.75 0.34
C GLU A 19 -13.93 6.53 0.27
N LYS A 20 -13.22 6.62 1.41
CA LYS A 20 -11.89 7.23 1.54
C LYS A 20 -10.79 6.16 1.47
N GLU A 21 -9.54 6.60 1.42
CA GLU A 21 -8.35 5.75 1.27
C GLU A 21 -8.20 4.64 2.35
N PRO A 22 -7.45 3.56 2.04
CA PRO A 22 -7.02 2.54 3.01
C PRO A 22 -6.32 3.09 4.27
N GLU A 23 -6.22 2.25 5.31
CA GLU A 23 -5.61 2.60 6.61
C GLU A 23 -4.10 2.34 6.62
N TYR A 24 -3.31 3.20 5.95
CA TYR A 24 -1.84 3.13 5.93
C TYR A 24 -1.24 3.38 7.33
N THR A 25 -0.19 2.62 7.69
CA THR A 25 0.48 2.63 9.01
C THR A 25 1.98 2.37 8.86
N LEU A 26 2.81 3.03 9.67
CA LEU A 26 4.27 2.82 9.72
C LEU A 26 4.64 1.66 10.66
N LEU A 27 5.69 0.90 10.34
CA LEU A 27 6.25 -0.14 11.22
C LEU A 27 7.67 0.22 11.67
N THR A 28 8.65 0.04 10.76
CA THR A 28 10.10 0.32 10.91
C THR A 28 10.76 -0.27 12.16
N GLU A 29 10.21 -1.37 12.68
CA GLU A 29 10.76 -2.15 13.79
C GLU A 29 11.98 -3.01 13.37
N ARG A 30 12.07 -3.34 12.08
CA ARG A 30 13.11 -4.18 11.42
C ARG A 30 13.23 -5.60 12.00
N GLY A 31 14.12 -6.40 11.41
CA GLY A 31 14.33 -7.81 11.76
C GLY A 31 15.60 -8.46 11.18
N LEU A 32 16.59 -7.65 10.78
CA LEU A 32 17.87 -8.10 10.22
C LEU A 32 19.05 -7.22 10.71
N PRO A 33 20.26 -7.80 10.88
CA PRO A 33 21.44 -7.05 11.31
C PRO A 33 22.02 -6.22 10.15
N ARG A 34 22.47 -4.99 10.46
CA ARG A 34 23.10 -4.03 9.52
C ARG A 34 22.24 -3.81 8.26
N ARG A 35 20.90 -3.78 8.42
CA ARG A 35 19.93 -3.66 7.31
C ARG A 35 18.68 -2.88 7.72
N ARG A 36 18.54 -1.68 7.15
CA ARG A 36 17.53 -0.66 7.49
C ARG A 36 16.88 -0.09 6.23
N GLU A 37 15.57 0.16 6.29
CA GLU A 37 14.71 0.72 5.23
C GLU A 37 13.33 1.09 5.82
N PHE A 38 12.55 1.94 5.14
CA PHE A 38 11.15 2.18 5.50
C PHE A 38 10.35 0.88 5.38
N VAL A 39 9.38 0.65 6.26
CA VAL A 39 8.45 -0.48 6.17
C VAL A 39 7.03 0.01 6.50
N MET A 40 6.10 -0.20 5.57
CA MET A 40 4.71 0.27 5.62
C MET A 40 3.77 -0.94 5.69
N GLN A 41 2.68 -0.83 6.44
CA GLN A 41 1.58 -1.79 6.53
C GLN A 41 0.24 -1.07 6.38
N VAL A 42 -0.64 -1.57 5.52
CA VAL A 42 -1.96 -0.98 5.25
C VAL A 42 -3.05 -2.01 5.45
N LYS A 43 -4.24 -1.57 5.85
CA LYS A 43 -5.44 -2.41 6.02
C LYS A 43 -6.62 -1.84 5.22
N VAL A 44 -7.46 -2.73 4.66
CA VAL A 44 -8.57 -2.34 3.76
C VAL A 44 -9.95 -2.83 4.29
N GLY A 45 -9.97 -3.75 5.25
CA GLY A 45 -11.19 -4.17 5.95
C GLY A 45 -11.00 -5.39 6.85
N ASN A 46 -10.45 -6.46 6.29
CA ASN A 46 -10.12 -7.73 6.98
C ASN A 46 -8.72 -8.27 6.59
N HIS A 47 -8.04 -7.59 5.66
CA HIS A 47 -6.74 -8.01 5.08
C HIS A 47 -5.77 -6.83 4.97
N THR A 48 -4.48 -7.14 4.84
CA THR A 48 -3.37 -6.17 4.83
C THR A 48 -2.36 -6.38 3.70
N ALA A 49 -1.63 -5.31 3.35
CA ALA A 49 -0.48 -5.33 2.45
C ALA A 49 0.74 -4.67 3.10
N GLU A 50 1.92 -4.86 2.52
CA GLU A 50 3.19 -4.28 2.94
C GLU A 50 4.02 -3.81 1.74
N GLY A 51 4.92 -2.86 2.00
CA GLY A 51 5.89 -2.28 1.06
C GLY A 51 7.04 -1.59 1.80
N THR A 52 8.09 -1.23 1.06
CA THR A 52 9.31 -0.59 1.60
C THR A 52 9.75 0.59 0.74
N GLY A 53 10.67 1.43 1.23
CA GLY A 53 11.05 2.68 0.56
C GLY A 53 12.07 3.53 1.33
N THR A 54 12.17 4.80 0.94
CA THR A 54 13.16 5.78 1.45
C THR A 54 12.53 7.06 2.01
N ASN A 55 11.26 7.34 1.68
CA ASN A 55 10.45 8.39 2.28
C ASN A 55 8.94 8.08 2.23
N LYS A 56 8.15 8.91 2.92
CA LYS A 56 6.67 8.85 2.94
C LYS A 56 5.95 9.03 1.60
N LYS A 57 6.66 9.32 0.49
CA LYS A 57 6.10 9.32 -0.89
C LYS A 57 6.68 8.19 -1.77
N VAL A 58 7.38 7.21 -1.18
CA VAL A 58 8.04 6.09 -1.88
C VAL A 58 7.66 4.72 -1.29
N ALA A 59 7.37 4.60 0.01
CA ALA A 59 6.90 3.34 0.58
C ALA A 59 5.46 2.98 0.16
N LYS A 60 4.55 3.96 0.17
CA LYS A 60 3.15 3.87 -0.30
C LYS A 60 3.07 3.45 -1.78
N ARG A 61 4.03 3.89 -2.59
CA ARG A 61 4.20 3.60 -4.03
C ARG A 61 4.43 2.11 -4.30
N ASN A 62 5.17 1.43 -3.43
CA ASN A 62 5.59 0.04 -3.60
C ASN A 62 4.58 -0.99 -3.07
N ALA A 63 3.99 -0.75 -1.89
CA ALA A 63 2.94 -1.61 -1.32
C ALA A 63 1.71 -1.79 -2.23
N ALA A 64 1.39 -0.78 -3.04
CA ALA A 64 0.21 -0.72 -3.90
C ALA A 64 0.05 -1.90 -4.88
N GLU A 65 1.16 -2.50 -5.33
CA GLU A 65 1.18 -3.71 -6.15
C GLU A 65 0.49 -4.92 -5.48
N ASN A 66 0.44 -4.96 -4.14
CA ASN A 66 -0.18 -6.01 -3.34
C ASN A 66 -1.61 -5.65 -2.90
N MET A 67 -1.93 -4.35 -2.71
CA MET A 67 -3.21 -3.85 -2.16
C MET A 67 -4.48 -4.22 -2.94
N LEU A 68 -4.38 -4.88 -4.11
CA LEU A 68 -5.52 -5.40 -4.88
C LEU A 68 -5.65 -6.93 -4.77
N GLU A 69 -4.52 -7.64 -4.61
CA GLU A 69 -4.47 -9.11 -4.53
C GLU A 69 -4.72 -9.65 -3.11
N ILE A 70 -4.84 -8.76 -2.12
CA ILE A 70 -5.02 -9.12 -0.69
C ILE A 70 -6.49 -9.32 -0.32
N LEU A 71 -7.40 -8.75 -1.11
CA LEU A 71 -8.85 -8.74 -0.88
C LEU A 71 -9.69 -9.14 -2.11
N GLY A 72 -9.04 -9.45 -3.23
CA GLY A 72 -9.68 -9.95 -4.45
C GLY A 72 -10.22 -8.87 -5.40
N PHE A 73 -9.64 -7.67 -5.38
CA PHE A 73 -9.91 -6.60 -6.37
C PHE A 73 -9.18 -6.86 -7.72
N LYS A 74 -8.33 -7.89 -7.77
CA LYS A 74 -7.56 -8.36 -8.93
C LYS A 74 -7.54 -9.91 -8.96
N GLY A 1 -3.28 3.10 -22.22
CA GLY A 1 -3.56 2.32 -20.99
C GLY A 1 -5.05 2.22 -20.71
N SER A 2 -5.48 1.17 -20.00
CA SER A 2 -6.90 0.89 -19.68
C SER A 2 -7.16 0.45 -18.23
N HIS A 3 -6.11 0.36 -17.39
CA HIS A 3 -6.17 -0.10 -16.00
C HIS A 3 -5.34 0.76 -15.01
N MET A 4 -4.59 1.77 -15.51
CA MET A 4 -3.61 2.57 -14.74
C MET A 4 -2.55 1.71 -14.03
N ASN A 5 -1.67 2.36 -13.26
CA ASN A 5 -0.74 1.69 -12.34
C ASN A 5 -1.53 1.03 -11.17
N PRO A 6 -0.96 0.06 -10.43
CA PRO A 6 -1.61 -0.60 -9.27
C PRO A 6 -2.01 0.33 -8.10
N ILE A 7 -1.80 1.63 -8.24
CA ILE A 7 -1.86 2.66 -7.19
C ILE A 7 -2.97 3.67 -7.53
N SER A 8 -2.86 4.34 -8.68
CA SER A 8 -3.93 5.19 -9.23
C SER A 8 -5.22 4.42 -9.56
N ARG A 9 -5.18 3.08 -9.68
CA ARG A 9 -6.37 2.23 -9.78
C ARG A 9 -7.03 2.05 -8.41
N LEU A 10 -6.26 1.59 -7.40
CA LEU A 10 -6.75 1.35 -6.03
C LEU A 10 -7.30 2.62 -5.37
N ALA A 11 -6.57 3.72 -5.48
CA ALA A 11 -6.96 5.06 -4.98
C ALA A 11 -8.22 5.66 -5.66
N GLN A 12 -8.74 5.01 -6.70
CA GLN A 12 -9.84 5.48 -7.55
C GLN A 12 -11.09 4.59 -7.43
N ILE A 13 -10.90 3.30 -7.13
CA ILE A 13 -11.97 2.35 -6.77
C ILE A 13 -12.78 2.84 -5.56
N GLN A 14 -12.12 3.27 -4.47
CA GLN A 14 -12.79 3.80 -3.26
C GLN A 14 -13.78 4.93 -3.58
N GLN A 15 -13.43 5.81 -4.52
CA GLN A 15 -14.26 6.94 -4.91
C GLN A 15 -15.50 6.48 -5.71
N ALA A 16 -15.33 5.46 -6.55
CA ALA A 16 -16.39 4.85 -7.35
C ALA A 16 -17.46 4.09 -6.52
N LYS A 17 -17.11 3.66 -5.29
CA LYS A 17 -18.01 2.98 -4.34
C LYS A 17 -18.46 3.90 -3.18
N LYS A 18 -18.27 5.22 -3.35
CA LYS A 18 -18.58 6.31 -2.40
C LYS A 18 -17.91 6.18 -1.03
N GLU A 19 -16.83 5.40 -0.96
CA GLU A 19 -15.93 5.27 0.19
C GLU A 19 -14.83 6.35 0.17
N LYS A 20 -13.96 6.32 1.18
CA LYS A 20 -12.73 7.11 1.28
C LYS A 20 -11.49 6.21 1.29
N GLU A 21 -10.31 6.80 1.24
CA GLU A 21 -9.02 6.09 1.10
C GLU A 21 -8.71 5.06 2.21
N PRO A 22 -7.82 4.09 1.94
CA PRO A 22 -7.23 3.20 2.95
C PRO A 22 -6.53 3.97 4.10
N GLU A 23 -6.11 3.24 5.14
CA GLU A 23 -5.24 3.77 6.20
C GLU A 23 -3.87 3.09 6.14
N TYR A 24 -2.79 3.87 6.32
CA TYR A 24 -1.40 3.45 6.10
C TYR A 24 -0.53 3.72 7.35
N THR A 25 0.52 2.91 7.57
CA THR A 25 1.38 2.98 8.76
C THR A 25 2.84 2.63 8.49
N LEU A 26 3.72 2.90 9.48
CA LEU A 26 5.17 2.64 9.49
C LEU A 26 5.50 1.79 10.72
N LEU A 27 5.97 0.56 10.49
CA LEU A 27 6.14 -0.46 11.54
C LEU A 27 7.53 -0.42 12.19
N THR A 28 8.57 -0.31 11.37
CA THR A 28 9.98 -0.47 11.76
C THR A 28 10.94 0.03 10.68
N GLU A 29 12.22 0.10 11.03
CA GLU A 29 13.36 0.35 10.13
C GLU A 29 14.29 -0.88 10.03
N ARG A 30 13.78 -2.07 10.41
CA ARG A 30 14.44 -3.39 10.57
C ARG A 30 15.30 -3.47 11.83
N GLY A 31 16.05 -2.42 12.14
CA GLY A 31 16.86 -2.30 13.37
C GLY A 31 17.93 -3.38 13.57
N LEU A 32 18.37 -4.03 12.48
CA LEU A 32 19.41 -5.07 12.50
C LEU A 32 20.80 -4.46 12.80
N PRO A 33 21.76 -5.25 13.31
CA PRO A 33 23.07 -4.73 13.73
C PRO A 33 23.95 -4.23 12.56
N ARG A 34 23.65 -4.64 11.32
CA ARG A 34 24.30 -4.14 10.10
C ARG A 34 23.36 -4.02 8.88
N ARG A 35 22.07 -3.76 9.11
CA ARG A 35 21.08 -3.44 8.05
C ARG A 35 19.92 -2.57 8.55
N ARG A 36 19.39 -1.72 7.67
CA ARG A 36 18.26 -0.80 7.89
C ARG A 36 17.41 -0.66 6.62
N GLU A 37 16.16 -0.21 6.77
CA GLU A 37 15.15 -0.06 5.70
C GLU A 37 13.98 0.83 6.18
N PHE A 38 12.85 0.83 5.47
CA PHE A 38 11.55 1.40 5.85
C PHE A 38 10.53 0.27 5.61
N VAL A 39 9.55 0.09 6.49
CA VAL A 39 8.51 -0.96 6.35
C VAL A 39 7.12 -0.37 6.58
N MET A 40 6.20 -0.63 5.65
CA MET A 40 4.87 0.00 5.56
C MET A 40 3.76 -1.06 5.58
N GLN A 41 2.65 -0.82 6.29
CA GLN A 41 1.42 -1.63 6.20
C GLN A 41 0.23 -0.72 5.90
N VAL A 42 -0.67 -1.19 5.04
CA VAL A 42 -1.94 -0.53 4.72
C VAL A 42 -3.10 -1.47 5.04
N LYS A 43 -4.25 -0.92 5.42
CA LYS A 43 -5.51 -1.65 5.64
C LYS A 43 -6.66 -0.98 4.87
N VAL A 44 -7.46 -1.79 4.18
CA VAL A 44 -8.53 -1.31 3.27
C VAL A 44 -9.95 -1.64 3.78
N GLY A 45 -10.09 -2.55 4.75
CA GLY A 45 -11.36 -2.85 5.43
C GLY A 45 -11.29 -4.08 6.34
N ASN A 46 -10.82 -5.19 5.78
CA ASN A 46 -10.60 -6.47 6.48
C ASN A 46 -9.26 -7.13 6.10
N HIS A 47 -8.51 -6.54 5.16
CA HIS A 47 -7.26 -7.08 4.60
C HIS A 47 -6.17 -6.01 4.47
N THR A 48 -4.92 -6.46 4.34
CA THR A 48 -3.72 -5.60 4.35
C THR A 48 -2.70 -5.95 3.26
N ALA A 49 -1.82 -4.99 2.97
CA ALA A 49 -0.62 -5.15 2.13
C ALA A 49 0.61 -4.56 2.85
N GLU A 50 1.80 -4.90 2.37
CA GLU A 50 3.07 -4.38 2.88
C GLU A 50 4.05 -4.04 1.74
N GLY A 51 4.97 -3.12 2.01
CA GLY A 51 5.99 -2.60 1.09
C GLY A 51 7.15 -1.93 1.84
N THR A 52 8.18 -1.54 1.09
CA THR A 52 9.42 -0.93 1.60
C THR A 52 9.88 0.23 0.72
N GLY A 53 10.79 1.09 1.20
CA GLY A 53 11.20 2.31 0.49
C GLY A 53 12.29 3.12 1.19
N THR A 54 12.40 4.41 0.83
CA THR A 54 13.39 5.36 1.39
C THR A 54 12.76 6.69 1.88
N ASN A 55 11.47 6.92 1.64
CA ASN A 55 10.68 8.01 2.21
C ASN A 55 9.17 7.69 2.21
N LYS A 56 8.40 8.52 2.92
CA LYS A 56 6.93 8.43 3.01
C LYS A 56 6.16 8.62 1.70
N LYS A 57 6.80 9.00 0.59
CA LYS A 57 6.19 9.04 -0.76
C LYS A 57 6.67 7.90 -1.68
N VAL A 58 7.42 6.92 -1.15
CA VAL A 58 8.00 5.80 -1.92
C VAL A 58 7.65 4.43 -1.34
N ALA A 59 7.63 4.24 -0.02
CA ALA A 59 7.18 2.97 0.57
C ALA A 59 5.72 2.64 0.27
N LYS A 60 4.88 3.68 0.15
CA LYS A 60 3.46 3.60 -0.25
C LYS A 60 3.27 3.02 -1.66
N ARG A 61 4.18 3.30 -2.61
CA ARG A 61 4.06 2.83 -4.00
C ARG A 61 4.45 1.38 -4.22
N ASN A 62 5.41 0.85 -3.45
CA ASN A 62 5.87 -0.53 -3.58
C ASN A 62 4.88 -1.56 -3.02
N ALA A 63 4.18 -1.22 -1.93
CA ALA A 63 3.05 -2.03 -1.43
C ALA A 63 1.86 -2.14 -2.41
N ALA A 64 1.68 -1.15 -3.29
CA ALA A 64 0.50 -1.04 -4.17
C ALA A 64 0.26 -2.26 -5.05
N GLU A 65 1.34 -2.90 -5.53
CA GLU A 65 1.34 -4.17 -6.28
C GLU A 65 0.55 -5.31 -5.60
N ASN A 66 0.36 -5.24 -4.27
CA ASN A 66 -0.37 -6.21 -3.47
C ASN A 66 -1.76 -5.69 -3.05
N MET A 67 -1.99 -4.37 -2.99
CA MET A 67 -3.26 -3.73 -2.57
C MET A 67 -4.47 -3.98 -3.50
N LEU A 68 -4.40 -4.95 -4.42
CA LEU A 68 -5.48 -5.36 -5.34
C LEU A 68 -5.75 -6.87 -5.25
N GLU A 69 -4.70 -7.68 -5.03
CA GLU A 69 -4.82 -9.14 -4.83
C GLU A 69 -5.33 -9.54 -3.43
N ILE A 70 -5.50 -8.57 -2.51
CA ILE A 70 -5.77 -8.81 -1.08
C ILE A 70 -7.27 -8.72 -0.74
N LEU A 71 -8.04 -8.03 -1.58
CA LEU A 71 -9.46 -7.70 -1.36
C LEU A 71 -10.37 -7.99 -2.57
N GLY A 72 -9.79 -8.36 -3.72
CA GLY A 72 -10.52 -8.87 -4.89
C GLY A 72 -10.67 -7.89 -6.07
N PHE A 73 -9.67 -7.03 -6.32
CA PHE A 73 -9.68 -6.01 -7.38
C PHE A 73 -8.53 -6.14 -8.40
N LYS A 74 -7.77 -7.24 -8.31
CA LYS A 74 -6.76 -7.70 -9.28
C LYS A 74 -7.28 -7.81 -10.73
N GLY A 1 -7.02 0.14 -25.91
CA GLY A 1 -7.41 0.14 -24.48
C GLY A 1 -6.60 1.17 -23.69
N SER A 2 -6.49 0.98 -22.37
CA SER A 2 -5.78 1.85 -21.43
C SER A 2 -5.24 1.09 -20.21
N HIS A 3 -4.41 1.77 -19.40
CA HIS A 3 -3.82 1.24 -18.16
C HIS A 3 -3.59 2.36 -17.13
N MET A 4 -3.39 1.99 -15.85
CA MET A 4 -3.14 2.90 -14.72
C MET A 4 -2.27 2.20 -13.67
N ASN A 5 -1.39 2.97 -13.02
CA ASN A 5 -0.49 2.47 -11.98
C ASN A 5 -1.26 1.87 -10.80
N PRO A 6 -0.75 0.82 -10.10
CA PRO A 6 -1.44 0.17 -8.97
C PRO A 6 -1.88 1.17 -7.88
N ILE A 7 -1.02 2.15 -7.67
CA ILE A 7 -1.09 3.21 -6.65
C ILE A 7 -2.29 4.12 -6.90
N SER A 8 -2.39 4.68 -8.12
CA SER A 8 -3.54 5.48 -8.56
C SER A 8 -4.80 4.64 -8.69
N ARG A 9 -4.71 3.38 -9.17
CA ARG A 9 -5.86 2.46 -9.33
C ARG A 9 -6.66 2.25 -8.05
N LEU A 10 -6.01 2.06 -6.91
CA LEU A 10 -6.68 1.91 -5.60
C LEU A 10 -7.51 3.17 -5.25
N ALA A 11 -6.90 4.36 -5.41
CA ALA A 11 -7.52 5.69 -5.30
C ALA A 11 -8.55 6.04 -6.42
N GLN A 12 -8.87 5.05 -7.25
CA GLN A 12 -9.77 5.11 -8.39
C GLN A 12 -10.88 4.03 -8.35
N ILE A 13 -10.79 3.13 -7.37
CA ILE A 13 -11.68 1.99 -7.12
C ILE A 13 -12.57 2.20 -5.88
N GLN A 14 -12.07 2.80 -4.79
CA GLN A 14 -12.87 2.97 -3.57
C GLN A 14 -14.18 3.74 -3.81
N GLN A 15 -14.16 4.76 -4.66
CA GLN A 15 -15.36 5.55 -4.95
C GLN A 15 -16.35 4.80 -5.84
N ALA A 16 -15.83 3.98 -6.77
CA ALA A 16 -16.61 3.09 -7.63
C ALA A 16 -17.37 1.99 -6.86
N LYS A 17 -16.92 1.66 -5.65
CA LYS A 17 -17.58 0.75 -4.69
C LYS A 17 -18.57 1.50 -3.75
N LYS A 18 -18.69 2.83 -3.91
CA LYS A 18 -19.39 3.77 -3.00
C LYS A 18 -18.84 3.71 -1.56
N GLU A 19 -17.60 3.26 -1.41
CA GLU A 19 -16.83 3.29 -0.17
C GLU A 19 -16.08 4.63 -0.01
N LYS A 20 -15.26 4.73 1.03
CA LYS A 20 -14.39 5.89 1.33
C LYS A 20 -12.91 5.52 1.16
N GLU A 21 -12.07 6.55 1.02
CA GLU A 21 -10.63 6.46 0.85
C GLU A 21 -9.91 5.64 1.94
N PRO A 22 -8.73 5.04 1.65
CA PRO A 22 -7.95 4.27 2.61
C PRO A 22 -7.29 5.14 3.70
N GLU A 23 -6.63 4.49 4.66
CA GLU A 23 -5.82 5.15 5.70
C GLU A 23 -4.48 4.41 5.89
N TYR A 24 -3.38 5.17 6.03
CA TYR A 24 -2.00 4.66 6.00
C TYR A 24 -1.29 4.90 7.34
N THR A 25 -0.29 4.07 7.63
CA THR A 25 0.43 3.94 8.91
C THR A 25 1.90 3.61 8.64
N LEU A 26 2.80 4.15 9.48
CA LEU A 26 4.25 4.05 9.33
C LEU A 26 4.83 3.22 10.49
N LEU A 27 5.00 1.92 10.26
CA LEU A 27 5.35 0.92 11.29
C LEU A 27 6.76 1.11 11.85
N THR A 28 7.74 0.99 10.95
CA THR A 28 9.18 1.22 11.13
C THR A 28 9.80 0.59 12.39
N GLU A 29 9.32 -0.60 12.75
CA GLU A 29 9.80 -1.36 13.93
C GLU A 29 11.19 -2.01 13.73
N ARG A 30 11.73 -1.99 12.50
CA ARG A 30 13.06 -2.50 12.12
C ARG A 30 14.22 -2.04 13.02
N GLY A 31 15.21 -2.90 13.19
CA GLY A 31 16.42 -2.64 13.99
C GLY A 31 17.40 -3.83 14.04
N LEU A 32 17.49 -4.60 12.96
CA LEU A 32 18.31 -5.82 12.86
C LEU A 32 19.83 -5.51 12.90
N PRO A 33 20.68 -6.46 13.37
CA PRO A 33 22.14 -6.32 13.36
C PRO A 33 22.71 -5.90 11.98
N ARG A 34 23.39 -4.75 11.95
CA ARG A 34 24.03 -4.14 10.76
C ARG A 34 23.09 -4.05 9.54
N ARG A 35 21.81 -3.74 9.78
CA ARG A 35 20.75 -3.64 8.75
C ARG A 35 19.70 -2.58 9.12
N ARG A 36 19.23 -1.83 8.12
CA ARG A 36 18.29 -0.70 8.22
C ARG A 36 17.36 -0.67 7.00
N GLU A 37 16.14 -0.13 7.17
CA GLU A 37 15.05 -0.22 6.18
C GLU A 37 13.87 0.72 6.52
N PHE A 38 12.84 0.77 5.68
CA PHE A 38 11.54 1.43 5.92
C PHE A 38 10.37 0.50 5.57
N VAL A 39 9.23 0.65 6.26
CA VAL A 39 8.06 -0.25 6.17
C VAL A 39 6.75 0.52 6.34
N MET A 40 5.77 0.24 5.49
CA MET A 40 4.46 0.95 5.41
C MET A 40 3.31 -0.06 5.53
N GLN A 41 2.20 0.35 6.16
CA GLN A 41 0.94 -0.40 6.26
C GLN A 41 -0.26 0.49 5.91
N VAL A 42 -1.24 -0.05 5.19
CA VAL A 42 -2.49 0.63 4.83
C VAL A 42 -3.67 -0.27 5.16
N LYS A 43 -4.83 0.31 5.45
CA LYS A 43 -6.11 -0.39 5.65
C LYS A 43 -7.19 0.18 4.72
N VAL A 44 -8.02 -0.69 4.15
CA VAL A 44 -8.97 -0.34 3.08
C VAL A 44 -10.44 -0.69 3.42
N GLY A 45 -10.67 -1.44 4.51
CA GLY A 45 -12.01 -1.69 5.06
C GLY A 45 -12.06 -2.84 6.05
N ASN A 46 -11.51 -3.99 5.64
CA ASN A 46 -11.37 -5.21 6.44
C ASN A 46 -9.97 -5.84 6.31
N HIS A 47 -9.13 -5.33 5.40
CA HIS A 47 -7.83 -5.92 5.04
C HIS A 47 -6.71 -4.87 4.95
N THR A 48 -5.46 -5.32 4.99
CA THR A 48 -4.25 -4.48 4.97
C THR A 48 -3.19 -4.99 3.98
N ALA A 49 -2.30 -4.08 3.55
CA ALA A 49 -1.13 -4.38 2.72
C ALA A 49 0.17 -3.94 3.41
N GLU A 50 1.32 -4.39 2.87
CA GLU A 50 2.66 -4.03 3.32
C GLU A 50 3.58 -3.78 2.11
N GLY A 51 4.60 -2.95 2.32
CA GLY A 51 5.65 -2.60 1.37
C GLY A 51 6.84 -1.92 2.07
N THR A 52 7.94 -1.74 1.34
CA THR A 52 9.22 -1.24 1.87
C THR A 52 9.80 -0.14 0.98
N GLY A 53 10.76 0.65 1.49
CA GLY A 53 11.31 1.80 0.77
C GLY A 53 12.42 2.53 1.52
N THR A 54 12.62 3.81 1.17
CA THR A 54 13.69 4.67 1.72
C THR A 54 13.19 6.02 2.26
N ASN A 55 12.01 6.49 1.82
CA ASN A 55 11.34 7.71 2.30
C ASN A 55 9.83 7.48 2.47
N LYS A 56 9.15 8.36 3.22
CA LYS A 56 7.69 8.34 3.43
C LYS A 56 6.83 8.43 2.15
N LYS A 57 7.37 8.91 1.02
CA LYS A 57 6.71 8.89 -0.31
C LYS A 57 7.20 7.74 -1.22
N VAL A 58 8.00 6.81 -0.71
CA VAL A 58 8.60 5.68 -1.46
C VAL A 58 8.18 4.31 -0.90
N ALA A 59 8.05 4.14 0.41
CA ALA A 59 7.55 2.88 0.98
C ALA A 59 6.08 2.59 0.61
N LYS A 60 5.26 3.64 0.54
CA LYS A 60 3.87 3.63 0.02
C LYS A 60 3.76 3.17 -1.45
N ARG A 61 4.76 3.50 -2.26
CA ARG A 61 4.84 3.22 -3.71
C ARG A 61 4.93 1.71 -3.99
N ASN A 62 5.65 0.97 -3.14
CA ASN A 62 5.88 -0.47 -3.30
C ASN A 62 4.74 -1.32 -2.70
N ALA A 63 4.19 -0.92 -1.55
CA ALA A 63 2.99 -1.55 -0.96
C ALA A 63 1.78 -1.61 -1.91
N ALA A 64 1.66 -0.63 -2.80
CA ALA A 64 0.55 -0.46 -3.74
C ALA A 64 0.22 -1.68 -4.61
N GLU A 65 1.23 -2.44 -5.03
CA GLU A 65 1.06 -3.67 -5.81
C GLU A 65 0.27 -4.76 -5.03
N ASN A 66 0.34 -4.75 -3.69
CA ASN A 66 -0.40 -5.65 -2.82
C ASN A 66 -1.81 -5.11 -2.48
N MET A 67 -2.02 -3.78 -2.47
CA MET A 67 -3.28 -3.11 -2.07
C MET A 67 -4.55 -3.53 -2.85
N LEU A 68 -4.41 -4.31 -3.93
CA LEU A 68 -5.52 -4.82 -4.75
C LEU A 68 -5.72 -6.34 -4.61
N GLU A 69 -4.65 -7.09 -4.30
CA GLU A 69 -4.71 -8.54 -4.01
C GLU A 69 -5.31 -8.84 -2.63
N ILE A 70 -5.25 -7.87 -1.70
CA ILE A 70 -5.69 -7.98 -0.31
C ILE A 70 -7.22 -7.90 -0.18
N LEU A 71 -7.88 -7.34 -1.18
CA LEU A 71 -9.32 -7.03 -1.22
C LEU A 71 -10.02 -7.55 -2.49
N GLY A 72 -9.26 -8.14 -3.43
CA GLY A 72 -9.76 -8.88 -4.58
C GLY A 72 -10.11 -8.08 -5.84
N PHE A 73 -9.33 -7.04 -6.17
CA PHE A 73 -9.53 -6.15 -7.34
C PHE A 73 -8.34 -6.12 -8.32
N LYS A 74 -7.30 -6.93 -8.06
CA LYS A 74 -6.11 -7.07 -8.92
C LYS A 74 -6.44 -7.37 -10.39
N GLY A 1 -5.78 -6.11 -14.24
CA GLY A 1 -5.72 -4.64 -14.40
C GLY A 1 -4.69 -4.25 -15.44
N SER A 2 -4.98 -3.22 -16.24
CA SER A 2 -4.08 -2.69 -17.29
C SER A 2 -4.37 -1.21 -17.59
N HIS A 3 -3.54 -0.59 -18.45
CA HIS A 3 -3.60 0.82 -18.92
C HIS A 3 -3.53 1.92 -17.83
N MET A 4 -3.26 1.55 -16.58
CA MET A 4 -3.10 2.44 -15.43
C MET A 4 -2.19 1.78 -14.38
N ASN A 5 -1.51 2.58 -13.55
CA ASN A 5 -0.73 2.09 -12.41
C ASN A 5 -1.63 1.32 -11.40
N PRO A 6 -1.10 0.38 -10.59
CA PRO A 6 -1.87 -0.22 -9.49
C PRO A 6 -2.37 0.84 -8.50
N ILE A 7 -1.52 1.84 -8.26
CA ILE A 7 -1.65 2.88 -7.22
C ILE A 7 -2.78 3.86 -7.55
N SER A 8 -2.69 4.51 -8.71
CA SER A 8 -3.71 5.42 -9.27
C SER A 8 -5.02 4.71 -9.70
N ARG A 9 -5.14 3.39 -9.49
CA ARG A 9 -6.33 2.59 -9.75
C ARG A 9 -7.00 2.16 -8.43
N LEU A 10 -6.23 1.61 -7.48
CA LEU A 10 -6.70 1.29 -6.13
C LEU A 10 -7.19 2.53 -5.36
N ALA A 11 -6.43 3.63 -5.41
CA ALA A 11 -6.80 4.93 -4.85
C ALA A 11 -8.02 5.61 -5.55
N GLN A 12 -8.53 5.01 -6.62
CA GLN A 12 -9.61 5.53 -7.45
C GLN A 12 -10.91 4.73 -7.29
N ILE A 13 -10.80 3.41 -7.11
CA ILE A 13 -11.94 2.50 -6.81
C ILE A 13 -12.74 2.95 -5.57
N GLN A 14 -12.08 3.35 -4.48
CA GLN A 14 -12.78 3.80 -3.26
C GLN A 14 -13.69 5.01 -3.54
N GLN A 15 -13.28 5.91 -4.42
CA GLN A 15 -14.04 7.11 -4.78
C GLN A 15 -15.26 6.75 -5.65
N ALA A 16 -15.11 5.77 -6.54
CA ALA A 16 -16.23 5.20 -7.31
C ALA A 16 -17.29 4.51 -6.41
N LYS A 17 -16.87 3.98 -5.25
CA LYS A 17 -17.74 3.42 -4.18
C LYS A 17 -18.29 4.48 -3.21
N LYS A 18 -18.00 5.77 -3.48
CA LYS A 18 -18.34 6.94 -2.66
C LYS A 18 -17.75 6.85 -1.23
N GLU A 19 -16.58 6.23 -1.10
CA GLU A 19 -15.89 5.97 0.16
C GLU A 19 -14.50 6.64 0.24
N LYS A 20 -13.97 6.74 1.47
CA LYS A 20 -12.61 7.24 1.74
C LYS A 20 -11.54 6.18 1.49
N GLU A 21 -10.29 6.63 1.52
CA GLU A 21 -9.10 5.82 1.22
C GLU A 21 -8.83 4.70 2.25
N PRO A 22 -8.01 3.68 1.90
CA PRO A 22 -7.55 2.63 2.83
C PRO A 22 -6.94 3.12 4.15
N GLU A 23 -6.80 2.19 5.11
CA GLU A 23 -6.20 2.45 6.42
C GLU A 23 -4.69 2.17 6.37
N TYR A 24 -3.93 3.07 5.73
CA TYR A 24 -2.46 3.02 5.69
C TYR A 24 -1.85 3.35 7.07
N THR A 25 -0.79 2.62 7.43
CA THR A 25 -0.04 2.72 8.70
C THR A 25 1.43 2.36 8.43
N LEU A 26 2.36 2.75 9.30
CA LEU A 26 3.76 2.36 9.21
C LEU A 26 4.23 1.65 10.49
N LEU A 27 5.23 0.77 10.31
CA LEU A 27 5.66 -0.17 11.34
C LEU A 27 7.06 0.14 11.87
N THR A 28 8.04 0.22 10.97
CA THR A 28 9.47 0.27 11.35
C THR A 28 10.38 0.76 10.21
N GLU A 29 11.64 1.01 10.57
CA GLU A 29 12.79 1.29 9.70
C GLU A 29 13.88 0.18 9.79
N ARG A 30 13.60 -0.88 10.57
CA ARG A 30 14.53 -1.96 10.97
C ARG A 30 15.82 -1.45 11.63
N GLY A 31 16.71 -2.38 12.02
CA GLY A 31 17.89 -2.06 12.83
C GLY A 31 18.80 -3.26 13.12
N LEU A 32 18.96 -4.16 12.14
CA LEU A 32 19.93 -5.27 12.22
C LEU A 32 21.38 -4.74 12.17
N PRO A 33 22.38 -5.51 12.67
CA PRO A 33 23.78 -5.09 12.76
C PRO A 33 24.40 -4.41 11.52
N ARG A 34 23.94 -4.78 10.31
CA ARG A 34 24.30 -4.10 9.04
C ARG A 34 23.16 -4.14 8.00
N ARG A 35 21.90 -4.03 8.42
CA ARG A 35 20.73 -3.93 7.51
C ARG A 35 19.54 -3.14 8.11
N ARG A 36 18.94 -2.28 7.29
CA ARG A 36 17.81 -1.37 7.59
C ARG A 36 16.87 -1.28 6.38
N GLU A 37 15.60 -0.95 6.61
CA GLU A 37 14.55 -0.85 5.58
C GLU A 37 13.27 -0.19 6.12
N PHE A 38 12.68 0.78 5.42
CA PHE A 38 11.36 1.30 5.79
C PHE A 38 10.21 0.33 5.47
N VAL A 39 9.15 0.30 6.28
CA VAL A 39 8.03 -0.64 6.13
C VAL A 39 6.67 0.01 6.39
N MET A 40 5.76 -0.12 5.42
CA MET A 40 4.35 0.32 5.48
C MET A 40 3.42 -0.90 5.51
N GLN A 41 2.27 -0.77 6.17
CA GLN A 41 1.20 -1.76 6.24
C GLN A 41 -0.17 -1.07 6.08
N VAL A 42 -1.01 -1.57 5.18
CA VAL A 42 -2.36 -1.02 4.89
C VAL A 42 -3.42 -2.08 5.05
N LYS A 43 -4.63 -1.69 5.45
CA LYS A 43 -5.82 -2.55 5.61
C LYS A 43 -7.01 -1.96 4.86
N VAL A 44 -7.88 -2.83 4.31
CA VAL A 44 -9.07 -2.43 3.54
C VAL A 44 -10.39 -3.05 4.07
N GLY A 45 -10.31 -4.07 4.92
CA GLY A 45 -11.48 -4.62 5.63
C GLY A 45 -11.19 -5.88 6.44
N ASN A 46 -10.64 -6.91 5.77
CA ASN A 46 -10.26 -8.20 6.36
C ASN A 46 -8.85 -8.67 5.94
N HIS A 47 -8.17 -7.88 5.10
CA HIS A 47 -6.87 -8.21 4.49
C HIS A 47 -5.92 -7.02 4.49
N THR A 48 -4.61 -7.28 4.35
CA THR A 48 -3.54 -6.28 4.40
C THR A 48 -2.47 -6.45 3.31
N ALA A 49 -1.77 -5.37 2.98
CA ALA A 49 -0.58 -5.33 2.11
C ALA A 49 0.59 -4.65 2.81
N GLU A 50 1.80 -4.85 2.29
CA GLU A 50 3.05 -4.28 2.78
C GLU A 50 3.93 -3.79 1.62
N GLY A 51 4.78 -2.80 1.90
CA GLY A 51 5.71 -2.15 0.97
C GLY A 51 6.85 -1.44 1.70
N THR A 52 7.85 -0.98 0.94
CA THR A 52 9.12 -0.43 1.47
C THR A 52 9.56 0.82 0.70
N GLY A 53 10.47 1.63 1.26
CA GLY A 53 10.81 2.94 0.67
C GLY A 53 11.92 3.72 1.38
N THR A 54 12.10 4.98 0.99
CA THR A 54 13.12 5.91 1.51
C THR A 54 12.52 7.11 2.26
N ASN A 55 11.25 7.44 2.01
CA ASN A 55 10.46 8.41 2.77
C ASN A 55 8.97 8.03 2.77
N LYS A 56 8.18 8.77 3.55
CA LYS A 56 6.73 8.68 3.66
C LYS A 56 5.94 8.77 2.35
N LYS A 57 6.49 9.33 1.26
CA LYS A 57 5.81 9.36 -0.06
C LYS A 57 6.11 8.14 -0.95
N VAL A 58 7.02 7.25 -0.54
CA VAL A 58 7.49 6.11 -1.36
C VAL A 58 7.05 4.76 -0.79
N ALA A 59 7.12 4.54 0.52
CA ALA A 59 6.74 3.26 1.12
C ALA A 59 5.26 2.90 0.94
N LYS A 60 4.38 3.91 0.93
CA LYS A 60 2.95 3.79 0.60
C LYS A 60 2.70 3.28 -0.82
N ARG A 61 3.48 3.74 -1.80
CA ARG A 61 3.28 3.43 -3.22
C ARG A 61 3.83 2.07 -3.63
N ASN A 62 4.95 1.63 -3.06
CA ASN A 62 5.50 0.29 -3.36
C ASN A 62 4.63 -0.87 -2.87
N ALA A 63 3.83 -0.68 -1.81
CA ALA A 63 2.83 -1.66 -1.38
C ALA A 63 1.67 -1.90 -2.38
N ALA A 64 1.37 -0.91 -3.25
CA ALA A 64 0.17 -0.93 -4.09
C ALA A 64 0.12 -2.07 -5.11
N GLU A 65 1.28 -2.52 -5.57
CA GLU A 65 1.47 -3.74 -6.38
C GLU A 65 0.81 -5.01 -5.77
N ASN A 66 0.61 -5.05 -4.45
CA ASN A 66 -0.06 -6.13 -3.73
C ASN A 66 -1.53 -5.81 -3.40
N MET A 67 -1.89 -4.53 -3.23
CA MET A 67 -3.21 -4.10 -2.71
C MET A 67 -4.42 -4.57 -3.53
N LEU A 68 -4.25 -4.91 -4.81
CA LEU A 68 -5.32 -5.48 -5.64
C LEU A 68 -5.48 -6.99 -5.43
N GLU A 69 -4.39 -7.71 -5.18
CA GLU A 69 -4.38 -9.19 -5.08
C GLU A 69 -4.83 -9.71 -3.70
N ILE A 70 -4.78 -8.86 -2.67
CA ILE A 70 -5.08 -9.20 -1.28
C ILE A 70 -6.59 -9.27 -1.02
N LEU A 71 -7.39 -8.57 -1.83
CA LEU A 71 -8.83 -8.38 -1.63
C LEU A 71 -9.66 -8.71 -2.90
N GLY A 72 -8.97 -9.11 -3.97
CA GLY A 72 -9.56 -9.68 -5.19
C GLY A 72 -10.01 -8.68 -6.26
N PHE A 73 -9.37 -7.52 -6.34
CA PHE A 73 -9.64 -6.47 -7.34
C PHE A 73 -8.75 -6.57 -8.59
N LYS A 74 -7.87 -7.58 -8.65
CA LYS A 74 -6.95 -7.88 -9.78
C LYS A 74 -7.66 -7.90 -11.15
N GLY A 1 2.44 -0.01 -21.54
CA GLY A 1 1.40 0.16 -20.50
C GLY A 1 0.04 0.44 -21.10
N SER A 2 -1.00 -0.25 -20.62
CA SER A 2 -2.37 -0.23 -21.21
C SER A 2 -3.49 -0.06 -20.17
N HIS A 3 -3.14 0.24 -18.91
CA HIS A 3 -4.06 0.45 -17.78
C HIS A 3 -3.46 1.41 -16.74
N MET A 4 -4.28 1.92 -15.82
CA MET A 4 -3.87 2.74 -14.68
C MET A 4 -2.91 1.98 -13.74
N ASN A 5 -2.05 2.71 -13.01
CA ASN A 5 -1.17 2.14 -11.97
C ASN A 5 -1.99 1.43 -10.87
N PRO A 6 -1.46 0.40 -10.18
CA PRO A 6 -2.12 -0.20 -9.01
C PRO A 6 -2.45 0.86 -7.93
N ILE A 7 -1.50 1.76 -7.72
CA ILE A 7 -1.49 2.83 -6.72
C ILE A 7 -2.61 3.85 -7.00
N SER A 8 -2.59 4.42 -8.20
CA SER A 8 -3.61 5.35 -8.71
C SER A 8 -4.96 4.69 -9.01
N ARG A 9 -5.11 3.36 -8.83
CA ARG A 9 -6.37 2.64 -9.05
C ARG A 9 -7.03 2.18 -7.76
N LEU A 10 -6.28 1.68 -6.79
CA LEU A 10 -6.79 1.32 -5.46
C LEU A 10 -7.46 2.52 -4.76
N ALA A 11 -6.76 3.66 -4.74
CA ALA A 11 -7.24 4.94 -4.20
C ALA A 11 -8.42 5.56 -5.00
N GLN A 12 -8.78 4.97 -6.15
CA GLN A 12 -9.75 5.48 -7.12
C GLN A 12 -11.03 4.61 -7.15
N ILE A 13 -10.88 3.28 -7.02
CA ILE A 13 -11.99 2.32 -6.84
C ILE A 13 -12.82 2.66 -5.58
N GLN A 14 -12.17 3.02 -4.47
CA GLN A 14 -12.88 3.42 -3.24
C GLN A 14 -13.84 4.60 -3.47
N GLN A 15 -13.44 5.59 -4.26
CA GLN A 15 -14.25 6.77 -4.55
C GLN A 15 -15.49 6.41 -5.38
N ALA A 16 -15.37 5.42 -6.27
CA ALA A 16 -16.46 4.84 -7.05
C ALA A 16 -17.46 3.99 -6.22
N LYS A 17 -17.10 3.60 -5.00
CA LYS A 17 -17.93 2.83 -4.04
C LYS A 17 -18.57 3.73 -2.96
N LYS A 18 -18.44 5.04 -3.13
CA LYS A 18 -18.82 6.13 -2.20
C LYS A 18 -18.00 6.15 -0.89
N GLU A 19 -16.88 5.43 -0.87
CA GLU A 19 -15.86 5.52 0.17
C GLU A 19 -14.89 6.66 -0.19
N LYS A 20 -13.73 6.69 0.46
CA LYS A 20 -12.67 7.69 0.24
C LYS A 20 -11.36 7.00 -0.16
N GLU A 21 -10.74 6.37 0.84
CA GLU A 21 -9.45 5.69 0.78
C GLU A 21 -9.34 4.70 1.97
N PRO A 22 -8.45 3.68 1.91
CA PRO A 22 -8.24 2.73 3.01
C PRO A 22 -7.48 3.34 4.20
N GLU A 23 -7.28 2.56 5.27
CA GLU A 23 -6.59 3.00 6.49
C GLU A 23 -5.11 2.62 6.43
N TYR A 24 -4.28 3.48 5.81
CA TYR A 24 -2.82 3.36 5.80
C TYR A 24 -2.21 3.65 7.18
N THR A 25 -1.18 2.90 7.56
CA THR A 25 -0.53 2.91 8.89
C THR A 25 0.97 2.61 8.74
N LEU A 26 1.79 3.13 9.67
CA LEU A 26 3.23 2.87 9.72
C LEU A 26 3.56 2.01 10.95
N LEU A 27 4.21 0.87 10.71
CA LEU A 27 4.48 -0.14 11.74
C LEU A 27 5.73 0.18 12.58
N THR A 28 6.88 0.29 11.93
CA THR A 28 8.20 0.37 12.58
C THR A 28 9.29 0.97 11.68
N GLU A 29 10.44 1.26 12.28
CA GLU A 29 11.69 1.72 11.65
C GLU A 29 12.83 0.69 11.84
N ARG A 30 12.46 -0.58 12.10
CA ARG A 30 13.32 -1.75 12.35
C ARG A 30 14.53 -1.86 11.42
N GLY A 31 15.65 -2.30 11.97
CA GLY A 31 16.91 -2.55 11.24
C GLY A 31 17.80 -3.60 11.91
N LEU A 32 18.99 -3.76 11.37
CA LEU A 32 19.99 -4.80 11.69
C LEU A 32 21.39 -4.15 11.81
N PRO A 33 22.38 -4.84 12.42
CA PRO A 33 23.77 -4.35 12.55
C PRO A 33 24.45 -3.89 11.26
N ARG A 34 24.00 -4.36 10.09
CA ARG A 34 24.56 -4.02 8.77
C ARG A 34 23.51 -3.93 7.64
N ARG A 35 22.24 -3.66 7.95
CA ARG A 35 21.12 -3.47 6.97
C ARG A 35 19.92 -2.75 7.61
N ARG A 36 19.19 -1.93 6.84
CA ARG A 36 18.02 -1.12 7.26
C ARG A 36 16.95 -1.05 6.17
N GLU A 37 15.70 -0.77 6.56
CA GLU A 37 14.54 -0.66 5.65
C GLU A 37 13.32 0.00 6.34
N PHE A 38 12.39 0.57 5.58
CA PHE A 38 11.10 1.08 6.05
C PHE A 38 9.94 0.12 5.74
N VAL A 39 8.83 0.17 6.49
CA VAL A 39 7.70 -0.79 6.36
C VAL A 39 6.34 -0.09 6.55
N MET A 40 5.38 -0.38 5.67
CA MET A 40 4.02 0.19 5.65
C MET A 40 2.97 -0.93 5.74
N GLN A 41 1.81 -0.66 6.36
CA GLN A 41 0.65 -1.57 6.40
C GLN A 41 -0.65 -0.80 6.17
N VAL A 42 -1.58 -1.38 5.42
CA VAL A 42 -2.91 -0.79 5.13
C VAL A 42 -3.98 -1.85 5.31
N LYS A 43 -5.20 -1.44 5.70
CA LYS A 43 -6.37 -2.30 5.85
C LYS A 43 -7.56 -1.76 5.05
N VAL A 44 -8.31 -2.66 4.41
CA VAL A 44 -9.41 -2.30 3.47
C VAL A 44 -10.78 -2.89 3.89
N GLY A 45 -10.81 -3.81 4.86
CA GLY A 45 -12.05 -4.32 5.47
C GLY A 45 -11.85 -5.54 6.37
N ASN A 46 -11.20 -6.57 5.82
CA ASN A 46 -10.86 -7.82 6.51
C ASN A 46 -9.43 -8.30 6.19
N HIS A 47 -8.71 -7.60 5.31
CA HIS A 47 -7.39 -7.97 4.77
C HIS A 47 -6.43 -6.77 4.75
N THR A 48 -5.12 -7.07 4.67
CA THR A 48 -4.03 -6.07 4.70
C THR A 48 -2.96 -6.33 3.64
N ALA A 49 -2.22 -5.28 3.29
CA ALA A 49 -1.04 -5.31 2.41
C ALA A 49 0.20 -4.77 3.14
N GLU A 50 1.38 -5.04 2.59
CA GLU A 50 2.68 -4.56 3.07
C GLU A 50 3.57 -4.11 1.90
N GLY A 51 4.47 -3.16 2.18
CA GLY A 51 5.43 -2.58 1.25
C GLY A 51 6.58 -1.87 1.97
N THR A 52 7.60 -1.48 1.20
CA THR A 52 8.88 -0.94 1.72
C THR A 52 9.33 0.30 0.94
N GLY A 53 10.27 1.09 1.46
CA GLY A 53 10.69 2.33 0.81
C GLY A 53 11.79 3.10 1.55
N THR A 54 11.99 4.37 1.13
CA THR A 54 13.03 5.29 1.61
C THR A 54 12.50 6.61 2.16
N ASN A 55 11.21 6.92 1.92
CA ASN A 55 10.48 8.02 2.56
C ASN A 55 8.97 7.73 2.60
N LYS A 56 8.22 8.59 3.31
CA LYS A 56 6.75 8.54 3.45
C LYS A 56 5.94 8.72 2.14
N LYS A 57 6.59 9.00 0.99
CA LYS A 57 5.98 8.99 -0.35
C LYS A 57 6.49 7.85 -1.25
N VAL A 58 7.19 6.85 -0.67
CA VAL A 58 7.74 5.67 -1.39
C VAL A 58 7.33 4.34 -0.75
N ALA A 59 7.20 4.23 0.57
CA ALA A 59 6.70 2.98 1.18
C ALA A 59 5.23 2.67 0.81
N LYS A 60 4.40 3.72 0.70
CA LYS A 60 3.03 3.67 0.15
C LYS A 60 2.99 3.27 -1.34
N ARG A 61 4.05 3.61 -2.09
CA ARG A 61 4.20 3.39 -3.54
C ARG A 61 4.50 1.93 -3.91
N ASN A 62 4.98 1.11 -2.97
CA ASN A 62 5.36 -0.28 -3.23
C ASN A 62 4.33 -1.29 -2.68
N ALA A 63 3.65 -1.00 -1.57
CA ALA A 63 2.57 -1.86 -1.05
C ALA A 63 1.38 -2.04 -2.02
N ALA A 64 1.09 -1.02 -2.84
CA ALA A 64 -0.11 -0.96 -3.68
C ALA A 64 -0.24 -2.08 -4.72
N GLU A 65 0.88 -2.62 -5.21
CA GLU A 65 0.93 -3.80 -6.09
C GLU A 65 0.26 -5.05 -5.47
N ASN A 66 0.20 -5.13 -4.13
CA ASN A 66 -0.45 -6.21 -3.39
C ASN A 66 -1.91 -5.86 -3.02
N MET A 67 -2.25 -4.58 -2.85
CA MET A 67 -3.56 -4.13 -2.31
C MET A 67 -4.80 -4.58 -3.12
N LEU A 68 -4.66 -4.97 -4.39
CA LEU A 68 -5.75 -5.52 -5.19
C LEU A 68 -5.86 -7.06 -5.04
N GLU A 69 -4.75 -7.75 -4.79
CA GLU A 69 -4.67 -9.22 -4.72
C GLU A 69 -5.10 -9.79 -3.35
N ILE A 70 -5.12 -8.94 -2.32
CA ILE A 70 -5.43 -9.30 -0.91
C ILE A 70 -6.93 -9.39 -0.64
N LEU A 71 -7.75 -8.74 -1.49
CA LEU A 71 -9.19 -8.56 -1.34
C LEU A 71 -9.98 -9.03 -2.58
N GLY A 72 -9.26 -9.57 -3.59
CA GLY A 72 -9.81 -10.29 -4.74
C GLY A 72 -10.26 -9.44 -5.93
N PHE A 73 -9.59 -8.30 -6.18
CA PHE A 73 -9.81 -7.43 -7.35
C PHE A 73 -8.75 -7.61 -8.45
N LYS A 74 -7.77 -8.51 -8.23
CA LYS A 74 -6.72 -8.92 -9.19
C LYS A 74 -6.37 -10.40 -9.00
N GLY A 1 -0.72 -3.78 -16.58
CA GLY A 1 -2.14 -4.08 -16.90
C GLY A 1 -3.07 -2.97 -16.43
N SER A 2 -4.38 -3.23 -16.43
CA SER A 2 -5.46 -2.35 -15.93
C SER A 2 -5.51 -0.92 -16.50
N HIS A 3 -4.86 -0.66 -17.65
CA HIS A 3 -4.70 0.64 -18.33
C HIS A 3 -4.07 1.80 -17.50
N MET A 4 -3.77 1.58 -16.22
CA MET A 4 -3.22 2.54 -15.27
C MET A 4 -2.51 1.80 -14.11
N ASN A 5 -1.51 2.44 -13.49
CA ASN A 5 -0.73 1.87 -12.39
C ASN A 5 -1.59 1.42 -11.19
N PRO A 6 -1.13 0.42 -10.39
CA PRO A 6 -1.85 -0.12 -9.23
C PRO A 6 -2.28 0.93 -8.18
N ILE A 7 -1.48 1.99 -8.10
CA ILE A 7 -1.49 3.01 -7.07
C ILE A 7 -2.65 4.00 -7.28
N SER A 8 -2.66 4.66 -8.44
CA SER A 8 -3.77 5.48 -8.91
C SER A 8 -5.04 4.64 -9.06
N ARG A 9 -4.95 3.37 -9.50
CA ARG A 9 -6.11 2.47 -9.58
C ARG A 9 -6.81 2.29 -8.23
N LEU A 10 -6.11 1.87 -7.20
CA LEU A 10 -6.66 1.69 -5.85
C LEU A 10 -7.32 2.99 -5.32
N ALA A 11 -6.65 4.13 -5.50
CA ALA A 11 -7.11 5.49 -5.20
C ALA A 11 -8.24 6.04 -6.11
N GLN A 12 -8.78 5.20 -6.97
CA GLN A 12 -9.78 5.50 -8.01
C GLN A 12 -10.93 4.47 -8.07
N ILE A 13 -10.70 3.27 -7.53
CA ILE A 13 -11.69 2.20 -7.35
C ILE A 13 -12.57 2.44 -6.11
N GLN A 14 -12.03 2.97 -5.01
CA GLN A 14 -12.79 3.13 -3.75
C GLN A 14 -14.04 4.00 -3.89
N GLN A 15 -13.98 5.13 -4.60
CA GLN A 15 -15.14 6.03 -4.71
C GLN A 15 -16.23 5.45 -5.61
N ALA A 16 -15.82 4.65 -6.61
CA ALA A 16 -16.70 3.87 -7.48
C ALA A 16 -17.55 2.82 -6.72
N LYS A 17 -17.18 2.46 -5.48
CA LYS A 17 -17.93 1.60 -4.56
C LYS A 17 -18.74 2.41 -3.52
N LYS A 18 -18.76 3.73 -3.67
CA LYS A 18 -19.28 4.75 -2.73
C LYS A 18 -18.56 4.74 -1.36
N GLU A 19 -17.41 4.06 -1.26
CA GLU A 19 -16.51 4.10 -0.12
C GLU A 19 -15.62 5.36 -0.12
N LYS A 20 -14.76 5.43 0.88
CA LYS A 20 -13.69 6.43 1.04
C LYS A 20 -12.31 5.77 1.00
N GLU A 21 -11.27 6.59 0.93
CA GLU A 21 -9.87 6.14 0.76
C GLU A 21 -9.34 5.35 1.98
N PRO A 22 -8.30 4.50 1.80
CA PRO A 22 -7.71 3.68 2.87
C PRO A 22 -7.10 4.46 4.06
N GLU A 23 -6.68 3.72 5.09
CA GLU A 23 -6.04 4.25 6.30
C GLU A 23 -4.56 3.82 6.38
N TYR A 24 -3.72 4.46 5.55
CA TYR A 24 -2.27 4.22 5.47
C TYR A 24 -1.56 4.59 6.79
N THR A 25 -0.54 3.81 7.17
CA THR A 25 0.14 3.81 8.48
C THR A 25 1.63 3.43 8.31
N LEU A 26 2.50 3.88 9.22
CA LEU A 26 3.93 3.56 9.24
C LEU A 26 4.26 2.52 10.33
N LEU A 27 5.17 1.58 10.05
CA LEU A 27 5.60 0.54 11.01
C LEU A 27 7.01 0.83 11.55
N THR A 28 8.00 0.71 10.66
CA THR A 28 9.45 0.94 10.89
C THR A 28 9.99 0.43 12.22
N GLU A 29 9.55 -0.79 12.61
CA GLU A 29 9.95 -1.52 13.82
C GLU A 29 11.37 -2.14 13.74
N ARG A 30 12.14 -1.78 12.70
CA ARG A 30 13.50 -2.26 12.39
C ARG A 30 14.48 -2.21 13.58
N GLY A 31 15.33 -3.24 13.67
CA GLY A 31 16.33 -3.41 14.74
C GLY A 31 17.37 -4.50 14.49
N LEU A 32 17.58 -4.90 13.23
CA LEU A 32 18.63 -5.85 12.83
C LEU A 32 20.04 -5.24 13.06
N PRO A 33 21.08 -6.07 13.29
CA PRO A 33 22.41 -5.60 13.69
C PRO A 33 23.18 -4.88 12.57
N ARG A 34 22.78 -5.07 11.29
CA ARG A 34 23.36 -4.38 10.12
C ARG A 34 22.41 -4.21 8.94
N ARG A 35 21.08 -4.19 9.15
CA ARG A 35 20.09 -3.95 8.06
C ARG A 35 18.94 -3.02 8.52
N ARG A 36 18.46 -2.23 7.56
CA ARG A 36 17.53 -1.09 7.71
C ARG A 36 16.74 -0.87 6.41
N GLU A 37 15.47 -0.46 6.52
CA GLU A 37 14.59 -0.09 5.40
C GLU A 37 13.30 0.58 5.92
N PHE A 38 12.62 1.43 5.13
CA PHE A 38 11.28 1.91 5.45
C PHE A 38 10.29 0.75 5.30
N VAL A 39 9.26 0.67 6.16
CA VAL A 39 8.19 -0.34 6.06
C VAL A 39 6.83 0.28 6.36
N MET A 40 5.93 0.25 5.38
CA MET A 40 4.57 0.82 5.42
C MET A 40 3.51 -0.28 5.65
N GLN A 41 2.32 0.09 6.14
CA GLN A 41 1.13 -0.76 6.22
C GLN A 41 -0.13 0.05 5.90
N VAL A 42 -1.12 -0.56 5.25
CA VAL A 42 -2.46 0.04 5.06
C VAL A 42 -3.53 -1.04 5.15
N LYS A 43 -4.73 -0.66 5.59
CA LYS A 43 -5.94 -1.50 5.64
C LYS A 43 -7.03 -0.89 4.75
N VAL A 44 -7.76 -1.74 4.02
CA VAL A 44 -8.78 -1.31 3.03
C VAL A 44 -10.21 -1.76 3.40
N GLY A 45 -10.35 -2.71 4.34
CA GLY A 45 -11.65 -3.07 4.94
C GLY A 45 -11.62 -4.35 5.77
N ASN A 46 -11.07 -5.42 5.18
CA ASN A 46 -10.87 -6.74 5.81
C ASN A 46 -9.43 -7.27 5.61
N HIS A 47 -8.61 -6.57 4.82
CA HIS A 47 -7.27 -7.00 4.39
C HIS A 47 -6.27 -5.83 4.42
N THR A 48 -4.98 -6.16 4.43
CA THR A 48 -3.87 -5.20 4.53
C THR A 48 -2.79 -5.40 3.45
N ALA A 49 -2.07 -4.32 3.15
CA ALA A 49 -0.93 -4.28 2.24
C ALA A 49 0.33 -3.73 2.93
N GLU A 50 1.50 -3.99 2.35
CA GLU A 50 2.81 -3.57 2.85
C GLU A 50 3.71 -3.17 1.66
N GLY A 51 4.61 -2.20 1.87
CA GLY A 51 5.59 -1.70 0.91
C GLY A 51 6.81 -1.09 1.60
N THR A 52 7.85 -0.80 0.81
CA THR A 52 9.16 -0.34 1.31
C THR A 52 9.70 0.79 0.42
N GLY A 53 10.68 1.56 0.90
CA GLY A 53 11.15 2.76 0.20
C GLY A 53 12.25 3.52 0.94
N THR A 54 12.43 4.80 0.57
CA THR A 54 13.48 5.70 1.11
C THR A 54 12.91 7.04 1.65
N ASN A 55 11.65 7.36 1.35
CA ASN A 55 10.91 8.47 1.97
C ASN A 55 9.39 8.24 1.96
N LYS A 56 8.66 9.09 2.70
CA LYS A 56 7.19 9.12 2.79
C LYS A 56 6.43 9.39 1.49
N LYS A 57 7.11 9.67 0.36
CA LYS A 57 6.49 9.78 -0.99
C LYS A 57 6.93 8.64 -1.95
N VAL A 58 7.60 7.60 -1.43
CA VAL A 58 8.14 6.47 -2.22
C VAL A 58 7.71 5.10 -1.68
N ALA A 59 7.55 4.93 -0.36
CA ALA A 59 7.09 3.65 0.20
C ALA A 59 5.62 3.33 -0.13
N LYS A 60 4.73 4.33 -0.02
CA LYS A 60 3.31 4.25 -0.40
C LYS A 60 3.10 3.88 -1.88
N ARG A 61 3.99 4.36 -2.73
CA ARG A 61 4.10 4.10 -4.17
C ARG A 61 4.46 2.63 -4.49
N ASN A 62 5.02 1.88 -3.53
CA ASN A 62 5.44 0.49 -3.69
C ASN A 62 4.47 -0.52 -3.04
N ALA A 63 3.82 -0.18 -1.92
CA ALA A 63 2.80 -1.02 -1.28
C ALA A 63 1.62 -1.40 -2.21
N ALA A 64 1.33 -0.57 -3.20
CA ALA A 64 0.20 -0.71 -4.13
C ALA A 64 0.14 -2.04 -4.90
N GLU A 65 1.30 -2.59 -5.28
CA GLU A 65 1.44 -3.91 -5.89
C GLU A 65 0.83 -5.05 -5.02
N ASN A 66 0.70 -4.81 -3.71
CA ASN A 66 0.16 -5.70 -2.70
C ASN A 66 -1.17 -5.18 -2.15
N MET A 67 -1.83 -4.23 -2.84
CA MET A 67 -3.00 -3.46 -2.39
C MET A 67 -4.20 -3.57 -3.37
N LEU A 68 -4.11 -4.48 -4.36
CA LEU A 68 -5.19 -4.88 -5.27
C LEU A 68 -5.36 -6.40 -5.31
N GLU A 69 -4.25 -7.15 -5.16
CA GLU A 69 -4.24 -8.63 -5.10
C GLU A 69 -4.80 -9.20 -3.78
N ILE A 70 -5.13 -8.32 -2.82
CA ILE A 70 -5.48 -8.67 -1.43
C ILE A 70 -6.99 -8.60 -1.14
N LEU A 71 -7.73 -7.86 -1.95
CA LEU A 71 -9.16 -7.60 -1.80
C LEU A 71 -10.00 -7.92 -3.05
N GLY A 72 -9.35 -8.31 -4.16
CA GLY A 72 -9.99 -8.88 -5.35
C GLY A 72 -10.06 -8.01 -6.60
N PHE A 73 -9.07 -7.13 -6.83
CA PHE A 73 -8.98 -6.27 -8.04
C PHE A 73 -7.85 -6.66 -9.00
N LYS A 74 -7.11 -7.73 -8.66
CA LYS A 74 -6.12 -8.43 -9.49
C LYS A 74 -6.24 -9.94 -9.31
N GLY A 1 -8.72 -7.72 -16.52
CA GLY A 1 -7.76 -6.69 -16.96
C GLY A 1 -7.79 -5.47 -16.05
N SER A 2 -6.79 -4.58 -16.20
CA SER A 2 -6.62 -3.35 -15.40
C SER A 2 -5.88 -2.24 -16.17
N HIS A 3 -5.92 -1.02 -15.63
CA HIS A 3 -5.35 0.21 -16.21
C HIS A 3 -4.76 1.12 -15.11
N MET A 4 -3.99 2.15 -15.49
CA MET A 4 -3.26 3.08 -14.60
C MET A 4 -2.20 2.38 -13.72
N ASN A 5 -1.28 3.17 -13.14
CA ASN A 5 -0.32 2.71 -12.13
C ASN A 5 -1.07 2.13 -10.91
N PRO A 6 -0.52 1.12 -10.19
CA PRO A 6 -1.17 0.48 -9.04
C PRO A 6 -1.65 1.48 -7.99
N ILE A 7 -0.81 2.48 -7.74
CA ILE A 7 -0.92 3.51 -6.70
C ILE A 7 -2.14 4.41 -6.94
N SER A 8 -2.19 5.03 -8.12
CA SER A 8 -3.31 5.90 -8.53
C SER A 8 -4.57 5.06 -8.77
N ARG A 9 -4.46 3.84 -9.29
CA ARG A 9 -5.60 2.95 -9.55
C ARG A 9 -6.36 2.55 -8.28
N LEU A 10 -5.66 2.30 -7.18
CA LEU A 10 -6.28 2.06 -5.86
C LEU A 10 -7.20 3.24 -5.44
N ALA A 11 -6.68 4.47 -5.54
CA ALA A 11 -7.38 5.75 -5.33
C ALA A 11 -8.45 6.10 -6.40
N GLN A 12 -8.72 5.16 -7.30
CA GLN A 12 -9.62 5.26 -8.46
C GLN A 12 -10.69 4.16 -8.49
N ILE A 13 -10.60 3.21 -7.55
CA ILE A 13 -11.49 2.05 -7.36
C ILE A 13 -12.45 2.25 -6.18
N GLN A 14 -12.00 2.86 -5.08
CA GLN A 14 -12.85 3.01 -3.88
C GLN A 14 -14.17 3.73 -4.15
N GLN A 15 -14.17 4.76 -5.00
CA GLN A 15 -15.37 5.56 -5.27
C GLN A 15 -16.36 4.79 -6.16
N ALA A 16 -15.84 3.99 -7.09
CA ALA A 16 -16.61 3.09 -7.95
C ALA A 16 -17.37 1.99 -7.16
N LYS A 17 -16.96 1.71 -5.91
CA LYS A 17 -17.61 0.81 -4.96
C LYS A 17 -18.54 1.53 -3.98
N LYS A 18 -18.65 2.87 -4.11
CA LYS A 18 -19.31 3.82 -3.17
C LYS A 18 -18.71 3.75 -1.75
N GLU A 19 -17.47 3.26 -1.64
CA GLU A 19 -16.65 3.27 -0.43
C GLU A 19 -15.92 4.62 -0.26
N LYS A 20 -15.13 4.73 0.80
CA LYS A 20 -14.27 5.89 1.09
C LYS A 20 -12.78 5.53 0.94
N GLU A 21 -11.95 6.55 0.88
CA GLU A 21 -10.51 6.52 0.62
C GLU A 21 -9.71 5.66 1.64
N PRO A 22 -8.53 5.14 1.26
CA PRO A 22 -7.64 4.39 2.15
C PRO A 22 -6.99 5.28 3.23
N GLU A 23 -6.27 4.65 4.16
CA GLU A 23 -5.47 5.32 5.21
C GLU A 23 -4.12 4.61 5.38
N TYR A 24 -3.05 5.38 5.58
CA TYR A 24 -1.65 4.91 5.56
C TYR A 24 -0.96 5.23 6.91
N THR A 25 -0.12 4.29 7.39
CA THR A 25 0.50 4.29 8.72
C THR A 25 1.94 3.74 8.63
N LEU A 26 2.82 4.15 9.55
CA LEU A 26 4.21 3.68 9.64
C LEU A 26 4.43 2.85 10.91
N LEU A 27 5.33 1.86 10.79
CA LEU A 27 5.60 0.87 11.86
C LEU A 27 7.07 0.82 12.31
N THR A 28 8.00 1.18 11.41
CA THR A 28 9.45 1.28 11.63
C THR A 28 10.07 0.18 12.52
N GLU A 29 9.72 -1.08 12.25
CA GLU A 29 10.10 -2.28 13.04
C GLU A 29 11.58 -2.74 12.83
N ARG A 30 12.49 -1.80 12.57
CA ARG A 30 13.92 -2.05 12.33
C ARG A 30 14.63 -2.57 13.59
N GLY A 31 15.72 -3.32 13.42
CA GLY A 31 16.50 -3.87 14.54
C GLY A 31 17.60 -4.89 14.18
N LEU A 32 17.69 -5.37 12.93
CA LEU A 32 18.80 -6.23 12.48
C LEU A 32 20.16 -5.50 12.58
N PRO A 33 21.26 -6.23 12.87
CA PRO A 33 22.55 -5.63 13.19
C PRO A 33 23.27 -4.99 11.98
N ARG A 34 22.93 -5.40 10.76
CA ARG A 34 23.51 -4.89 9.50
C ARG A 34 22.51 -4.90 8.32
N ARG A 35 21.21 -4.68 8.59
CA ARG A 35 20.18 -4.51 7.54
C ARG A 35 19.02 -3.61 7.97
N ARG A 36 18.60 -2.70 7.09
CA ARG A 36 17.59 -1.64 7.33
C ARG A 36 16.81 -1.30 6.05
N GLU A 37 15.61 -0.75 6.24
CA GLU A 37 14.67 -0.23 5.23
C GLU A 37 13.54 0.54 5.94
N PHE A 38 12.68 1.28 5.23
CA PHE A 38 11.45 1.85 5.81
C PHE A 38 10.30 0.83 5.83
N VAL A 39 9.24 1.10 6.61
CA VAL A 39 8.12 0.15 6.86
C VAL A 39 6.78 0.88 6.94
N MET A 40 5.86 0.56 6.04
CA MET A 40 4.54 1.20 5.90
C MET A 40 3.44 0.14 5.82
N GLN A 41 2.29 0.42 6.45
CA GLN A 41 1.05 -0.36 6.38
C GLN A 41 -0.14 0.54 6.02
N VAL A 42 -0.91 0.14 5.01
CA VAL A 42 -2.13 0.81 4.54
C VAL A 42 -3.33 -0.07 4.83
N LYS A 43 -4.51 0.53 5.01
CA LYS A 43 -5.81 -0.15 5.14
C LYS A 43 -6.82 0.40 4.13
N VAL A 44 -7.61 -0.49 3.53
CA VAL A 44 -8.50 -0.19 2.38
C VAL A 44 -9.98 -0.52 2.66
N GLY A 45 -10.28 -1.24 3.76
CA GLY A 45 -11.64 -1.45 4.26
C GLY A 45 -11.74 -2.56 5.32
N ASN A 46 -11.19 -3.73 5.01
CA ASN A 46 -11.08 -4.89 5.90
C ASN A 46 -9.71 -5.61 5.81
N HIS A 47 -8.82 -5.11 4.94
CA HIS A 47 -7.53 -5.72 4.58
C HIS A 47 -6.41 -4.66 4.49
N THR A 48 -5.16 -5.12 4.51
CA THR A 48 -3.96 -4.27 4.54
C THR A 48 -2.85 -4.74 3.58
N ALA A 49 -1.93 -3.83 3.25
CA ALA A 49 -0.73 -4.09 2.45
C ALA A 49 0.53 -3.55 3.14
N GLU A 50 1.71 -3.95 2.66
CA GLU A 50 3.02 -3.53 3.15
C GLU A 50 3.98 -3.26 1.99
N GLY A 51 4.97 -2.40 2.25
CA GLY A 51 6.03 -1.96 1.33
C GLY A 51 7.20 -1.31 2.08
N THR A 52 8.25 -0.96 1.32
CA THR A 52 9.52 -0.41 1.83
C THR A 52 9.92 0.85 1.05
N GLY A 53 10.88 1.64 1.53
CA GLY A 53 11.27 2.90 0.88
C GLY A 53 12.40 3.66 1.58
N THR A 54 12.57 4.93 1.21
CA THR A 54 13.65 5.82 1.69
C THR A 54 13.14 7.12 2.32
N ASN A 55 11.90 7.52 2.04
CA ASN A 55 11.19 8.61 2.72
C ASN A 55 9.67 8.41 2.71
N LYS A 56 8.96 9.27 3.42
CA LYS A 56 7.48 9.31 3.53
C LYS A 56 6.72 9.58 2.22
N LYS A 57 7.41 9.81 1.09
CA LYS A 57 6.82 9.85 -0.26
C LYS A 57 7.27 8.70 -1.17
N VAL A 58 7.93 7.66 -0.60
CA VAL A 58 8.46 6.49 -1.33
C VAL A 58 8.03 5.15 -0.72
N ALA A 59 7.89 5.01 0.61
CA ALA A 59 7.37 3.75 1.20
C ALA A 59 5.93 3.42 0.74
N LYS A 60 5.09 4.46 0.64
CA LYS A 60 3.74 4.44 0.07
C LYS A 60 3.71 3.99 -1.40
N ARG A 61 4.77 4.29 -2.16
CA ARG A 61 4.93 4.03 -3.60
C ARG A 61 5.09 2.53 -3.90
N ASN A 62 5.82 1.81 -3.04
CA ASN A 62 6.17 0.40 -3.27
C ASN A 62 5.11 -0.59 -2.77
N ALA A 63 4.47 -0.31 -1.63
CA ALA A 63 3.33 -1.10 -1.12
C ALA A 63 2.16 -1.25 -2.12
N ALA A 64 2.02 -0.27 -3.03
CA ALA A 64 0.96 -0.20 -4.02
C ALA A 64 0.82 -1.46 -4.90
N GLU A 65 1.93 -2.11 -5.23
CA GLU A 65 1.97 -3.38 -5.97
C GLU A 65 1.18 -4.51 -5.27
N ASN A 66 1.01 -4.44 -3.95
CA ASN A 66 0.21 -5.38 -3.16
C ASN A 66 -1.22 -4.89 -2.91
N MET A 67 -1.49 -3.57 -2.93
CA MET A 67 -2.79 -2.98 -2.57
C MET A 67 -4.00 -3.44 -3.40
N LEU A 68 -3.80 -4.02 -4.59
CA LEU A 68 -4.88 -4.64 -5.38
C LEU A 68 -5.07 -6.12 -5.03
N GLU A 69 -4.01 -6.82 -4.61
CA GLU A 69 -3.99 -8.26 -4.33
C GLU A 69 -4.47 -8.62 -2.91
N ILE A 70 -4.99 -7.65 -2.16
CA ILE A 70 -5.35 -7.78 -0.74
C ILE A 70 -6.87 -7.77 -0.51
N LEU A 71 -7.64 -7.18 -1.44
CA LEU A 71 -9.10 -7.07 -1.36
C LEU A 71 -9.87 -7.64 -2.57
N GLY A 72 -9.19 -8.02 -3.66
CA GLY A 72 -9.78 -8.79 -4.77
C GLY A 72 -9.64 -8.23 -6.19
N PHE A 73 -8.55 -7.49 -6.49
CA PHE A 73 -8.28 -6.87 -7.80
C PHE A 73 -7.00 -7.37 -8.49
N LYS A 74 -6.42 -8.46 -7.98
CA LYS A 74 -5.33 -9.25 -8.57
C LYS A 74 -5.59 -9.62 -10.05
N GLY A 1 -5.82 5.89 -21.33
CA GLY A 1 -4.81 4.82 -21.26
C GLY A 1 -5.43 3.48 -20.89
N SER A 2 -5.01 2.40 -21.56
CA SER A 2 -5.54 1.03 -21.35
C SER A 2 -5.17 0.41 -19.99
N HIS A 3 -4.20 0.98 -19.28
CA HIS A 3 -3.68 0.50 -17.99
C HIS A 3 -3.38 1.68 -17.03
N MET A 4 -3.18 1.37 -15.75
CA MET A 4 -2.91 2.33 -14.68
C MET A 4 -2.00 1.70 -13.61
N ASN A 5 -1.25 2.52 -12.87
CA ASN A 5 -0.43 2.06 -11.74
C ASN A 5 -1.28 1.36 -10.67
N PRO A 6 -0.75 0.36 -9.91
CA PRO A 6 -1.46 -0.23 -8.76
C PRO A 6 -1.92 0.83 -7.74
N ILE A 7 -1.04 1.81 -7.52
CA ILE A 7 -1.14 2.89 -6.54
C ILE A 7 -2.31 3.82 -6.86
N SER A 8 -2.30 4.40 -8.07
CA SER A 8 -3.37 5.25 -8.56
C SER A 8 -4.67 4.46 -8.72
N ARG A 9 -4.63 3.21 -9.21
CA ARG A 9 -5.82 2.39 -9.45
C ARG A 9 -6.59 2.04 -8.16
N LEU A 10 -5.89 1.80 -7.06
CA LEU A 10 -6.48 1.63 -5.73
C LEU A 10 -7.29 2.88 -5.30
N ALA A 11 -6.72 4.07 -5.48
CA ALA A 11 -7.36 5.38 -5.29
C ALA A 11 -8.44 5.76 -6.34
N GLN A 12 -8.75 4.82 -7.22
CA GLN A 12 -9.65 4.95 -8.38
C GLN A 12 -10.81 3.94 -8.38
N ILE A 13 -10.80 3.05 -7.39
CA ILE A 13 -11.76 1.96 -7.15
C ILE A 13 -12.66 2.24 -5.94
N GLN A 14 -12.15 2.85 -4.86
CA GLN A 14 -12.94 3.10 -3.64
C GLN A 14 -14.22 3.93 -3.90
N GLN A 15 -14.20 4.86 -4.87
CA GLN A 15 -15.39 5.67 -5.18
C GLN A 15 -16.42 4.89 -6.01
N ALA A 16 -15.96 4.00 -6.88
CA ALA A 16 -16.79 3.15 -7.75
C ALA A 16 -17.65 2.12 -6.98
N LYS A 17 -17.32 1.86 -5.71
CA LYS A 17 -18.08 1.03 -4.75
C LYS A 17 -18.74 1.86 -3.64
N LYS A 18 -18.82 3.19 -3.85
CA LYS A 18 -19.35 4.23 -2.94
C LYS A 18 -18.77 4.20 -1.51
N GLU A 19 -17.54 3.70 -1.38
CA GLU A 19 -16.73 3.76 -0.17
C GLU A 19 -15.94 5.08 -0.08
N LYS A 20 -15.28 5.33 1.06
CA LYS A 20 -14.35 6.46 1.25
C LYS A 20 -12.90 6.01 1.03
N GLU A 21 -12.02 7.00 0.89
CA GLU A 21 -10.61 6.85 0.54
C GLU A 21 -9.80 5.98 1.54
N PRO A 22 -8.64 5.41 1.11
CA PRO A 22 -7.70 4.69 1.98
C PRO A 22 -7.17 5.52 3.17
N GLU A 23 -6.53 4.83 4.12
CA GLU A 23 -5.82 5.43 5.26
C GLU A 23 -4.46 4.73 5.45
N TYR A 24 -3.43 5.50 5.82
CA TYR A 24 -2.04 5.02 5.92
C TYR A 24 -1.41 5.39 7.27
N THR A 25 -0.45 4.58 7.73
CA THR A 25 0.15 4.59 9.08
C THR A 25 1.59 4.09 9.00
N LEU A 26 2.45 4.46 9.96
CA LEU A 26 3.84 4.01 10.04
C LEU A 26 4.04 3.12 11.27
N LEU A 27 4.57 1.91 11.06
CA LEU A 27 4.74 0.87 12.08
C LEU A 27 6.07 0.98 12.85
N THR A 28 7.19 0.81 12.15
CA THR A 28 8.53 0.65 12.74
C THR A 28 9.67 0.82 11.70
N GLU A 29 10.89 0.42 12.06
CA GLU A 29 12.10 0.34 11.28
C GLU A 29 12.73 -1.04 11.57
N ARG A 30 13.35 -1.64 10.57
CA ARG A 30 13.89 -3.02 10.58
C ARG A 30 15.35 -3.05 10.13
N GLY A 31 16.08 -4.11 10.49
CA GLY A 31 17.50 -4.25 10.15
C GLY A 31 18.20 -5.48 10.72
N LEU A 32 19.49 -5.59 10.37
CA LEU A 32 20.43 -6.68 10.67
C LEU A 32 21.85 -6.09 10.85
N PRO A 33 22.86 -6.86 11.29
CA PRO A 33 24.26 -6.43 11.40
C PRO A 33 24.89 -5.79 10.14
N ARG A 34 24.31 -6.01 8.94
CA ARG A 34 24.74 -5.39 7.67
C ARG A 34 23.58 -5.06 6.70
N ARG A 35 22.34 -4.86 7.17
CA ARG A 35 21.17 -4.40 6.38
C ARG A 35 20.22 -3.52 7.22
N ARG A 36 19.43 -2.69 6.55
CA ARG A 36 18.46 -1.71 7.12
C ARG A 36 17.25 -1.52 6.20
N GLU A 37 16.08 -1.16 6.76
CA GLU A 37 14.80 -1.07 6.03
C GLU A 37 13.71 -0.27 6.77
N PHE A 38 12.79 0.37 6.03
CA PHE A 38 11.58 1.01 6.54
C PHE A 38 10.32 0.13 6.36
N VAL A 39 9.21 0.53 6.99
CA VAL A 39 7.90 -0.18 6.90
C VAL A 39 6.74 0.82 6.78
N MET A 40 5.56 0.37 6.35
CA MET A 40 4.30 1.13 6.32
C MET A 40 3.11 0.17 6.49
N GLN A 41 1.97 0.67 6.98
CA GLN A 41 0.67 -0.02 7.01
C GLN A 41 -0.40 0.85 6.35
N VAL A 42 -1.29 0.22 5.59
CA VAL A 42 -2.44 0.85 4.91
C VAL A 42 -3.70 0.05 5.22
N LYS A 43 -4.86 0.71 5.22
CA LYS A 43 -6.18 0.10 5.42
C LYS A 43 -7.17 0.64 4.37
N VAL A 44 -8.03 -0.25 3.85
CA VAL A 44 -8.94 0.05 2.72
C VAL A 44 -10.42 -0.28 3.04
N GLY A 45 -10.70 -0.94 4.17
CA GLY A 45 -12.06 -1.17 4.68
C GLY A 45 -12.11 -2.18 5.83
N ASN A 46 -11.60 -3.39 5.56
CA ASN A 46 -11.52 -4.51 6.51
C ASN A 46 -10.16 -5.23 6.47
N HIS A 47 -9.24 -4.80 5.60
CA HIS A 47 -7.96 -5.47 5.32
C HIS A 47 -6.80 -4.48 5.22
N THR A 48 -5.56 -4.97 5.36
CA THR A 48 -4.32 -4.18 5.40
C THR A 48 -3.16 -4.81 4.62
N ALA A 49 -2.13 -4.00 4.32
CA ALA A 49 -0.90 -4.41 3.63
C ALA A 49 0.38 -3.79 4.25
N GLU A 50 1.55 -4.23 3.78
CA GLU A 50 2.88 -3.69 4.09
C GLU A 50 3.67 -3.39 2.80
N GLY A 51 4.67 -2.52 2.92
CA GLY A 51 5.67 -2.15 1.92
C GLY A 51 6.90 -1.49 2.58
N THR A 52 7.94 -1.21 1.80
CA THR A 52 9.27 -0.76 2.29
C THR A 52 9.79 0.40 1.44
N GLY A 53 10.73 1.21 1.95
CA GLY A 53 11.17 2.42 1.26
C GLY A 53 12.26 3.24 1.98
N THR A 54 12.46 4.49 1.55
CA THR A 54 13.54 5.40 1.99
C THR A 54 13.03 6.68 2.68
N ASN A 55 11.76 7.03 2.52
CA ASN A 55 11.05 8.07 3.25
C ASN A 55 9.54 7.78 3.27
N LYS A 56 8.78 8.59 4.01
CA LYS A 56 7.32 8.56 4.11
C LYS A 56 6.52 8.78 2.79
N LYS A 57 7.19 9.08 1.68
CA LYS A 57 6.59 9.11 0.32
C LYS A 57 7.13 8.00 -0.60
N VAL A 58 7.87 7.03 -0.06
CA VAL A 58 8.47 5.90 -0.80
C VAL A 58 8.10 4.52 -0.22
N ALA A 59 7.88 4.38 1.09
CA ALA A 59 7.29 3.12 1.61
C ALA A 59 5.83 2.92 1.12
N LYS A 60 5.10 4.03 0.94
CA LYS A 60 3.73 4.10 0.41
C LYS A 60 3.57 3.51 -0.99
N ARG A 61 4.54 3.75 -1.89
CA ARG A 61 4.47 3.34 -3.30
C ARG A 61 4.78 1.85 -3.55
N ASN A 62 5.51 1.20 -2.63
CA ASN A 62 5.85 -0.22 -2.75
C ASN A 62 4.78 -1.15 -2.15
N ALA A 63 4.11 -0.72 -1.09
CA ALA A 63 2.94 -1.43 -0.53
C ALA A 63 1.79 -1.63 -1.53
N ALA A 64 1.66 -0.72 -2.50
CA ALA A 64 0.58 -0.66 -3.48
C ALA A 64 0.33 -1.97 -4.26
N GLU A 65 1.41 -2.68 -4.61
CA GLU A 65 1.39 -3.99 -5.27
C GLU A 65 0.57 -5.06 -4.49
N ASN A 66 0.43 -4.91 -3.17
CA ASN A 66 -0.36 -5.78 -2.30
C ASN A 66 -1.78 -5.26 -2.08
N MET A 67 -2.01 -3.93 -2.15
CA MET A 67 -3.28 -3.28 -1.77
C MET A 67 -4.54 -3.75 -2.53
N LEU A 68 -4.41 -4.46 -3.65
CA LEU A 68 -5.54 -5.06 -4.40
C LEU A 68 -5.72 -6.55 -4.10
N GLU A 69 -4.63 -7.28 -3.80
CA GLU A 69 -4.65 -8.71 -3.45
C GLU A 69 -5.21 -8.97 -2.03
N ILE A 70 -5.18 -7.96 -1.15
CA ILE A 70 -5.65 -8.02 0.24
C ILE A 70 -7.18 -7.92 0.36
N LEU A 71 -7.83 -7.37 -0.67
CA LEU A 71 -9.27 -7.05 -0.71
C LEU A 71 -10.00 -7.70 -1.91
N GLY A 72 -9.25 -8.39 -2.78
CA GLY A 72 -9.76 -9.26 -3.84
C GLY A 72 -10.08 -8.60 -5.18
N PHE A 73 -9.27 -7.61 -5.60
CA PHE A 73 -9.35 -6.94 -6.92
C PHE A 73 -8.15 -7.29 -7.84
N LYS A 74 -7.29 -8.22 -7.40
CA LYS A 74 -6.11 -8.76 -8.09
C LYS A 74 -5.88 -10.23 -7.67
N GLY A 1 -2.50 4.44 -24.51
CA GLY A 1 -2.53 3.75 -23.22
C GLY A 1 -3.82 2.95 -23.04
N SER A 2 -3.75 1.83 -22.30
CA SER A 2 -4.89 0.91 -22.06
C SER A 2 -4.91 0.34 -20.62
N HIS A 3 -4.10 0.90 -19.72
CA HIS A 3 -3.95 0.50 -18.31
C HIS A 3 -3.52 1.71 -17.44
N MET A 4 -3.45 1.53 -16.11
CA MET A 4 -3.08 2.56 -15.13
C MET A 4 -2.23 1.96 -14.00
N ASN A 5 -1.50 2.80 -13.27
CA ASN A 5 -0.68 2.40 -12.12
C ASN A 5 -1.51 1.61 -11.07
N PRO A 6 -0.92 0.61 -10.35
CA PRO A 6 -1.60 -0.10 -9.26
C PRO A 6 -2.16 0.86 -8.19
N ILE A 7 -1.40 1.91 -7.93
CA ILE A 7 -1.60 2.89 -6.85
C ILE A 7 -2.81 3.77 -7.14
N SER A 8 -2.81 4.46 -8.29
CA SER A 8 -3.93 5.27 -8.79
C SER A 8 -5.17 4.45 -9.17
N ARG A 9 -5.07 3.12 -9.30
CA ARG A 9 -6.24 2.22 -9.46
C ARG A 9 -6.86 1.91 -8.10
N LEU A 10 -6.07 1.44 -7.14
CA LEU A 10 -6.52 1.06 -5.79
C LEU A 10 -7.10 2.24 -4.99
N ALA A 11 -6.42 3.40 -4.99
CA ALA A 11 -6.89 4.61 -4.33
C ALA A 11 -8.21 5.18 -4.92
N GLN A 12 -8.63 4.68 -6.08
CA GLN A 12 -9.75 5.19 -6.88
C GLN A 12 -10.98 4.25 -6.82
N ILE A 13 -10.75 2.94 -6.67
CA ILE A 13 -11.80 1.93 -6.37
C ILE A 13 -12.65 2.32 -5.15
N GLN A 14 -12.03 2.80 -4.07
CA GLN A 14 -12.75 3.24 -2.87
C GLN A 14 -13.80 4.32 -3.18
N GLN A 15 -13.45 5.28 -4.04
CA GLN A 15 -14.33 6.39 -4.39
C GLN A 15 -15.51 5.92 -5.26
N ALA A 16 -15.28 4.93 -6.12
CA ALA A 16 -16.32 4.22 -6.88
C ALA A 16 -17.30 3.43 -5.98
N LYS A 17 -16.91 3.10 -4.74
CA LYS A 17 -17.75 2.46 -3.70
C LYS A 17 -18.34 3.49 -2.71
N LYS A 18 -18.14 4.79 -2.97
CA LYS A 18 -18.49 5.95 -2.12
C LYS A 18 -17.79 5.95 -0.75
N GLU A 19 -16.66 5.25 -0.66
CA GLU A 19 -15.77 5.19 0.50
C GLU A 19 -14.57 6.14 0.36
N LYS A 20 -13.81 6.29 1.45
CA LYS A 20 -12.53 7.00 1.49
C LYS A 20 -11.36 6.00 1.38
N GLU A 21 -10.18 6.53 1.10
CA GLU A 21 -8.91 5.81 0.93
C GLU A 21 -8.57 4.80 2.07
N PRO A 22 -7.69 3.81 1.81
CA PRO A 22 -7.15 2.87 2.80
C PRO A 22 -6.50 3.50 4.05
N GLU A 23 -6.27 2.66 5.07
CA GLU A 23 -5.68 3.04 6.36
C GLU A 23 -4.14 2.86 6.39
N TYR A 24 -3.41 3.65 5.59
CA TYR A 24 -1.94 3.64 5.50
C TYR A 24 -1.27 3.98 6.85
N THR A 25 -0.27 3.20 7.27
CA THR A 25 0.37 3.26 8.61
C THR A 25 1.86 2.91 8.53
N LEU A 26 2.72 3.62 9.27
CA LEU A 26 4.16 3.31 9.42
C LEU A 26 4.37 2.18 10.46
N LEU A 27 5.32 1.27 10.20
CA LEU A 27 5.76 0.26 11.18
C LEU A 27 7.13 0.61 11.78
N THR A 28 8.20 0.32 11.05
CA THR A 28 9.63 0.53 11.35
C THR A 28 10.06 0.20 12.79
N GLU A 29 9.40 -0.80 13.38
CA GLU A 29 9.73 -1.35 14.71
C GLU A 29 11.00 -2.24 14.72
N ARG A 30 11.47 -2.66 13.54
CA ARG A 30 12.72 -3.43 13.33
C ARG A 30 13.98 -2.70 13.79
N GLY A 31 15.04 -3.47 14.05
CA GLY A 31 16.31 -2.99 14.61
C GLY A 31 17.45 -4.00 14.49
N LEU A 32 17.57 -4.66 13.33
CA LEU A 32 18.65 -5.62 13.04
C LEU A 32 20.05 -4.96 13.16
N PRO A 33 21.10 -5.73 13.49
CA PRO A 33 22.44 -5.20 13.74
C PRO A 33 23.16 -4.69 12.47
N ARG A 34 22.66 -5.06 11.28
CA ARG A 34 23.21 -4.62 9.97
C ARG A 34 22.14 -4.37 8.90
N ARG A 35 20.86 -4.20 9.24
CA ARG A 35 19.77 -3.86 8.29
C ARG A 35 18.76 -2.87 8.87
N ARG A 36 18.38 -1.89 8.04
CA ARG A 36 17.49 -0.75 8.34
C ARG A 36 16.82 -0.30 7.03
N GLU A 37 15.51 -0.09 7.05
CA GLU A 37 14.71 0.44 5.92
C GLU A 37 13.31 0.92 6.38
N PHE A 38 12.64 1.74 5.57
CA PHE A 38 11.23 2.10 5.76
C PHE A 38 10.35 0.87 5.55
N VAL A 39 9.29 0.71 6.35
CA VAL A 39 8.24 -0.32 6.15
C VAL A 39 6.87 0.28 6.43
N MET A 40 5.96 0.16 5.46
CA MET A 40 4.60 0.70 5.50
C MET A 40 3.60 -0.47 5.45
N GLN A 41 2.53 -0.36 6.23
CA GLN A 41 1.42 -1.31 6.31
C GLN A 41 0.10 -0.58 6.13
N VAL A 42 -0.81 -1.15 5.34
CA VAL A 42 -2.11 -0.54 5.03
C VAL A 42 -3.21 -1.60 5.12
N LYS A 43 -4.43 -1.20 5.49
CA LYS A 43 -5.62 -2.06 5.60
C LYS A 43 -6.76 -1.48 4.76
N VAL A 44 -7.55 -2.35 4.13
CA VAL A 44 -8.65 -1.95 3.20
C VAL A 44 -10.03 -2.49 3.64
N GLY A 45 -10.08 -3.43 4.58
CA GLY A 45 -11.34 -3.88 5.22
C GLY A 45 -11.17 -5.10 6.12
N ASN A 46 -10.61 -6.17 5.56
CA ASN A 46 -10.32 -7.44 6.25
C ASN A 46 -8.89 -7.97 5.95
N HIS A 47 -8.13 -7.27 5.10
CA HIS A 47 -6.80 -7.67 4.62
C HIS A 47 -5.82 -6.49 4.60
N THR A 48 -4.52 -6.79 4.57
CA THR A 48 -3.43 -5.80 4.62
C THR A 48 -2.35 -6.03 3.55
N ALA A 49 -1.60 -4.95 3.24
CA ALA A 49 -0.45 -4.95 2.34
C ALA A 49 0.81 -4.45 3.04
N GLU A 50 1.98 -4.66 2.42
CA GLU A 50 3.28 -4.18 2.89
C GLU A 50 4.13 -3.68 1.71
N GLY A 51 4.97 -2.67 1.97
CA GLY A 51 5.95 -2.09 1.04
C GLY A 51 7.09 -1.38 1.78
N THR A 52 8.14 -1.02 1.04
CA THR A 52 9.38 -0.41 1.56
C THR A 52 9.77 0.81 0.73
N GLY A 53 10.71 1.63 1.23
CA GLY A 53 11.11 2.89 0.59
C GLY A 53 12.25 3.61 1.34
N THR A 54 12.47 4.88 1.00
CA THR A 54 13.55 5.71 1.58
C THR A 54 13.04 7.04 2.14
N ASN A 55 11.78 7.37 1.86
CA ASN A 55 11.03 8.49 2.44
C ASN A 55 9.52 8.26 2.30
N LYS A 56 8.75 9.05 3.05
CA LYS A 56 7.28 9.10 3.05
C LYS A 56 6.57 9.35 1.70
N LYS A 57 7.31 9.65 0.61
CA LYS A 57 6.76 9.73 -0.78
C LYS A 57 7.29 8.62 -1.72
N VAL A 58 7.78 7.52 -1.15
CA VAL A 58 8.24 6.31 -1.89
C VAL A 58 7.56 5.04 -1.38
N ALA A 59 7.48 4.84 -0.06
CA ALA A 59 6.97 3.59 0.52
C ALA A 59 5.50 3.26 0.15
N LYS A 60 4.65 4.29 0.07
CA LYS A 60 3.23 4.19 -0.34
C LYS A 60 3.05 3.65 -1.77
N ARG A 61 4.01 3.89 -2.66
CA ARG A 61 4.01 3.47 -4.07
C ARG A 61 4.36 1.99 -4.25
N ASN A 62 5.34 1.49 -3.51
CA ASN A 62 5.80 0.09 -3.62
C ASN A 62 4.81 -0.93 -3.03
N ALA A 63 4.17 -0.60 -1.90
CA ALA A 63 3.15 -1.44 -1.27
C ALA A 63 1.94 -1.74 -2.17
N ALA A 64 1.63 -0.86 -3.13
CA ALA A 64 0.43 -0.92 -3.97
C ALA A 64 0.33 -2.19 -4.82
N GLU A 65 1.46 -2.75 -5.24
CA GLU A 65 1.57 -4.06 -5.90
C GLU A 65 0.96 -5.22 -5.06
N ASN A 66 0.83 -5.03 -3.75
CA ASN A 66 0.31 -5.97 -2.76
C ASN A 66 -1.03 -5.49 -2.17
N MET A 67 -1.66 -4.43 -2.71
CA MET A 67 -2.98 -3.93 -2.25
C MET A 67 -4.16 -4.38 -3.14
N LEU A 68 -3.90 -5.08 -4.25
CA LEU A 68 -4.92 -5.58 -5.20
C LEU A 68 -5.03 -7.11 -5.17
N GLU A 69 -3.91 -7.81 -4.98
CA GLU A 69 -3.85 -9.28 -4.87
C GLU A 69 -4.39 -9.83 -3.53
N ILE A 70 -4.70 -8.94 -2.58
CA ILE A 70 -5.04 -9.26 -1.19
C ILE A 70 -6.55 -9.20 -0.91
N LEU A 71 -7.30 -8.52 -1.77
CA LEU A 71 -8.72 -8.19 -1.61
C LEU A 71 -9.56 -8.51 -2.87
N GLY A 72 -8.92 -9.06 -3.92
CA GLY A 72 -9.57 -9.64 -5.09
C GLY A 72 -9.76 -8.72 -6.30
N PHE A 73 -8.85 -7.78 -6.53
CA PHE A 73 -8.88 -6.80 -7.64
C PHE A 73 -7.63 -6.87 -8.56
N LYS A 74 -6.85 -7.95 -8.43
CA LYS A 74 -5.73 -8.34 -9.32
C LYS A 74 -6.11 -8.28 -10.81
N GLY A 1 -8.56 -6.42 -17.20
CA GLY A 1 -8.25 -5.21 -18.00
C GLY A 1 -7.71 -4.10 -17.14
N SER A 2 -6.67 -3.39 -17.62
CA SER A 2 -5.96 -2.34 -16.87
C SER A 2 -5.44 -1.20 -17.75
N HIS A 3 -5.32 -0.02 -17.15
CA HIS A 3 -4.98 1.26 -17.79
C HIS A 3 -4.14 2.20 -16.89
N MET A 4 -3.76 1.74 -15.69
CA MET A 4 -3.14 2.53 -14.61
C MET A 4 -2.12 1.70 -13.82
N ASN A 5 -1.18 2.38 -13.17
CA ASN A 5 -0.29 1.76 -12.17
C ASN A 5 -1.10 1.24 -10.96
N PRO A 6 -0.60 0.25 -10.19
CA PRO A 6 -1.33 -0.35 -9.05
C PRO A 6 -1.74 0.64 -7.93
N ILE A 7 -1.21 1.87 -7.97
CA ILE A 7 -1.26 2.86 -6.91
C ILE A 7 -2.41 3.86 -7.19
N SER A 8 -2.37 4.52 -8.34
CA SER A 8 -3.47 5.34 -8.87
C SER A 8 -4.72 4.50 -9.09
N ARG A 9 -4.59 3.26 -9.61
CA ARG A 9 -5.72 2.36 -9.85
C ARG A 9 -6.57 2.11 -8.59
N LEU A 10 -5.92 1.85 -7.46
CA LEU A 10 -6.58 1.65 -6.16
C LEU A 10 -7.36 2.90 -5.71
N ALA A 11 -6.74 4.07 -5.82
CA ALA A 11 -7.32 5.41 -5.60
C ALA A 11 -8.36 5.88 -6.65
N GLN A 12 -8.75 4.96 -7.54
CA GLN A 12 -9.66 5.16 -8.67
C GLN A 12 -10.80 4.12 -8.74
N ILE A 13 -10.78 3.15 -7.81
CA ILE A 13 -11.77 2.08 -7.64
C ILE A 13 -12.72 2.37 -6.45
N GLN A 14 -12.23 2.91 -5.34
CA GLN A 14 -13.04 3.10 -4.11
C GLN A 14 -14.27 4.00 -4.34
N GLN A 15 -14.16 5.07 -5.14
CA GLN A 15 -15.29 5.98 -5.35
C GLN A 15 -16.36 5.36 -6.25
N ALA A 16 -15.94 4.52 -7.19
CA ALA A 16 -16.80 3.70 -8.04
C ALA A 16 -17.67 2.68 -7.25
N LYS A 17 -17.29 2.38 -6.00
CA LYS A 17 -18.03 1.54 -5.03
C LYS A 17 -18.81 2.38 -4.00
N LYS A 18 -18.76 3.72 -4.13
CA LYS A 18 -19.23 4.73 -3.15
C LYS A 18 -18.64 4.54 -1.75
N GLU A 19 -17.44 3.94 -1.69
CA GLU A 19 -16.60 3.85 -0.49
C GLU A 19 -15.75 5.11 -0.30
N LYS A 20 -14.95 5.12 0.77
CA LYS A 20 -13.94 6.15 1.06
C LYS A 20 -12.53 5.61 0.82
N GLU A 21 -11.60 6.54 0.61
CA GLU A 21 -10.19 6.29 0.31
C GLU A 21 -9.42 5.62 1.47
N PRO A 22 -8.29 4.94 1.22
CA PRO A 22 -7.48 4.27 2.24
C PRO A 22 -6.88 5.17 3.33
N GLU A 23 -6.26 4.55 4.32
CA GLU A 23 -5.43 5.17 5.36
C GLU A 23 -4.10 4.40 5.51
N TYR A 24 -2.99 5.11 5.75
CA TYR A 24 -1.62 4.57 5.69
C TYR A 24 -0.84 4.89 6.99
N THR A 25 0.13 4.04 7.36
CA THR A 25 0.89 4.15 8.62
C THR A 25 2.31 3.58 8.55
N LEU A 26 3.11 3.83 9.60
CA LEU A 26 4.51 3.41 9.77
C LEU A 26 4.62 2.52 11.03
N LEU A 27 5.26 1.34 10.87
CA LEU A 27 5.34 0.31 11.91
C LEU A 27 6.72 0.25 12.59
N THR A 28 7.79 0.36 11.81
CA THR A 28 9.17 0.10 12.25
C THR A 28 10.22 0.65 11.27
N GLU A 29 11.45 0.76 11.74
CA GLU A 29 12.69 1.15 11.03
C GLU A 29 13.72 0.00 11.05
N ARG A 30 13.19 -1.24 10.97
CA ARG A 30 13.87 -2.55 11.06
C ARG A 30 15.26 -2.61 10.40
N GLY A 31 16.18 -3.32 11.05
CA GLY A 31 17.56 -3.48 10.60
C GLY A 31 18.30 -4.68 11.20
N LEU A 32 19.55 -4.83 10.77
CA LEU A 32 20.48 -5.94 10.96
C LEU A 32 21.92 -5.38 11.09
N PRO A 33 22.92 -6.18 11.50
CA PRO A 33 24.32 -5.74 11.66
C PRO A 33 24.94 -4.95 10.50
N ARG A 34 24.51 -5.18 9.24
CA ARG A 34 24.89 -4.37 8.07
C ARG A 34 23.79 -4.25 6.99
N ARG A 35 22.51 -4.26 7.39
CA ARG A 35 21.34 -3.98 6.50
C ARG A 35 20.26 -3.21 7.28
N ARG A 36 19.46 -2.40 6.57
CA ARG A 36 18.50 -1.42 7.13
C ARG A 36 17.30 -1.21 6.18
N GLU A 37 16.14 -0.83 6.72
CA GLU A 37 14.85 -0.81 5.98
C GLU A 37 13.76 0.08 6.64
N PHE A 38 12.76 0.51 5.84
CA PHE A 38 11.51 1.17 6.25
C PHE A 38 10.29 0.32 5.90
N VAL A 39 9.18 0.43 6.65
CA VAL A 39 7.98 -0.42 6.48
C VAL A 39 6.68 0.39 6.63
N MET A 40 5.68 0.11 5.79
CA MET A 40 4.38 0.82 5.74
C MET A 40 3.21 -0.18 5.80
N GLN A 41 2.11 0.16 6.50
CA GLN A 41 0.85 -0.61 6.46
C GLN A 41 -0.30 0.31 6.04
N VAL A 42 -1.13 -0.17 5.12
CA VAL A 42 -2.33 0.50 4.61
C VAL A 42 -3.56 -0.31 4.99
N LYS A 43 -4.69 0.35 5.21
CA LYS A 43 -6.01 -0.26 5.46
C LYS A 43 -7.06 0.35 4.53
N VAL A 44 -7.96 -0.48 3.98
CA VAL A 44 -8.93 -0.07 2.94
C VAL A 44 -10.40 -0.35 3.34
N GLY A 45 -10.63 -1.07 4.44
CA GLY A 45 -11.98 -1.26 5.03
C GLY A 45 -12.03 -2.33 6.11
N ASN A 46 -11.56 -3.53 5.77
CA ASN A 46 -11.45 -4.69 6.67
C ASN A 46 -10.11 -5.45 6.50
N HIS A 47 -9.27 -5.04 5.54
CA HIS A 47 -8.02 -5.72 5.16
C HIS A 47 -6.86 -4.73 4.99
N THR A 48 -5.63 -5.25 4.99
CA THR A 48 -4.39 -4.47 4.96
C THR A 48 -3.33 -5.03 4.00
N ALA A 49 -2.39 -4.17 3.58
CA ALA A 49 -1.20 -4.53 2.81
C ALA A 49 0.07 -3.95 3.47
N GLU A 50 1.24 -4.43 3.03
CA GLU A 50 2.56 -3.96 3.49
C GLU A 50 3.52 -3.79 2.30
N GLY A 51 4.51 -2.92 2.49
CA GLY A 51 5.57 -2.56 1.55
C GLY A 51 6.75 -1.88 2.24
N THR A 52 7.85 -1.68 1.51
CA THR A 52 9.14 -1.16 2.03
C THR A 52 9.72 -0.08 1.11
N GLY A 53 10.61 0.77 1.63
CA GLY A 53 11.08 1.95 0.88
C GLY A 53 12.12 2.81 1.61
N THR A 54 12.25 4.07 1.19
CA THR A 54 13.31 5.02 1.63
C THR A 54 12.77 6.29 2.32
N ASN A 55 11.49 6.63 2.11
CA ASN A 55 10.74 7.66 2.84
C ASN A 55 9.24 7.34 2.83
N LYS A 56 8.44 8.15 3.54
CA LYS A 56 6.98 8.06 3.62
C LYS A 56 6.22 8.27 2.28
N LYS A 57 6.90 8.60 1.18
CA LYS A 57 6.33 8.63 -0.19
C LYS A 57 6.87 7.50 -1.10
N VAL A 58 7.60 6.52 -0.54
CA VAL A 58 8.21 5.39 -1.29
C VAL A 58 7.84 4.02 -0.69
N ALA A 59 7.78 3.84 0.63
CA ALA A 59 7.28 2.58 1.21
C ALA A 59 5.78 2.34 0.89
N LYS A 60 5.02 3.43 0.82
CA LYS A 60 3.63 3.50 0.33
C LYS A 60 3.47 3.03 -1.12
N ARG A 61 4.45 3.34 -1.98
CA ARG A 61 4.48 3.04 -3.42
C ARG A 61 4.57 1.53 -3.69
N ASN A 62 5.41 0.82 -2.93
CA ASN A 62 5.69 -0.60 -3.14
C ASN A 62 4.60 -1.53 -2.58
N ALA A 63 3.95 -1.15 -1.49
CA ALA A 63 2.77 -1.87 -0.96
C ALA A 63 1.59 -1.98 -1.95
N ALA A 64 1.48 -1.03 -2.90
CA ALA A 64 0.37 -0.91 -3.83
C ALA A 64 0.13 -2.17 -4.69
N GLU A 65 1.20 -2.88 -5.05
CA GLU A 65 1.16 -4.15 -5.76
C GLU A 65 0.33 -5.24 -5.02
N ASN A 66 0.18 -5.13 -3.69
CA ASN A 66 -0.62 -6.01 -2.86
C ASN A 66 -2.02 -5.43 -2.56
N MET A 67 -2.22 -4.10 -2.62
CA MET A 67 -3.48 -3.43 -2.21
C MET A 67 -4.75 -3.88 -2.95
N LEU A 68 -4.64 -4.52 -4.11
CA LEU A 68 -5.80 -5.13 -4.81
C LEU A 68 -6.00 -6.60 -4.43
N GLU A 69 -4.94 -7.32 -4.11
CA GLU A 69 -4.94 -8.76 -3.77
C GLU A 69 -5.42 -9.07 -2.33
N ILE A 70 -5.73 -8.02 -1.56
CA ILE A 70 -6.11 -8.07 -0.14
C ILE A 70 -7.62 -7.89 0.08
N LEU A 71 -8.31 -7.33 -0.92
CA LEU A 71 -9.72 -6.92 -0.88
C LEU A 71 -10.56 -7.51 -2.05
N GLY A 72 -9.92 -8.29 -2.94
CA GLY A 72 -10.58 -9.12 -3.95
C GLY A 72 -10.55 -8.61 -5.40
N PHE A 73 -9.54 -7.81 -5.77
CA PHE A 73 -9.34 -7.24 -7.11
C PHE A 73 -8.09 -7.79 -7.81
N LYS A 74 -7.53 -8.89 -7.29
CA LYS A 74 -6.47 -9.72 -7.89
C LYS A 74 -6.69 -10.06 -9.38
N GLY A 1 -7.80 -1.54 -25.67
CA GLY A 1 -7.59 -1.88 -24.24
C GLY A 1 -6.62 -0.90 -23.57
N SER A 2 -6.77 -0.71 -22.26
CA SER A 2 -6.02 0.28 -21.45
C SER A 2 -5.68 -0.27 -20.05
N HIS A 3 -4.74 0.38 -19.36
CA HIS A 3 -4.27 0.04 -18.01
C HIS A 3 -3.85 1.28 -17.21
N MET A 4 -3.58 1.11 -15.92
CA MET A 4 -3.15 2.16 -14.99
C MET A 4 -2.27 1.56 -13.86
N ASN A 5 -1.49 2.39 -13.16
CA ASN A 5 -0.67 1.97 -12.01
C ASN A 5 -1.53 1.32 -10.89
N PRO A 6 -0.99 0.36 -10.11
CA PRO A 6 -1.70 -0.25 -8.97
C PRO A 6 -2.12 0.78 -7.91
N ILE A 7 -1.27 1.79 -7.69
CA ILE A 7 -1.40 2.82 -6.66
C ILE A 7 -2.56 3.77 -6.99
N SER A 8 -2.55 4.30 -8.23
CA SER A 8 -3.60 5.13 -8.85
C SER A 8 -4.86 4.30 -9.23
N ARG A 9 -4.96 3.05 -8.77
CA ARG A 9 -6.16 2.20 -8.87
C ARG A 9 -6.75 1.92 -7.50
N LEU A 10 -5.96 1.41 -6.55
CA LEU A 10 -6.37 1.22 -5.15
C LEU A 10 -6.99 2.48 -4.54
N ALA A 11 -6.29 3.62 -4.66
CA ALA A 11 -6.75 4.94 -4.20
C ALA A 11 -7.95 5.54 -4.98
N GLN A 12 -8.43 4.84 -6.01
CA GLN A 12 -9.42 5.33 -6.98
C GLN A 12 -10.69 4.46 -7.03
N ILE A 13 -10.54 3.14 -6.92
CA ILE A 13 -11.62 2.15 -6.91
C ILE A 13 -12.61 2.38 -5.76
N GLN A 14 -12.13 2.76 -4.57
CA GLN A 14 -12.97 3.11 -3.42
C GLN A 14 -14.00 4.21 -3.75
N GLN A 15 -13.61 5.19 -4.56
CA GLN A 15 -14.46 6.33 -4.90
C GLN A 15 -15.61 5.92 -5.83
N ALA A 16 -15.33 4.98 -6.74
CA ALA A 16 -16.33 4.34 -7.61
C ALA A 16 -17.32 3.42 -6.85
N LYS A 17 -16.96 2.96 -5.65
CA LYS A 17 -17.81 2.18 -4.72
C LYS A 17 -18.59 3.07 -3.74
N LYS A 18 -18.50 4.40 -3.93
CA LYS A 18 -19.04 5.46 -3.04
C LYS A 18 -18.49 5.37 -1.60
N GLU A 19 -17.23 4.96 -1.51
CA GLU A 19 -16.41 4.91 -0.29
C GLU A 19 -15.21 5.86 -0.40
N LYS A 20 -14.34 5.85 0.62
CA LYS A 20 -13.10 6.62 0.70
C LYS A 20 -11.90 5.70 0.89
N GLU A 21 -10.72 6.21 0.56
CA GLU A 21 -9.45 5.46 0.52
C GLU A 21 -9.06 4.81 1.87
N PRO A 22 -8.20 3.77 1.86
CA PRO A 22 -7.68 3.09 3.05
C PRO A 22 -7.00 3.98 4.12
N GLU A 23 -6.58 3.37 5.23
CA GLU A 23 -5.75 4.00 6.26
C GLU A 23 -4.38 3.31 6.35
N TYR A 24 -3.32 4.09 6.61
CA TYR A 24 -1.91 3.69 6.49
C TYR A 24 -1.10 3.97 7.78
N THR A 25 -0.01 3.23 7.99
CA THR A 25 0.87 3.33 9.17
C THR A 25 2.34 3.02 8.87
N LEU A 26 3.22 3.35 9.82
CA LEU A 26 4.68 3.18 9.78
C LEU A 26 5.14 2.31 10.95
N LEU A 27 5.86 1.22 10.65
CA LEU A 27 6.22 0.19 11.64
C LEU A 27 7.63 0.42 12.17
N THR A 28 8.65 0.13 11.33
CA THR A 28 10.10 0.17 11.61
C THR A 28 10.54 -0.42 12.97
N GLU A 29 9.74 -1.36 13.48
CA GLU A 29 9.96 -2.18 14.67
C GLU A 29 10.95 -3.36 14.44
N ARG A 30 11.46 -3.48 13.20
CA ARG A 30 12.24 -4.63 12.69
C ARG A 30 13.47 -4.18 11.88
N GLY A 31 14.44 -5.08 11.74
CA GLY A 31 15.71 -4.86 11.04
C GLY A 31 16.58 -6.13 11.02
N LEU A 32 17.77 -6.04 10.41
CA LEU A 32 18.70 -7.16 10.20
C LEU A 32 20.17 -6.72 10.38
N PRO A 33 21.12 -7.64 10.64
CA PRO A 33 22.55 -7.34 10.73
C PRO A 33 23.09 -6.53 9.54
N ARG A 34 23.64 -5.34 9.82
CA ARG A 34 24.18 -4.36 8.85
C ARG A 34 23.18 -4.09 7.70
N ARG A 35 21.89 -3.92 8.02
CA ARG A 35 20.81 -3.63 7.08
C ARG A 35 19.69 -2.82 7.74
N ARG A 36 19.09 -1.91 6.96
CA ARG A 36 18.10 -0.90 7.37
C ARG A 36 17.09 -0.65 6.24
N GLU A 37 15.87 -0.23 6.58
CA GLU A 37 14.74 -0.10 5.63
C GLU A 37 13.52 0.63 6.24
N PHE A 38 12.72 1.32 5.41
CA PHE A 38 11.40 1.84 5.78
C PHE A 38 10.36 0.73 5.53
N VAL A 39 9.35 0.58 6.40
CA VAL A 39 8.22 -0.34 6.16
C VAL A 39 6.89 0.30 6.57
N MET A 40 5.86 0.06 5.75
CA MET A 40 4.52 0.66 5.82
C MET A 40 3.45 -0.45 5.84
N GLN A 41 2.38 -0.31 6.65
CA GLN A 41 1.20 -1.19 6.61
C GLN A 41 -0.07 -0.38 6.36
N VAL A 42 -0.93 -0.89 5.49
CA VAL A 42 -2.26 -0.35 5.17
C VAL A 42 -3.33 -1.34 5.62
N LYS A 43 -4.54 -0.87 5.94
CA LYS A 43 -5.71 -1.70 6.24
C LYS A 43 -6.95 -1.20 5.49
N VAL A 44 -7.73 -2.13 4.93
CA VAL A 44 -8.88 -1.82 4.04
C VAL A 44 -10.21 -2.38 4.56
N GLY A 45 -10.20 -3.29 5.53
CA GLY A 45 -11.41 -3.79 6.21
C GLY A 45 -11.18 -5.06 7.03
N ASN A 46 -10.57 -6.06 6.41
CA ASN A 46 -10.20 -7.34 7.03
C ASN A 46 -8.79 -7.81 6.62
N HIS A 47 -8.12 -7.07 5.72
CA HIS A 47 -6.82 -7.43 5.13
C HIS A 47 -5.83 -6.26 5.14
N THR A 48 -4.54 -6.58 5.02
CA THR A 48 -3.40 -5.64 5.05
C THR A 48 -2.34 -5.96 3.99
N ALA A 49 -1.48 -4.98 3.72
CA ALA A 49 -0.32 -5.08 2.80
C ALA A 49 0.95 -4.49 3.43
N GLU A 50 2.11 -4.73 2.80
CA GLU A 50 3.40 -4.10 3.14
C GLU A 50 4.17 -3.71 1.87
N GLY A 51 5.07 -2.74 2.03
CA GLY A 51 5.97 -2.17 1.00
C GLY A 51 7.14 -1.41 1.64
N THR A 52 8.09 -0.97 0.80
CA THR A 52 9.38 -0.37 1.21
C THR A 52 9.68 0.92 0.44
N GLY A 53 10.56 1.76 0.98
CA GLY A 53 10.90 3.07 0.40
C GLY A 53 12.02 3.80 1.16
N THR A 54 12.19 5.09 0.88
CA THR A 54 13.28 5.93 1.45
C THR A 54 12.78 7.24 2.06
N ASN A 55 11.50 7.55 1.85
CA ASN A 55 10.75 8.65 2.48
C ASN A 55 9.25 8.36 2.45
N LYS A 56 8.47 9.14 3.20
CA LYS A 56 7.00 9.05 3.28
C LYS A 56 6.21 9.24 1.98
N LYS A 57 6.86 9.59 0.86
CA LYS A 57 6.22 9.61 -0.49
C LYS A 57 6.68 8.48 -1.43
N VAL A 58 7.40 7.47 -0.91
CA VAL A 58 7.98 6.36 -1.71
C VAL A 58 7.64 4.97 -1.14
N ALA A 59 7.39 4.82 0.17
CA ALA A 59 6.96 3.53 0.72
C ALA A 59 5.56 3.08 0.23
N LYS A 60 4.61 4.01 0.17
CA LYS A 60 3.26 3.81 -0.39
C LYS A 60 3.26 3.47 -1.89
N ARG A 61 4.27 3.93 -2.62
CA ARG A 61 4.52 3.70 -4.06
C ARG A 61 4.80 2.21 -4.39
N ASN A 62 5.23 1.42 -3.40
CA ASN A 62 5.63 0.03 -3.59
C ASN A 62 4.66 -0.97 -2.93
N ALA A 63 4.09 -0.64 -1.77
CA ALA A 63 3.08 -1.46 -1.09
C ALA A 63 1.83 -1.75 -1.95
N ALA A 64 1.48 -0.84 -2.86
CA ALA A 64 0.28 -0.91 -3.71
C ALA A 64 0.12 -2.20 -4.53
N GLU A 65 1.25 -2.78 -4.99
CA GLU A 65 1.32 -4.08 -5.67
C GLU A 65 0.74 -5.26 -4.85
N ASN A 66 0.59 -5.06 -3.53
CA ASN A 66 0.13 -6.02 -2.55
C ASN A 66 -1.21 -5.55 -1.91
N MET A 67 -1.85 -4.49 -2.42
CA MET A 67 -3.14 -3.99 -1.93
C MET A 67 -4.34 -4.39 -2.81
N LEU A 68 -4.11 -4.95 -3.99
CA LEU A 68 -5.18 -5.36 -4.93
C LEU A 68 -5.44 -6.87 -4.88
N GLU A 69 -4.40 -7.68 -4.70
CA GLU A 69 -4.51 -9.15 -4.67
C GLU A 69 -4.92 -9.71 -3.28
N ILE A 70 -5.04 -8.85 -2.27
CA ILE A 70 -5.31 -9.21 -0.86
C ILE A 70 -6.81 -9.12 -0.49
N LEU A 71 -7.57 -8.33 -1.25
CA LEU A 71 -8.97 -7.97 -0.98
C LEU A 71 -9.90 -8.23 -2.19
N GLY A 72 -9.34 -8.74 -3.30
CA GLY A 72 -10.08 -9.25 -4.46
C GLY A 72 -10.35 -8.24 -5.57
N PHE A 73 -9.51 -7.20 -5.70
CA PHE A 73 -9.59 -6.22 -6.81
C PHE A 73 -8.81 -6.70 -8.05
N LYS A 74 -8.00 -7.77 -7.90
CA LYS A 74 -7.19 -8.43 -8.93
C LYS A 74 -7.15 -9.94 -8.73
N GLY A 1 2.59 5.09 -18.15
CA GLY A 1 2.55 3.74 -17.56
C GLY A 1 1.56 2.84 -18.28
N SER A 2 1.16 1.74 -17.64
CA SER A 2 0.24 0.71 -18.18
C SER A 2 -0.70 0.19 -17.10
N HIS A 3 -1.84 -0.40 -17.48
CA HIS A 3 -2.92 -0.87 -16.58
C HIS A 3 -3.39 0.20 -15.54
N MET A 4 -3.27 1.48 -15.92
CA MET A 4 -3.44 2.66 -15.04
C MET A 4 -2.62 2.62 -13.74
N ASN A 5 -1.53 1.84 -13.71
CA ASN A 5 -0.71 1.46 -12.55
C ASN A 5 -1.52 0.70 -11.46
N PRO A 6 -0.88 -0.09 -10.58
CA PRO A 6 -1.57 -0.65 -9.39
C PRO A 6 -2.00 0.42 -8.37
N ILE A 7 -1.42 1.62 -8.48
CA ILE A 7 -1.47 2.70 -7.50
C ILE A 7 -2.64 3.67 -7.75
N SER A 8 -2.69 4.28 -8.94
CA SER A 8 -3.78 5.14 -9.41
C SER A 8 -5.06 4.36 -9.79
N ARG A 9 -5.12 3.05 -9.50
CA ARG A 9 -6.28 2.16 -9.71
C ARG A 9 -6.99 1.86 -8.39
N LEU A 10 -6.25 1.49 -7.33
CA LEU A 10 -6.80 1.32 -5.97
C LEU A 10 -7.40 2.63 -5.44
N ALA A 11 -6.68 3.75 -5.62
CA ALA A 11 -7.10 5.12 -5.29
C ALA A 11 -8.31 5.65 -6.09
N GLN A 12 -8.88 4.82 -6.96
CA GLN A 12 -9.90 5.16 -7.97
C GLN A 12 -11.16 4.28 -7.92
N ILE A 13 -11.17 3.31 -7.00
CA ILE A 13 -12.29 2.38 -6.75
C ILE A 13 -13.14 2.80 -5.53
N GLN A 14 -12.54 3.28 -4.43
CA GLN A 14 -13.28 3.55 -3.18
C GLN A 14 -14.49 4.48 -3.35
N GLN A 15 -14.38 5.52 -4.19
CA GLN A 15 -15.44 6.52 -4.35
C GLN A 15 -16.61 6.02 -5.20
N ALA A 16 -16.33 5.11 -6.13
CA ALA A 16 -17.31 4.39 -6.94
C ALA A 16 -18.20 3.41 -6.13
N LYS A 17 -17.85 3.19 -4.85
CA LYS A 17 -18.57 2.37 -3.86
C LYS A 17 -19.19 3.25 -2.76
N LYS A 18 -18.97 4.57 -2.87
CA LYS A 18 -19.24 5.61 -1.85
C LYS A 18 -18.66 5.27 -0.48
N GLU A 19 -17.53 4.58 -0.49
CA GLU A 19 -16.66 4.34 0.67
C GLU A 19 -15.68 5.52 0.82
N LYS A 20 -14.77 5.42 1.79
CA LYS A 20 -13.70 6.40 2.03
C LYS A 20 -12.32 5.79 1.73
N GLU A 21 -11.35 6.68 1.53
CA GLU A 21 -9.96 6.37 1.21
C GLU A 21 -9.28 5.44 2.25
N PRO A 22 -8.25 4.66 1.85
CA PRO A 22 -7.49 3.81 2.77
C PRO A 22 -6.62 4.65 3.75
N GLU A 23 -6.01 3.99 4.72
CA GLU A 23 -5.15 4.61 5.74
C GLU A 23 -3.81 3.87 5.86
N TYR A 24 -2.71 4.63 6.01
CA TYR A 24 -1.32 4.13 5.92
C TYR A 24 -0.56 4.34 7.23
N THR A 25 0.44 3.48 7.48
CA THR A 25 1.23 3.34 8.71
C THR A 25 2.68 2.98 8.36
N LEU A 26 3.64 3.30 9.24
CA LEU A 26 5.06 3.04 9.08
C LEU A 26 5.53 2.08 10.19
N LEU A 27 6.04 0.90 9.80
CA LEU A 27 6.38 -0.20 10.70
C LEU A 27 7.82 -0.08 11.26
N THR A 28 8.79 -0.49 10.43
CA THR A 28 10.23 -0.61 10.69
C THR A 28 10.62 -1.22 12.04
N GLU A 29 9.79 -2.15 12.54
CA GLU A 29 10.03 -2.92 13.78
C GLU A 29 11.15 -3.97 13.65
N ARG A 30 11.72 -4.16 12.44
CA ARG A 30 12.81 -5.10 12.14
C ARG A 30 14.04 -4.87 13.04
N GLY A 31 14.43 -3.60 13.22
CA GLY A 31 15.42 -3.14 14.20
C GLY A 31 16.80 -3.84 14.19
N LEU A 32 17.24 -4.38 13.04
CA LEU A 32 18.50 -5.12 12.92
C LEU A 32 19.73 -4.22 13.10
N PRO A 33 20.85 -4.75 13.63
CA PRO A 33 22.04 -3.95 13.97
C PRO A 33 22.90 -3.55 12.77
N ARG A 34 22.72 -4.19 11.60
CA ARG A 34 23.49 -3.94 10.35
C ARG A 34 22.64 -4.11 9.08
N ARG A 35 21.32 -3.84 9.17
CA ARG A 35 20.36 -3.82 8.05
C ARG A 35 19.14 -2.94 8.34
N ARG A 36 18.80 -2.02 7.43
CA ARG A 36 17.68 -1.05 7.55
C ARG A 36 17.04 -0.77 6.18
N GLU A 37 15.76 -0.36 6.20
CA GLU A 37 14.93 0.09 5.07
C GLU A 37 13.60 0.67 5.57
N PHE A 38 12.85 1.41 4.73
CA PHE A 38 11.47 1.80 5.02
C PHE A 38 10.57 0.57 4.90
N VAL A 39 9.56 0.42 5.76
CA VAL A 39 8.50 -0.58 5.60
C VAL A 39 7.14 0.02 5.98
N MET A 40 6.17 -0.12 5.08
CA MET A 40 4.85 0.52 5.14
C MET A 40 3.75 -0.54 5.36
N GLN A 41 2.66 -0.18 6.02
CA GLN A 41 1.44 -0.99 6.15
C GLN A 41 0.20 -0.12 5.90
N VAL A 42 -0.71 -0.60 5.06
CA VAL A 42 -1.98 0.06 4.72
C VAL A 42 -3.14 -0.84 5.11
N LYS A 43 -4.32 -0.26 5.38
CA LYS A 43 -5.59 -0.98 5.59
C LYS A 43 -6.68 -0.40 4.69
N VAL A 44 -7.50 -1.29 4.11
CA VAL A 44 -8.51 -0.94 3.08
C VAL A 44 -9.95 -1.29 3.53
N GLY A 45 -10.11 -2.09 4.60
CA GLY A 45 -11.41 -2.36 5.23
C GLY A 45 -11.35 -3.47 6.29
N ASN A 46 -10.82 -4.63 5.90
CA ASN A 46 -10.63 -5.80 6.76
C ASN A 46 -9.25 -6.49 6.52
N HIS A 47 -8.45 -5.97 5.58
CA HIS A 47 -7.19 -6.56 5.11
C HIS A 47 -6.09 -5.50 4.94
N THR A 48 -4.84 -5.95 4.91
CA THR A 48 -3.63 -5.10 4.86
C THR A 48 -2.59 -5.61 3.85
N ALA A 49 -1.65 -4.73 3.48
CA ALA A 49 -0.49 -5.01 2.62
C ALA A 49 0.82 -4.49 3.24
N GLU A 50 1.95 -4.88 2.66
CA GLU A 50 3.29 -4.35 2.96
C GLU A 50 4.04 -3.98 1.67
N GLY A 51 4.99 -3.05 1.80
CA GLY A 51 5.93 -2.61 0.77
C GLY A 51 7.08 -1.79 1.39
N THR A 52 8.11 -1.49 0.60
CA THR A 52 9.36 -0.84 1.02
C THR A 52 9.74 0.33 0.11
N GLY A 53 10.67 1.19 0.54
CA GLY A 53 11.03 2.41 -0.18
C GLY A 53 12.12 3.24 0.49
N THR A 54 12.21 4.53 0.13
CA THR A 54 13.23 5.48 0.60
C THR A 54 12.66 6.77 1.20
N ASN A 55 11.37 7.06 0.96
CA ASN A 55 10.61 8.11 1.63
C ASN A 55 9.10 7.82 1.63
N LYS A 56 8.35 8.63 2.39
CA LYS A 56 6.88 8.60 2.49
C LYS A 56 6.09 8.85 1.19
N LYS A 57 6.75 9.19 0.07
CA LYS A 57 6.12 9.26 -1.28
C LYS A 57 6.63 8.17 -2.24
N VAL A 58 7.32 7.15 -1.72
CA VAL A 58 7.91 6.04 -2.50
C VAL A 58 7.55 4.67 -1.94
N ALA A 59 7.39 4.48 -0.63
CA ALA A 59 7.08 3.15 -0.07
C ALA A 59 5.71 2.60 -0.50
N LYS A 60 4.71 3.48 -0.64
CA LYS A 60 3.37 3.16 -1.15
C LYS A 60 3.37 2.66 -2.60
N ARG A 61 4.35 3.09 -3.42
CA ARG A 61 4.54 2.69 -4.82
C ARG A 61 4.73 1.18 -4.98
N ASN A 62 5.48 0.59 -4.05
CA ASN A 62 5.80 -0.84 -4.03
C ASN A 62 4.71 -1.66 -3.33
N ALA A 63 4.19 -1.19 -2.18
CA ALA A 63 3.06 -1.81 -1.49
C ALA A 63 1.81 -1.96 -2.37
N ALA A 64 1.54 -0.98 -3.24
CA ALA A 64 0.38 -0.93 -4.14
C ALA A 64 0.18 -2.19 -5.02
N GLU A 65 1.28 -2.86 -5.40
CA GLU A 65 1.23 -4.13 -6.14
C GLU A 65 0.49 -5.25 -5.38
N ASN A 66 0.45 -5.16 -4.04
CA ASN A 66 -0.28 -6.07 -3.15
C ASN A 66 -1.67 -5.53 -2.79
N MET A 67 -1.87 -4.20 -2.72
CA MET A 67 -3.13 -3.53 -2.31
C MET A 67 -4.39 -3.85 -3.14
N LEU A 68 -4.29 -4.69 -4.19
CA LEU A 68 -5.43 -5.17 -4.99
C LEU A 68 -5.69 -6.67 -4.78
N GLU A 69 -4.65 -7.46 -4.50
CA GLU A 69 -4.76 -8.90 -4.26
C GLU A 69 -5.13 -9.25 -2.81
N ILE A 70 -5.14 -8.27 -1.89
CA ILE A 70 -5.42 -8.48 -0.46
C ILE A 70 -6.92 -8.50 -0.15
N LEU A 71 -7.73 -7.94 -1.06
CA LEU A 71 -9.17 -7.76 -0.90
C LEU A 71 -9.99 -8.14 -2.16
N GLY A 72 -9.33 -8.54 -3.25
CA GLY A 72 -9.96 -9.06 -4.47
C GLY A 72 -10.34 -8.02 -5.52
N PHE A 73 -9.63 -6.88 -5.56
CA PHE A 73 -9.87 -5.77 -6.50
C PHE A 73 -9.04 -5.85 -7.79
N LYS A 74 -8.18 -6.88 -7.93
CA LYS A 74 -7.33 -7.17 -9.10
C LYS A 74 -8.09 -7.09 -10.44
N GLY A 1 -3.22 -4.29 -17.40
CA GLY A 1 -3.22 -2.81 -17.46
C GLY A 1 -1.96 -2.28 -18.14
N SER A 2 -2.10 -1.23 -18.96
CA SER A 2 -1.02 -0.65 -19.78
C SER A 2 -1.00 0.89 -19.81
N HIS A 3 -1.89 1.54 -19.03
CA HIS A 3 -2.17 2.99 -19.06
C HIS A 3 -2.30 3.62 -17.65
N MET A 4 -2.16 2.81 -16.59
CA MET A 4 -2.37 3.20 -15.19
C MET A 4 -1.49 2.34 -14.26
N ASN A 5 -1.35 2.75 -13.00
CA ASN A 5 -0.48 2.14 -11.98
C ASN A 5 -1.27 1.49 -10.83
N PRO A 6 -0.70 0.55 -10.06
CA PRO A 6 -1.39 -0.15 -8.95
C PRO A 6 -1.85 0.76 -7.80
N ILE A 7 -1.52 2.04 -7.83
CA ILE A 7 -1.65 2.98 -6.72
C ILE A 7 -2.89 3.89 -6.91
N SER A 8 -2.93 4.63 -8.02
CA SER A 8 -4.09 5.38 -8.46
C SER A 8 -5.26 4.44 -8.75
N ARG A 9 -5.02 3.28 -9.39
CA ARG A 9 -6.04 2.28 -9.69
C ARG A 9 -6.77 1.78 -8.44
N LEU A 10 -6.04 1.52 -7.35
CA LEU A 10 -6.62 1.16 -6.04
C LEU A 10 -7.52 2.27 -5.48
N ALA A 11 -7.02 3.50 -5.39
CA ALA A 11 -7.78 4.65 -4.89
C ALA A 11 -9.06 4.92 -5.71
N GLN A 12 -8.99 4.73 -7.03
CA GLN A 12 -10.06 5.02 -7.98
C GLN A 12 -11.27 4.06 -7.87
N ILE A 13 -11.02 2.80 -7.49
CA ILE A 13 -12.06 1.76 -7.32
C ILE A 13 -12.96 2.02 -6.11
N GLN A 14 -12.44 2.47 -4.95
CA GLN A 14 -13.27 2.72 -3.75
C GLN A 14 -14.40 3.73 -4.02
N GLN A 15 -14.16 4.68 -4.92
CA GLN A 15 -15.12 5.71 -5.32
C GLN A 15 -16.24 5.14 -6.21
N ALA A 16 -15.89 4.21 -7.11
CA ALA A 16 -16.80 3.56 -8.05
C ALA A 16 -17.85 2.64 -7.39
N LYS A 17 -17.58 2.16 -6.17
CA LYS A 17 -18.47 1.30 -5.35
C LYS A 17 -19.14 2.07 -4.20
N LYS A 18 -19.09 3.41 -4.26
CA LYS A 18 -19.61 4.39 -3.27
C LYS A 18 -19.07 4.19 -1.84
N GLU A 19 -17.91 3.55 -1.71
CA GLU A 19 -17.13 3.45 -0.48
C GLU A 19 -16.25 4.70 -0.28
N LYS A 20 -15.47 4.72 0.82
CA LYS A 20 -14.55 5.82 1.17
C LYS A 20 -13.09 5.46 0.88
N GLU A 21 -12.27 6.49 0.71
CA GLU A 21 -10.83 6.44 0.42
C GLU A 21 -10.01 5.58 1.41
N PRO A 22 -8.85 5.02 1.00
CA PRO A 22 -7.92 4.32 1.89
C PRO A 22 -7.25 5.27 2.90
N GLU A 23 -6.57 4.70 3.91
CA GLU A 23 -5.84 5.44 4.95
C GLU A 23 -4.47 4.80 5.23
N TYR A 24 -3.42 5.61 5.40
CA TYR A 24 -2.01 5.20 5.44
C TYR A 24 -1.32 5.56 6.77
N THR A 25 -0.33 4.75 7.18
CA THR A 25 0.33 4.73 8.49
C THR A 25 1.79 4.25 8.37
N LEU A 26 2.63 4.49 9.39
CA LEU A 26 4.03 4.07 9.47
C LEU A 26 4.26 3.09 10.65
N LEU A 27 5.13 2.08 10.44
CA LEU A 27 5.40 1.02 11.43
C LEU A 27 6.80 1.14 12.07
N THR A 28 7.85 0.84 11.30
CA THR A 28 9.28 0.99 11.62
C THR A 28 9.67 0.55 13.04
N GLU A 29 9.27 -0.69 13.37
CA GLU A 29 9.52 -1.36 14.65
C GLU A 29 10.42 -2.60 14.47
N ARG A 30 11.41 -2.50 13.58
CA ARG A 30 12.27 -3.58 13.07
C ARG A 30 13.76 -3.23 13.02
N GLY A 31 14.60 -4.23 12.81
CA GLY A 31 16.04 -4.12 12.56
C GLY A 31 16.69 -5.48 12.25
N LEU A 32 17.84 -5.47 11.58
CA LEU A 32 18.53 -6.67 11.07
C LEU A 32 20.07 -6.50 11.10
N PRO A 33 20.85 -7.60 11.07
CA PRO A 33 22.31 -7.56 11.12
C PRO A 33 22.89 -7.04 9.78
N ARG A 34 23.57 -5.88 9.83
CA ARG A 34 24.10 -5.11 8.68
C ARG A 34 23.05 -4.92 7.58
N ARG A 35 21.83 -4.56 8.00
CA ARG A 35 20.68 -4.26 7.13
C ARG A 35 19.67 -3.34 7.82
N ARG A 36 19.09 -2.41 7.06
CA ARG A 36 18.12 -1.39 7.51
C ARG A 36 17.09 -1.14 6.39
N GLU A 37 15.88 -0.72 6.77
CA GLU A 37 14.74 -0.56 5.84
C GLU A 37 13.59 0.28 6.43
N PHE A 38 12.98 1.17 5.65
CA PHE A 38 11.73 1.85 6.01
C PHE A 38 10.52 0.94 5.69
N VAL A 39 9.34 1.27 6.23
CA VAL A 39 8.09 0.51 6.00
C VAL A 39 6.92 1.47 5.74
N MET A 40 5.76 0.95 5.33
CA MET A 40 4.48 1.67 5.24
C MET A 40 3.33 0.66 5.35
N GLN A 41 2.24 1.02 6.04
CA GLN A 41 1.01 0.23 6.15
C GLN A 41 -0.21 1.05 5.74
N VAL A 42 -1.09 0.48 4.93
CA VAL A 42 -2.38 1.06 4.52
C VAL A 42 -3.51 0.14 4.96
N LYS A 43 -4.73 0.67 5.11
CA LYS A 43 -5.97 -0.08 5.32
C LYS A 43 -7.05 0.39 4.33
N VAL A 44 -7.83 -0.56 3.81
CA VAL A 44 -8.83 -0.32 2.74
C VAL A 44 -10.25 -0.73 3.14
N GLY A 45 -10.42 -1.46 4.26
CA GLY A 45 -11.72 -1.77 4.85
C GLY A 45 -11.67 -2.83 5.96
N ASN A 46 -11.06 -3.97 5.64
CA ASN A 46 -10.83 -5.09 6.56
C ASN A 46 -9.41 -5.72 6.41
N HIS A 47 -8.61 -5.21 5.47
CA HIS A 47 -7.30 -5.76 5.09
C HIS A 47 -6.24 -4.66 4.93
N THR A 48 -4.97 -5.05 4.98
CA THR A 48 -3.80 -4.15 4.97
C THR A 48 -2.68 -4.64 4.02
N ALA A 49 -1.77 -3.73 3.66
CA ALA A 49 -0.60 -4.00 2.81
C ALA A 49 0.72 -3.55 3.47
N GLU A 50 1.85 -3.92 2.87
CA GLU A 50 3.20 -3.52 3.29
C GLU A 50 4.07 -3.21 2.05
N GLY A 51 5.04 -2.29 2.22
CA GLY A 51 6.03 -1.85 1.24
C GLY A 51 7.25 -1.23 1.92
N THR A 52 8.27 -0.87 1.14
CA THR A 52 9.56 -0.33 1.62
C THR A 52 9.99 0.89 0.80
N GLY A 53 10.94 1.70 1.30
CA GLY A 53 11.35 2.94 0.65
C GLY A 53 12.43 3.70 1.42
N THR A 54 12.66 4.96 1.04
CA THR A 54 13.73 5.83 1.61
C THR A 54 13.20 7.14 2.25
N ASN A 55 11.95 7.53 1.94
CA ASN A 55 11.22 8.61 2.61
C ASN A 55 9.70 8.36 2.59
N LYS A 56 8.97 9.20 3.33
CA LYS A 56 7.49 9.20 3.40
C LYS A 56 6.75 9.48 2.09
N LYS A 57 7.43 9.85 0.99
CA LYS A 57 6.84 9.98 -0.36
C LYS A 57 7.23 8.84 -1.30
N VAL A 58 7.88 7.77 -0.80
CA VAL A 58 8.36 6.61 -1.58
C VAL A 58 7.91 5.27 -1.01
N ALA A 59 7.93 5.06 0.31
CA ALA A 59 7.47 3.78 0.88
C ALA A 59 5.97 3.49 0.63
N LYS A 60 5.17 4.55 0.49
CA LYS A 60 3.75 4.49 0.09
C LYS A 60 3.55 3.89 -1.31
N ARG A 61 4.48 4.11 -2.26
CA ARG A 61 4.32 3.67 -3.66
C ARG A 61 4.66 2.20 -3.89
N ASN A 62 5.64 1.64 -3.17
CA ASN A 62 6.04 0.24 -3.34
C ASN A 62 5.04 -0.75 -2.70
N ALA A 63 4.35 -0.35 -1.62
CA ALA A 63 3.26 -1.11 -1.03
C ALA A 63 2.08 -1.38 -1.99
N ALA A 64 1.88 -0.54 -3.00
CA ALA A 64 0.73 -0.58 -3.92
C ALA A 64 0.53 -1.92 -4.62
N GLU A 65 1.63 -2.58 -5.00
CA GLU A 65 1.71 -3.95 -5.52
C GLU A 65 1.02 -5.01 -4.63
N ASN A 66 0.78 -4.70 -3.35
CA ASN A 66 0.19 -5.53 -2.32
C ASN A 66 -1.12 -4.92 -1.79
N MET A 67 -1.66 -3.87 -2.43
CA MET A 67 -2.97 -3.26 -2.09
C MET A 67 -4.10 -3.72 -3.03
N LEU A 68 -3.87 -4.73 -3.87
CA LEU A 68 -4.84 -5.25 -4.84
C LEU A 68 -5.11 -6.75 -4.67
N GLU A 69 -4.09 -7.52 -4.26
CA GLU A 69 -4.23 -8.96 -3.97
C GLU A 69 -4.74 -9.27 -2.54
N ILE A 70 -5.02 -8.23 -1.73
CA ILE A 70 -5.34 -8.36 -0.30
C ILE A 70 -6.85 -8.27 0.01
N LEU A 71 -7.62 -7.69 -0.92
CA LEU A 71 -9.05 -7.39 -0.79
C LEU A 71 -9.89 -7.87 -1.99
N GLY A 72 -9.25 -8.47 -3.00
CA GLY A 72 -9.91 -9.06 -4.18
C GLY A 72 -10.05 -8.13 -5.38
N PHE A 73 -9.17 -7.12 -5.53
CA PHE A 73 -9.19 -6.19 -6.67
C PHE A 73 -8.29 -6.66 -7.84
N LYS A 74 -7.46 -7.69 -7.60
CA LYS A 74 -6.56 -8.34 -8.57
C LYS A 74 -7.22 -8.71 -9.91
#